data_7DPX
# 
_entry.id   7DPX 
# 
_audit_conform.dict_name       mmcif_pdbx.dic 
_audit_conform.dict_version    5.397 
_audit_conform.dict_location   http://mmcif.pdb.org/dictionaries/ascii/mmcif_pdbx.dic 
# 
loop_
_database_2.database_id 
_database_2.database_code 
_database_2.pdbx_database_accession 
_database_2.pdbx_DOI 
PDB   7DPX         pdb_00007dpx 10.2210/pdb7dpx/pdb 
WWPDB D_1300019938 ?            ?                   
# 
loop_
_pdbx_audit_revision_history.ordinal 
_pdbx_audit_revision_history.data_content_type 
_pdbx_audit_revision_history.major_revision 
_pdbx_audit_revision_history.minor_revision 
_pdbx_audit_revision_history.revision_date 
1 'Structure model' 1 0 2021-07-28 
2 'Structure model' 1 1 2021-08-18 
3 'Structure model' 1 2 2023-11-29 
4 'Structure model' 1 3 2024-10-23 
# 
_pdbx_audit_revision_details.ordinal             1 
_pdbx_audit_revision_details.revision_ordinal    1 
_pdbx_audit_revision_details.data_content_type   'Structure model' 
_pdbx_audit_revision_details.provider            repository 
_pdbx_audit_revision_details.type                'Initial release' 
_pdbx_audit_revision_details.description         ? 
_pdbx_audit_revision_details.details             ? 
# 
loop_
_pdbx_audit_revision_group.ordinal 
_pdbx_audit_revision_group.revision_ordinal 
_pdbx_audit_revision_group.data_content_type 
_pdbx_audit_revision_group.group 
1 2 'Structure model' 'Database references'    
2 3 'Structure model' 'Data collection'        
3 3 'Structure model' 'Refinement description' 
4 4 'Structure model' 'Structure summary'      
# 
loop_
_pdbx_audit_revision_category.ordinal 
_pdbx_audit_revision_category.revision_ordinal 
_pdbx_audit_revision_category.data_content_type 
_pdbx_audit_revision_category.category 
1 2 'Structure model' citation                      
2 2 'Structure model' database_2                    
3 3 'Structure model' chem_comp_atom                
4 3 'Structure model' chem_comp_bond                
5 3 'Structure model' pdbx_initial_refinement_model 
6 4 'Structure model' pdbx_entry_details            
7 4 'Structure model' pdbx_modification_feature     
# 
loop_
_pdbx_audit_revision_item.ordinal 
_pdbx_audit_revision_item.revision_ordinal 
_pdbx_audit_revision_item.data_content_type 
_pdbx_audit_revision_item.item 
1 2 'Structure model' '_citation.journal_volume'                     
2 2 'Structure model' '_database_2.pdbx_DOI'                         
3 2 'Structure model' '_database_2.pdbx_database_accession'          
4 4 'Structure model' '_pdbx_entry_details.has_protein_modification' 
# 
_pdbx_database_status.status_code                     REL 
_pdbx_database_status.status_code_sf                  REL 
_pdbx_database_status.status_code_mr                  ? 
_pdbx_database_status.entry_id                        7DPX 
_pdbx_database_status.recvd_initial_deposition_date   2020-12-21 
_pdbx_database_status.SG_entry                        N 
_pdbx_database_status.deposit_site                    PDBJ 
_pdbx_database_status.process_site                    PDBJ 
_pdbx_database_status.status_code_cs                  ? 
_pdbx_database_status.status_code_nmr_data            ? 
_pdbx_database_status.methods_development_category    ? 
_pdbx_database_status.pdb_format_compatible           Y 
# 
loop_
_audit_author.name 
_audit_author.pdbx_ordinal 
_audit_author.identifier_ORCID 
'Cheng, C.' 1 0000-0002-8992-2380 
'He, Y.'    2 0000-0002-2419-2858 
# 
_citation.abstract                  ? 
_citation.abstract_id_CAS           ? 
_citation.book_id_ISBN              ? 
_citation.book_publisher            ? 
_citation.book_publisher_city       ? 
_citation.book_title                ? 
_citation.coordinate_linkage        ? 
_citation.country                   US 
_citation.database_id_Medline       ? 
_citation.details                   ? 
_citation.id                        primary 
_citation.journal_abbrev            J.Biol.Chem. 
_citation.journal_id_ASTM           JBCHA3 
_citation.journal_id_CSD            0071 
_citation.journal_id_ISSN           1083-351X 
_citation.journal_full              ? 
_citation.journal_issue             ? 
_citation.journal_volume            297 
_citation.language                  ? 
_citation.page_first                100948 
_citation.page_last                 100948 
_citation.title                     'Recognition of lipoproteins by scavenger receptor class A members.' 
_citation.year                      2021 
_citation.database_id_CSD           ? 
_citation.pdbx_database_id_DOI      10.1016/j.jbc.2021.100948 
_citation.pdbx_database_id_PubMed   34252459 
_citation.unpublished_flag          ? 
# 
loop_
_citation_author.citation_id 
_citation_author.name 
_citation_author.ordinal 
_citation_author.identifier_ORCID 
primary 'Cheng, C.' 1 ? 
primary 'Zheng, E.' 2 ? 
primary 'Yu, B.'    3 ? 
primary 'Zhang, Z.' 4 ? 
primary 'Wang, Y.'  5 ? 
primary 'Liu, Y.'   6 ? 
primary 'He, Y.'    7 ? 
# 
loop_
_entity.id 
_entity.type 
_entity.src_method 
_entity.pdbx_description 
_entity.formula_weight 
_entity.pdbx_number_of_molecules 
_entity.pdbx_ec 
_entity.pdbx_mutation 
_entity.pdbx_fragment 
_entity.details 
1 polymer     man 'Macrophage scavenger receptor types I and II' 12437.962 1   ? ? 'SRCR domain' ? 
2 non-polymer syn 'CALCIUM ION'                                  40.078    1   ? ? ?             ? 
3 water       nat water                                          18.015    113 ? ? ?             ? 
# 
_entity_name_com.entity_id   1 
_entity_name_com.name        'Macrophage acetylated LDL receptor I and II,Scavenger receptor class A member 1' 
# 
_entity_poly.entity_id                      1 
_entity_poly.type                           'polypeptide(L)' 
_entity_poly.nstd_linkage                   no 
_entity_poly.nstd_monomer                   no 
_entity_poly.pdbx_seq_one_letter_code       
;HHHHHHGSGLKVRLVGGSGPHEGRVEILHSGQWGTICDDRWEVRVGQVVCRSLGYPGVQAVHKAAHFGQGTGPIWLNEVF
CFGRESSIEECKIRQWGTRACSHSEDAGVTCTL
;
_entity_poly.pdbx_seq_one_letter_code_can   
;HHHHHHGSGLKVRLVGGSGPHEGRVEILHSGQWGTICDDRWEVRVGQVVCRSLGYPGVQAVHKAAHFGQGTGPIWLNEVF
CFGRESSIEECKIRQWGTRACSHSEDAGVTCTL
;
_entity_poly.pdbx_strand_id                 A 
_entity_poly.pdbx_target_identifier         ? 
# 
loop_
_pdbx_entity_nonpoly.entity_id 
_pdbx_entity_nonpoly.name 
_pdbx_entity_nonpoly.comp_id 
2 'CALCIUM ION' CA  
3 water         HOH 
# 
loop_
_entity_poly_seq.entity_id 
_entity_poly_seq.num 
_entity_poly_seq.mon_id 
_entity_poly_seq.hetero 
1 1   HIS n 
1 2   HIS n 
1 3   HIS n 
1 4   HIS n 
1 5   HIS n 
1 6   HIS n 
1 7   GLY n 
1 8   SER n 
1 9   GLY n 
1 10  LEU n 
1 11  LYS n 
1 12  VAL n 
1 13  ARG n 
1 14  LEU n 
1 15  VAL n 
1 16  GLY n 
1 17  GLY n 
1 18  SER n 
1 19  GLY n 
1 20  PRO n 
1 21  HIS n 
1 22  GLU n 
1 23  GLY n 
1 24  ARG n 
1 25  VAL n 
1 26  GLU n 
1 27  ILE n 
1 28  LEU n 
1 29  HIS n 
1 30  SER n 
1 31  GLY n 
1 32  GLN n 
1 33  TRP n 
1 34  GLY n 
1 35  THR n 
1 36  ILE n 
1 37  CYS n 
1 38  ASP n 
1 39  ASP n 
1 40  ARG n 
1 41  TRP n 
1 42  GLU n 
1 43  VAL n 
1 44  ARG n 
1 45  VAL n 
1 46  GLY n 
1 47  GLN n 
1 48  VAL n 
1 49  VAL n 
1 50  CYS n 
1 51  ARG n 
1 52  SER n 
1 53  LEU n 
1 54  GLY n 
1 55  TYR n 
1 56  PRO n 
1 57  GLY n 
1 58  VAL n 
1 59  GLN n 
1 60  ALA n 
1 61  VAL n 
1 62  HIS n 
1 63  LYS n 
1 64  ALA n 
1 65  ALA n 
1 66  HIS n 
1 67  PHE n 
1 68  GLY n 
1 69  GLN n 
1 70  GLY n 
1 71  THR n 
1 72  GLY n 
1 73  PRO n 
1 74  ILE n 
1 75  TRP n 
1 76  LEU n 
1 77  ASN n 
1 78  GLU n 
1 79  VAL n 
1 80  PHE n 
1 81  CYS n 
1 82  PHE n 
1 83  GLY n 
1 84  ARG n 
1 85  GLU n 
1 86  SER n 
1 87  SER n 
1 88  ILE n 
1 89  GLU n 
1 90  GLU n 
1 91  CYS n 
1 92  LYS n 
1 93  ILE n 
1 94  ARG n 
1 95  GLN n 
1 96  TRP n 
1 97  GLY n 
1 98  THR n 
1 99  ARG n 
1 100 ALA n 
1 101 CYS n 
1 102 SER n 
1 103 HIS n 
1 104 SER n 
1 105 GLU n 
1 106 ASP n 
1 107 ALA n 
1 108 GLY n 
1 109 VAL n 
1 110 THR n 
1 111 CYS n 
1 112 THR n 
1 113 LEU n 
# 
_entity_src_gen.entity_id                          1 
_entity_src_gen.pdbx_src_id                        1 
_entity_src_gen.pdbx_alt_source_flag               sample 
_entity_src_gen.pdbx_seq_type                      'Biological sequence' 
_entity_src_gen.pdbx_beg_seq_num                   1 
_entity_src_gen.pdbx_end_seq_num                   113 
_entity_src_gen.gene_src_common_name               Human 
_entity_src_gen.gene_src_genus                     ? 
_entity_src_gen.pdbx_gene_src_gene                 'MSR1, SCARA1' 
_entity_src_gen.gene_src_species                   ? 
_entity_src_gen.gene_src_strain                    ? 
_entity_src_gen.gene_src_tissue                    ? 
_entity_src_gen.gene_src_tissue_fraction           ? 
_entity_src_gen.gene_src_details                   ? 
_entity_src_gen.pdbx_gene_src_fragment             ? 
_entity_src_gen.pdbx_gene_src_scientific_name      'Homo sapiens' 
_entity_src_gen.pdbx_gene_src_ncbi_taxonomy_id     9606 
_entity_src_gen.pdbx_gene_src_variant              ? 
_entity_src_gen.pdbx_gene_src_cell_line            ? 
_entity_src_gen.pdbx_gene_src_atcc                 ? 
_entity_src_gen.pdbx_gene_src_organ                ? 
_entity_src_gen.pdbx_gene_src_organelle            ? 
_entity_src_gen.pdbx_gene_src_cell                 ? 
_entity_src_gen.pdbx_gene_src_cellular_location    ? 
_entity_src_gen.host_org_common_name               ? 
_entity_src_gen.pdbx_host_org_scientific_name      'Insect cell expression vector pTIE1' 
_entity_src_gen.pdbx_host_org_ncbi_taxonomy_id     266783 
_entity_src_gen.host_org_genus                     ? 
_entity_src_gen.pdbx_host_org_gene                 ? 
_entity_src_gen.pdbx_host_org_organ                ? 
_entity_src_gen.host_org_species                   ? 
_entity_src_gen.pdbx_host_org_tissue               ? 
_entity_src_gen.pdbx_host_org_tissue_fraction      ? 
_entity_src_gen.pdbx_host_org_strain               ? 
_entity_src_gen.pdbx_host_org_variant              ? 
_entity_src_gen.pdbx_host_org_cell_line            ? 
_entity_src_gen.pdbx_host_org_atcc                 ? 
_entity_src_gen.pdbx_host_org_culture_collection   ? 
_entity_src_gen.pdbx_host_org_cell                 ? 
_entity_src_gen.pdbx_host_org_organelle            ? 
_entity_src_gen.pdbx_host_org_cellular_location    ? 
_entity_src_gen.pdbx_host_org_vector_type          ? 
_entity_src_gen.pdbx_host_org_vector               ? 
_entity_src_gen.host_org_details                   ? 
_entity_src_gen.expression_system_id               ? 
_entity_src_gen.plasmid_name                       ? 
_entity_src_gen.plasmid_details                    ? 
_entity_src_gen.pdbx_description                   ? 
# 
loop_
_chem_comp.id 
_chem_comp.type 
_chem_comp.mon_nstd_flag 
_chem_comp.name 
_chem_comp.pdbx_synonyms 
_chem_comp.formula 
_chem_comp.formula_weight 
ALA 'L-peptide linking' y ALANINE         ? 'C3 H7 N O2'     89.093  
ARG 'L-peptide linking' y ARGININE        ? 'C6 H15 N4 O2 1' 175.209 
ASN 'L-peptide linking' y ASPARAGINE      ? 'C4 H8 N2 O3'    132.118 
ASP 'L-peptide linking' y 'ASPARTIC ACID' ? 'C4 H7 N O4'     133.103 
CA  non-polymer         . 'CALCIUM ION'   ? 'Ca 2'           40.078  
CYS 'L-peptide linking' y CYSTEINE        ? 'C3 H7 N O2 S'   121.158 
GLN 'L-peptide linking' y GLUTAMINE       ? 'C5 H10 N2 O3'   146.144 
GLU 'L-peptide linking' y 'GLUTAMIC ACID' ? 'C5 H9 N O4'     147.129 
GLY 'peptide linking'   y GLYCINE         ? 'C2 H5 N O2'     75.067  
HIS 'L-peptide linking' y HISTIDINE       ? 'C6 H10 N3 O2 1' 156.162 
HOH non-polymer         . WATER           ? 'H2 O'           18.015  
ILE 'L-peptide linking' y ISOLEUCINE      ? 'C6 H13 N O2'    131.173 
LEU 'L-peptide linking' y LEUCINE         ? 'C6 H13 N O2'    131.173 
LYS 'L-peptide linking' y LYSINE          ? 'C6 H15 N2 O2 1' 147.195 
PHE 'L-peptide linking' y PHENYLALANINE   ? 'C9 H11 N O2'    165.189 
PRO 'L-peptide linking' y PROLINE         ? 'C5 H9 N O2'     115.130 
SER 'L-peptide linking' y SERINE          ? 'C3 H7 N O3'     105.093 
THR 'L-peptide linking' y THREONINE       ? 'C4 H9 N O3'     119.119 
TRP 'L-peptide linking' y TRYPTOPHAN      ? 'C11 H12 N2 O2'  204.225 
TYR 'L-peptide linking' y TYROSINE        ? 'C9 H11 N O3'    181.189 
VAL 'L-peptide linking' y VALINE          ? 'C5 H11 N O2'    117.146 
# 
loop_
_pdbx_poly_seq_scheme.asym_id 
_pdbx_poly_seq_scheme.entity_id 
_pdbx_poly_seq_scheme.seq_id 
_pdbx_poly_seq_scheme.mon_id 
_pdbx_poly_seq_scheme.ndb_seq_num 
_pdbx_poly_seq_scheme.pdb_seq_num 
_pdbx_poly_seq_scheme.auth_seq_num 
_pdbx_poly_seq_scheme.pdb_mon_id 
_pdbx_poly_seq_scheme.auth_mon_id 
_pdbx_poly_seq_scheme.pdb_strand_id 
_pdbx_poly_seq_scheme.pdb_ins_code 
_pdbx_poly_seq_scheme.hetero 
A 1 1   HIS 1   -8  ?   ?   ?   A . n 
A 1 2   HIS 2   -7  ?   ?   ?   A . n 
A 1 3   HIS 3   -6  ?   ?   ?   A . n 
A 1 4   HIS 4   -5  ?   ?   ?   A . n 
A 1 5   HIS 5   -4  ?   ?   ?   A . n 
A 1 6   HIS 6   -3  ?   ?   ?   A . n 
A 1 7   GLY 7   -2  ?   ?   ?   A . n 
A 1 8   SER 8   -1  ?   ?   ?   A . n 
A 1 9   GLY 9   0   ?   ?   ?   A . n 
A 1 10  LEU 10  1   ?   ?   ?   A . n 
A 1 11  LYS 11  2   2   LYS LYS A . n 
A 1 12  VAL 12  3   3   VAL VAL A . n 
A 1 13  ARG 13  4   4   ARG ARG A . n 
A 1 14  LEU 14  5   5   LEU LEU A . n 
A 1 15  VAL 15  6   6   VAL VAL A . n 
A 1 16  GLY 16  7   7   GLY GLY A . n 
A 1 17  GLY 17  8   8   GLY GLY A . n 
A 1 18  SER 18  9   9   SER SER A . n 
A 1 19  GLY 19  10  10  GLY GLY A . n 
A 1 20  PRO 20  11  11  PRO PRO A . n 
A 1 21  HIS 21  12  12  HIS HIS A . n 
A 1 22  GLU 22  13  13  GLU GLU A . n 
A 1 23  GLY 23  14  14  GLY GLY A . n 
A 1 24  ARG 24  15  15  ARG ARG A . n 
A 1 25  VAL 25  16  16  VAL VAL A . n 
A 1 26  GLU 26  17  17  GLU GLU A . n 
A 1 27  ILE 27  18  18  ILE ILE A . n 
A 1 28  LEU 28  19  19  LEU LEU A . n 
A 1 29  HIS 29  20  20  HIS HIS A . n 
A 1 30  SER 30  21  21  SER SER A . n 
A 1 31  GLY 31  22  22  GLY GLY A . n 
A 1 32  GLN 32  23  23  GLN GLN A . n 
A 1 33  TRP 33  24  24  TRP TRP A . n 
A 1 34  GLY 34  25  25  GLY GLY A . n 
A 1 35  THR 35  26  26  THR THR A . n 
A 1 36  ILE 36  27  27  ILE ILE A . n 
A 1 37  CYS 37  28  28  CYS CYS A . n 
A 1 38  ASP 38  29  29  ASP ASP A . n 
A 1 39  ASP 39  30  30  ASP ASP A . n 
A 1 40  ARG 40  31  31  ARG ARG A . n 
A 1 41  TRP 41  32  32  TRP TRP A . n 
A 1 42  GLU 42  33  33  GLU GLU A . n 
A 1 43  VAL 43  34  34  VAL VAL A . n 
A 1 44  ARG 44  35  35  ARG ARG A . n 
A 1 45  VAL 45  36  36  VAL VAL A . n 
A 1 46  GLY 46  37  37  GLY GLY A . n 
A 1 47  GLN 47  38  38  GLN GLN A . n 
A 1 48  VAL 48  39  39  VAL VAL A . n 
A 1 49  VAL 49  40  40  VAL VAL A . n 
A 1 50  CYS 50  41  41  CYS CYS A . n 
A 1 51  ARG 51  42  42  ARG ARG A . n 
A 1 52  SER 52  43  43  SER SER A . n 
A 1 53  LEU 53  44  44  LEU LEU A . n 
A 1 54  GLY 54  45  45  GLY GLY A . n 
A 1 55  TYR 55  46  46  TYR TYR A . n 
A 1 56  PRO 56  47  47  PRO PRO A . n 
A 1 57  GLY 57  48  48  GLY GLY A . n 
A 1 58  VAL 58  49  49  VAL VAL A . n 
A 1 59  GLN 59  50  50  GLN GLN A . n 
A 1 60  ALA 60  51  51  ALA ALA A . n 
A 1 61  VAL 61  52  52  VAL VAL A . n 
A 1 62  HIS 62  53  53  HIS HIS A . n 
A 1 63  LYS 63  54  54  LYS LYS A . n 
A 1 64  ALA 64  55  55  ALA ALA A . n 
A 1 65  ALA 65  56  56  ALA ALA A . n 
A 1 66  HIS 66  57  57  HIS HIS A . n 
A 1 67  PHE 67  58  58  PHE PHE A . n 
A 1 68  GLY 68  59  59  GLY GLY A . n 
A 1 69  GLN 69  60  60  GLN GLN A . n 
A 1 70  GLY 70  61  61  GLY GLY A . n 
A 1 71  THR 71  62  62  THR THR A . n 
A 1 72  GLY 72  63  63  GLY GLY A . n 
A 1 73  PRO 73  64  64  PRO PRO A . n 
A 1 74  ILE 74  65  65  ILE ILE A . n 
A 1 75  TRP 75  66  66  TRP TRP A . n 
A 1 76  LEU 76  67  67  LEU LEU A . n 
A 1 77  ASN 77  68  68  ASN ASN A . n 
A 1 78  GLU 78  69  69  GLU GLU A . n 
A 1 79  VAL 79  70  70  VAL VAL A . n 
A 1 80  PHE 80  71  71  PHE PHE A . n 
A 1 81  CYS 81  72  72  CYS CYS A . n 
A 1 82  PHE 82  73  73  PHE PHE A . n 
A 1 83  GLY 83  74  74  GLY GLY A . n 
A 1 84  ARG 84  75  75  ARG ARG A . n 
A 1 85  GLU 85  76  76  GLU GLU A . n 
A 1 86  SER 86  77  77  SER SER A . n 
A 1 87  SER 87  78  78  SER SER A . n 
A 1 88  ILE 88  79  79  ILE ILE A . n 
A 1 89  GLU 89  80  80  GLU GLU A . n 
A 1 90  GLU 90  81  81  GLU GLU A . n 
A 1 91  CYS 91  82  82  CYS CYS A . n 
A 1 92  LYS 92  83  83  LYS LYS A . n 
A 1 93  ILE 93  84  84  ILE ILE A . n 
A 1 94  ARG 94  85  85  ARG ARG A . n 
A 1 95  GLN 95  86  86  GLN GLN A . n 
A 1 96  TRP 96  87  87  TRP TRP A . n 
A 1 97  GLY 97  88  88  GLY GLY A . n 
A 1 98  THR 98  89  89  THR THR A . n 
A 1 99  ARG 99  90  90  ARG ARG A . n 
A 1 100 ALA 100 91  91  ALA ALA A . n 
A 1 101 CYS 101 92  92  CYS CYS A . n 
A 1 102 SER 102 93  93  SER SER A . n 
A 1 103 HIS 103 94  94  HIS HIS A . n 
A 1 104 SER 104 95  95  SER SER A . n 
A 1 105 GLU 105 96  96  GLU GLU A . n 
A 1 106 ASP 106 97  97  ASP ASP A . n 
A 1 107 ALA 107 98  98  ALA ALA A . n 
A 1 108 GLY 108 99  99  GLY GLY A . n 
A 1 109 VAL 109 100 100 VAL VAL A . n 
A 1 110 THR 110 101 101 THR THR A . n 
A 1 111 CYS 111 102 102 CYS CYS A . n 
A 1 112 THR 112 103 103 THR THR A . n 
A 1 113 LEU 113 104 104 LEU LEU A . n 
# 
loop_
_pdbx_nonpoly_scheme.asym_id 
_pdbx_nonpoly_scheme.entity_id 
_pdbx_nonpoly_scheme.mon_id 
_pdbx_nonpoly_scheme.ndb_seq_num 
_pdbx_nonpoly_scheme.pdb_seq_num 
_pdbx_nonpoly_scheme.auth_seq_num 
_pdbx_nonpoly_scheme.pdb_mon_id 
_pdbx_nonpoly_scheme.auth_mon_id 
_pdbx_nonpoly_scheme.pdb_strand_id 
_pdbx_nonpoly_scheme.pdb_ins_code 
B 2 CA  1   201 1   CA  CA  A . 
C 3 HOH 1   301 109 HOH HOH A . 
C 3 HOH 2   302 75  HOH HOH A . 
C 3 HOH 3   303 49  HOH HOH A . 
C 3 HOH 4   304 69  HOH HOH A . 
C 3 HOH 5   305 64  HOH HOH A . 
C 3 HOH 6   306 48  HOH HOH A . 
C 3 HOH 7   307 35  HOH HOH A . 
C 3 HOH 8   308 8   HOH HOH A . 
C 3 HOH 9   309 107 HOH HOH A . 
C 3 HOH 10  310 38  HOH HOH A . 
C 3 HOH 11  311 5   HOH HOH A . 
C 3 HOH 12  312 13  HOH HOH A . 
C 3 HOH 13  313 51  HOH HOH A . 
C 3 HOH 14  314 80  HOH HOH A . 
C 3 HOH 15  315 6   HOH HOH A . 
C 3 HOH 16  316 77  HOH HOH A . 
C 3 HOH 17  317 74  HOH HOH A . 
C 3 HOH 18  318 94  HOH HOH A . 
C 3 HOH 19  319 24  HOH HOH A . 
C 3 HOH 20  320 30  HOH HOH A . 
C 3 HOH 21  321 16  HOH HOH A . 
C 3 HOH 22  322 17  HOH HOH A . 
C 3 HOH 23  323 27  HOH HOH A . 
C 3 HOH 24  324 56  HOH HOH A . 
C 3 HOH 25  325 111 HOH HOH A . 
C 3 HOH 26  326 2   HOH HOH A . 
C 3 HOH 27  327 11  HOH HOH A . 
C 3 HOH 28  328 10  HOH HOH A . 
C 3 HOH 29  329 68  HOH HOH A . 
C 3 HOH 30  330 36  HOH HOH A . 
C 3 HOH 31  331 110 HOH HOH A . 
C 3 HOH 32  332 46  HOH HOH A . 
C 3 HOH 33  333 47  HOH HOH A . 
C 3 HOH 34  334 33  HOH HOH A . 
C 3 HOH 35  335 54  HOH HOH A . 
C 3 HOH 36  336 53  HOH HOH A . 
C 3 HOH 37  337 9   HOH HOH A . 
C 3 HOH 38  338 1   HOH HOH A . 
C 3 HOH 39  339 21  HOH HOH A . 
C 3 HOH 40  340 32  HOH HOH A . 
C 3 HOH 41  341 29  HOH HOH A . 
C 3 HOH 42  342 19  HOH HOH A . 
C 3 HOH 43  343 79  HOH HOH A . 
C 3 HOH 44  344 55  HOH HOH A . 
C 3 HOH 45  345 73  HOH HOH A . 
C 3 HOH 46  346 22  HOH HOH A . 
C 3 HOH 47  347 101 HOH HOH A . 
C 3 HOH 48  348 3   HOH HOH A . 
C 3 HOH 49  349 50  HOH HOH A . 
C 3 HOH 50  350 18  HOH HOH A . 
C 3 HOH 51  351 28  HOH HOH A . 
C 3 HOH 52  352 26  HOH HOH A . 
C 3 HOH 53  353 4   HOH HOH A . 
C 3 HOH 54  354 37  HOH HOH A . 
C 3 HOH 55  355 86  HOH HOH A . 
C 3 HOH 56  356 91  HOH HOH A . 
C 3 HOH 57  357 58  HOH HOH A . 
C 3 HOH 58  358 106 HOH HOH A . 
C 3 HOH 59  359 34  HOH HOH A . 
C 3 HOH 60  360 59  HOH HOH A . 
C 3 HOH 61  361 108 HOH HOH A . 
C 3 HOH 62  362 23  HOH HOH A . 
C 3 HOH 63  363 72  HOH HOH A . 
C 3 HOH 64  364 99  HOH HOH A . 
C 3 HOH 65  365 82  HOH HOH A . 
C 3 HOH 66  366 12  HOH HOH A . 
C 3 HOH 67  367 39  HOH HOH A . 
C 3 HOH 68  368 31  HOH HOH A . 
C 3 HOH 69  369 40  HOH HOH A . 
C 3 HOH 70  370 57  HOH HOH A . 
C 3 HOH 71  371 70  HOH HOH A . 
C 3 HOH 72  372 63  HOH HOH A . 
C 3 HOH 73  373 83  HOH HOH A . 
C 3 HOH 74  374 85  HOH HOH A . 
C 3 HOH 75  375 87  HOH HOH A . 
C 3 HOH 76  376 15  HOH HOH A . 
C 3 HOH 77  377 105 HOH HOH A . 
C 3 HOH 78  378 7   HOH HOH A . 
C 3 HOH 79  379 84  HOH HOH A . 
C 3 HOH 80  380 98  HOH HOH A . 
C 3 HOH 81  381 25  HOH HOH A . 
C 3 HOH 82  382 97  HOH HOH A . 
C 3 HOH 83  383 14  HOH HOH A . 
C 3 HOH 84  384 89  HOH HOH A . 
C 3 HOH 85  385 90  HOH HOH A . 
C 3 HOH 86  386 43  HOH HOH A . 
C 3 HOH 87  387 42  HOH HOH A . 
C 3 HOH 88  388 92  HOH HOH A . 
C 3 HOH 89  389 71  HOH HOH A . 
C 3 HOH 90  390 93  HOH HOH A . 
C 3 HOH 91  391 20  HOH HOH A . 
C 3 HOH 92  392 41  HOH HOH A . 
C 3 HOH 93  393 104 HOH HOH A . 
C 3 HOH 94  394 103 HOH HOH A . 
C 3 HOH 95  395 81  HOH HOH A . 
C 3 HOH 96  396 61  HOH HOH A . 
C 3 HOH 97  397 44  HOH HOH A . 
C 3 HOH 98  398 112 HOH HOH A . 
C 3 HOH 99  399 96  HOH HOH A . 
C 3 HOH 100 400 95  HOH HOH A . 
C 3 HOH 101 401 45  HOH HOH A . 
C 3 HOH 102 402 78  HOH HOH A . 
C 3 HOH 103 403 76  HOH HOH A . 
C 3 HOH 104 404 67  HOH HOH A . 
C 3 HOH 105 405 52  HOH HOH A . 
C 3 HOH 106 406 88  HOH HOH A . 
C 3 HOH 107 407 62  HOH HOH A . 
C 3 HOH 108 408 60  HOH HOH A . 
C 3 HOH 109 409 100 HOH HOH A . 
C 3 HOH 110 410 102 HOH HOH A . 
C 3 HOH 111 411 65  HOH HOH A . 
C 3 HOH 112 412 66  HOH HOH A . 
C 3 HOH 113 413 113 HOH HOH A . 
# 
loop_
_software.citation_id 
_software.classification 
_software.compiler_name 
_software.compiler_version 
_software.contact_author 
_software.contact_author_email 
_software.date 
_software.description 
_software.dependencies 
_software.hardware 
_software.language 
_software.location 
_software.mods 
_software.name 
_software.os 
_software.os_version 
_software.type 
_software.version 
_software.pdbx_ordinal 
? refinement        ? ? ? ? ? ? ? ? ? ? ? PHENIX      ? ? ? 1.10.1_2155 1 
? 'data extraction' ? ? ? ? ? ? ? ? ? ? ? PDB_EXTRACT ? ? ? 3.25        2 
? 'data reduction'  ? ? ? ? ? ? ? ? ? ? ? HKL-3000    ? ? ? .           3 
? 'data scaling'    ? ? ? ? ? ? ? ? ? ? ? HKL-3000    ? ? ? .           4 
? phasing           ? ? ? ? ? ? ? ? ? ? ? PHENIX      ? ? ? .           5 
# 
_cell.angle_alpha                  90.000 
_cell.angle_alpha_esd              ? 
_cell.angle_beta                   90.000 
_cell.angle_beta_esd               ? 
_cell.angle_gamma                  90.000 
_cell.angle_gamma_esd              ? 
_cell.entry_id                     7DPX 
_cell.details                      ? 
_cell.formula_units_Z              ? 
_cell.length_a                     37.031 
_cell.length_a_esd                 ? 
_cell.length_b                     57.086 
_cell.length_b_esd                 ? 
_cell.length_c                     62.223 
_cell.length_c_esd                 ? 
_cell.volume                       ? 
_cell.volume_esd                   ? 
_cell.Z_PDB                        4 
_cell.reciprocal_angle_alpha       ? 
_cell.reciprocal_angle_beta        ? 
_cell.reciprocal_angle_gamma       ? 
_cell.reciprocal_angle_alpha_esd   ? 
_cell.reciprocal_angle_beta_esd    ? 
_cell.reciprocal_angle_gamma_esd   ? 
_cell.reciprocal_length_a          ? 
_cell.reciprocal_length_b          ? 
_cell.reciprocal_length_c          ? 
_cell.reciprocal_length_a_esd      ? 
_cell.reciprocal_length_b_esd      ? 
_cell.reciprocal_length_c_esd      ? 
_cell.pdbx_unique_axis             ? 
# 
_symmetry.entry_id                         7DPX 
_symmetry.cell_setting                     ? 
_symmetry.Int_Tables_number                19 
_symmetry.space_group_name_Hall            ? 
_symmetry.space_group_name_H-M             'P 21 21 21' 
_symmetry.pdbx_full_space_group_name_H-M   ? 
# 
_exptl.absorpt_coefficient_mu     ? 
_exptl.absorpt_correction_T_max   ? 
_exptl.absorpt_correction_T_min   ? 
_exptl.absorpt_correction_type    ? 
_exptl.absorpt_process_details    ? 
_exptl.entry_id                   7DPX 
_exptl.crystals_number            1 
_exptl.details                    ? 
_exptl.method                     'X-RAY DIFFRACTION' 
_exptl.method_details             ? 
# 
_exptl_crystal.colour                      ? 
_exptl_crystal.density_diffrn              ? 
_exptl_crystal.density_Matthews            2.64 
_exptl_crystal.density_method              ? 
_exptl_crystal.density_percent_sol         53.48 
_exptl_crystal.description                 ? 
_exptl_crystal.F_000                       ? 
_exptl_crystal.id                          1 
_exptl_crystal.preparation                 ? 
_exptl_crystal.size_max                    ? 
_exptl_crystal.size_mid                    ? 
_exptl_crystal.size_min                    ? 
_exptl_crystal.size_rad                    ? 
_exptl_crystal.colour_lustre               ? 
_exptl_crystal.colour_modifier             ? 
_exptl_crystal.colour_primary              ? 
_exptl_crystal.density_meas                ? 
_exptl_crystal.density_meas_esd            ? 
_exptl_crystal.density_meas_gt             ? 
_exptl_crystal.density_meas_lt             ? 
_exptl_crystal.density_meas_temp           ? 
_exptl_crystal.density_meas_temp_esd       ? 
_exptl_crystal.density_meas_temp_gt        ? 
_exptl_crystal.density_meas_temp_lt        ? 
_exptl_crystal.pdbx_crystal_image_url      ? 
_exptl_crystal.pdbx_crystal_image_format   ? 
_exptl_crystal.pdbx_mosaicity              ? 
_exptl_crystal.pdbx_mosaicity_esd          ? 
# 
_exptl_crystal_grow.apparatus       ? 
_exptl_crystal_grow.atmosphere      ? 
_exptl_crystal_grow.crystal_id      1 
_exptl_crystal_grow.details         ? 
_exptl_crystal_grow.method          'VAPOR DIFFUSION, SITTING DROP' 
_exptl_crystal_grow.method_ref      ? 
_exptl_crystal_grow.pH              ? 
_exptl_crystal_grow.pressure        ? 
_exptl_crystal_grow.pressure_esd    ? 
_exptl_crystal_grow.seeding         ? 
_exptl_crystal_grow.seeding_ref     ? 
_exptl_crystal_grow.temp            290 
_exptl_crystal_grow.temp_details    ? 
_exptl_crystal_grow.temp_esd        ? 
_exptl_crystal_grow.time            ? 
_exptl_crystal_grow.pdbx_details    '0.1M HEPES pH7.5, 20% PEG 8000, calcium' 
_exptl_crystal_grow.pdbx_pH_range   ? 
# 
_diffrn.ambient_environment              ? 
_diffrn.ambient_temp                     93 
_diffrn.ambient_temp_details             ? 
_diffrn.ambient_temp_esd                 ? 
_diffrn.crystal_id                       1 
_diffrn.crystal_support                  ? 
_diffrn.crystal_treatment                ? 
_diffrn.details                          ? 
_diffrn.id                               1 
_diffrn.ambient_pressure                 ? 
_diffrn.ambient_pressure_esd             ? 
_diffrn.ambient_pressure_gt              ? 
_diffrn.ambient_pressure_lt              ? 
_diffrn.ambient_temp_gt                  ? 
_diffrn.ambient_temp_lt                  ? 
_diffrn.pdbx_serial_crystal_experiment   N 
# 
_diffrn_detector.details                      ? 
_diffrn_detector.detector                     PIXEL 
_diffrn_detector.diffrn_id                    1 
_diffrn_detector.type                         'DECTRIS PILATUS3 S 6M' 
_diffrn_detector.area_resol_mean              ? 
_diffrn_detector.dtime                        ? 
_diffrn_detector.pdbx_frames_total            ? 
_diffrn_detector.pdbx_collection_time_total   ? 
_diffrn_detector.pdbx_collection_date         2018-10-05 
_diffrn_detector.pdbx_frequency               ? 
# 
_diffrn_radiation.collimation                      ? 
_diffrn_radiation.diffrn_id                        1 
_diffrn_radiation.filter_edge                      ? 
_diffrn_radiation.inhomogeneity                    ? 
_diffrn_radiation.monochromator                    ? 
_diffrn_radiation.polarisn_norm                    ? 
_diffrn_radiation.polarisn_ratio                   ? 
_diffrn_radiation.probe                            ? 
_diffrn_radiation.type                             ? 
_diffrn_radiation.xray_symbol                      ? 
_diffrn_radiation.wavelength_id                    1 
_diffrn_radiation.pdbx_monochromatic_or_laue_m_l   M 
_diffrn_radiation.pdbx_wavelength_list             ? 
_diffrn_radiation.pdbx_wavelength                  ? 
_diffrn_radiation.pdbx_diffrn_protocol             'SINGLE WAVELENGTH' 
_diffrn_radiation.pdbx_analyzer                    ? 
_diffrn_radiation.pdbx_scattering_type             x-ray 
# 
_diffrn_radiation_wavelength.id           1 
_diffrn_radiation_wavelength.wavelength   0.98 
_diffrn_radiation_wavelength.wt           1.0 
# 
_diffrn_source.current                     ? 
_diffrn_source.details                     ? 
_diffrn_source.diffrn_id                   1 
_diffrn_source.power                       ? 
_diffrn_source.size                        ? 
_diffrn_source.source                      SYNCHROTRON 
_diffrn_source.target                      ? 
_diffrn_source.type                        'SSRF BEAMLINE BL18U1' 
_diffrn_source.voltage                     ? 
_diffrn_source.take-off_angle              ? 
_diffrn_source.pdbx_wavelength_list        0.98 
_diffrn_source.pdbx_wavelength             ? 
_diffrn_source.pdbx_synchrotron_beamline   BL18U1 
_diffrn_source.pdbx_synchrotron_site       SSRF 
# 
_reflns.B_iso_Wilson_estimate            ? 
_reflns.entry_id                         7DPX 
_reflns.data_reduction_details           ? 
_reflns.data_reduction_method            ? 
_reflns.d_resolution_high                2.00 
_reflns.d_resolution_low                 30.00 
_reflns.details                          ? 
_reflns.limit_h_max                      ? 
_reflns.limit_h_min                      ? 
_reflns.limit_k_max                      ? 
_reflns.limit_k_min                      ? 
_reflns.limit_l_max                      ? 
_reflns.limit_l_min                      ? 
_reflns.number_all                       ? 
_reflns.number_obs                       9366 
_reflns.observed_criterion               ? 
_reflns.observed_criterion_F_max         ? 
_reflns.observed_criterion_F_min         ? 
_reflns.observed_criterion_I_max         ? 
_reflns.observed_criterion_I_min         ? 
_reflns.observed_criterion_sigma_F       ? 
_reflns.observed_criterion_sigma_I       ? 
_reflns.percent_possible_obs             96.8 
_reflns.R_free_details                   ? 
_reflns.Rmerge_F_all                     ? 
_reflns.Rmerge_F_obs                     ? 
_reflns.Friedel_coverage                 ? 
_reflns.number_gt                        ? 
_reflns.threshold_expression             ? 
_reflns.pdbx_redundancy                  6.8 
_reflns.pdbx_Rmerge_I_obs                ? 
_reflns.pdbx_Rmerge_I_all                ? 
_reflns.pdbx_Rsym_value                  ? 
_reflns.pdbx_netI_over_av_sigmaI         ? 
_reflns.pdbx_netI_over_sigmaI            18.3 
_reflns.pdbx_res_netI_over_av_sigmaI_2   ? 
_reflns.pdbx_res_netI_over_sigmaI_2      ? 
_reflns.pdbx_chi_squared                 ? 
_reflns.pdbx_scaling_rejects             ? 
_reflns.pdbx_d_res_high_opt              ? 
_reflns.pdbx_d_res_low_opt               ? 
_reflns.pdbx_d_res_opt_method            ? 
_reflns.phase_calculation_details        ? 
_reflns.pdbx_Rrim_I_all                  ? 
_reflns.pdbx_Rpim_I_all                  0.027 
_reflns.pdbx_d_opt                       ? 
_reflns.pdbx_number_measured_all         ? 
_reflns.pdbx_diffrn_id                   1 
_reflns.pdbx_ordinal                     1 
_reflns.pdbx_CC_half                     ? 
_reflns.pdbx_CC_star                     ? 
_reflns.pdbx_R_split                     ? 
# 
_reflns_shell.d_res_high                  2.00 
_reflns_shell.d_res_low                   2.07 
_reflns_shell.meanI_over_sigI_all         ? 
_reflns_shell.meanI_over_sigI_obs         ? 
_reflns_shell.number_measured_all         ? 
_reflns_shell.number_measured_obs         ? 
_reflns_shell.number_possible             ? 
_reflns_shell.number_unique_all           ? 
_reflns_shell.number_unique_obs           ? 
_reflns_shell.percent_possible_all        ? 
_reflns_shell.percent_possible_obs        ? 
_reflns_shell.Rmerge_F_all                ? 
_reflns_shell.Rmerge_F_obs                ? 
_reflns_shell.Rmerge_I_all                ? 
_reflns_shell.Rmerge_I_obs                ? 
_reflns_shell.meanI_over_sigI_gt          ? 
_reflns_shell.meanI_over_uI_all           ? 
_reflns_shell.meanI_over_uI_gt            ? 
_reflns_shell.number_measured_gt          ? 
_reflns_shell.number_unique_gt            ? 
_reflns_shell.percent_possible_gt         ? 
_reflns_shell.Rmerge_F_gt                 ? 
_reflns_shell.Rmerge_I_gt                 ? 
_reflns_shell.pdbx_redundancy             ? 
_reflns_shell.pdbx_Rsym_value             ? 
_reflns_shell.pdbx_chi_squared            ? 
_reflns_shell.pdbx_netI_over_sigmaI_all   ? 
_reflns_shell.pdbx_netI_over_sigmaI_obs   ? 
_reflns_shell.pdbx_Rrim_I_all             ? 
_reflns_shell.pdbx_Rpim_I_all             0.171 
_reflns_shell.pdbx_rejects                ? 
_reflns_shell.pdbx_ordinal                1 
_reflns_shell.pdbx_diffrn_id              1 
_reflns_shell.pdbx_CC_half                ? 
_reflns_shell.pdbx_CC_star                ? 
_reflns_shell.pdbx_R_split                ? 
# 
_refine.aniso_B[1][1]                            ? 
_refine.aniso_B[1][2]                            ? 
_refine.aniso_B[1][3]                            ? 
_refine.aniso_B[2][2]                            ? 
_refine.aniso_B[2][3]                            ? 
_refine.aniso_B[3][3]                            ? 
_refine.B_iso_max                                67.610 
_refine.B_iso_mean                               33.4639 
_refine.B_iso_min                                17.530 
_refine.correlation_coeff_Fo_to_Fc               ? 
_refine.correlation_coeff_Fo_to_Fc_free          ? 
_refine.details                                  ? 
_refine.diff_density_max                         ? 
_refine.diff_density_max_esd                     ? 
_refine.diff_density_min                         ? 
_refine.diff_density_min_esd                     ? 
_refine.diff_density_rms                         ? 
_refine.diff_density_rms_esd                     ? 
_refine.entry_id                                 7DPX 
_refine.pdbx_refine_id                           'X-RAY DIFFRACTION' 
_refine.ls_abs_structure_details                 ? 
_refine.ls_abs_structure_Flack                   ? 
_refine.ls_abs_structure_Flack_esd               ? 
_refine.ls_abs_structure_Rogers                  ? 
_refine.ls_abs_structure_Rogers_esd              ? 
_refine.ls_d_res_high                            2.0020 
_refine.ls_d_res_low                             27.7950 
_refine.ls_extinction_coef                       ? 
_refine.ls_extinction_coef_esd                   ? 
_refine.ls_extinction_expression                 ? 
_refine.ls_extinction_method                     ? 
_refine.ls_goodness_of_fit_all                   ? 
_refine.ls_goodness_of_fit_all_esd               ? 
_refine.ls_goodness_of_fit_obs                   ? 
_refine.ls_goodness_of_fit_obs_esd               ? 
_refine.ls_hydrogen_treatment                    ? 
_refine.ls_matrix_type                           ? 
_refine.ls_number_constraints                    ? 
_refine.ls_number_parameters                     ? 
_refine.ls_number_reflns_all                     ? 
_refine.ls_number_reflns_obs                     9038 
_refine.ls_number_reflns_R_free                  900 
_refine.ls_number_reflns_R_work                  8138 
_refine.ls_number_restraints                     ? 
_refine.ls_percent_reflns_obs                    96.8000 
_refine.ls_percent_reflns_R_free                 9.9600 
_refine.ls_R_factor_all                          ? 
_refine.ls_R_factor_obs                          0.2119 
_refine.ls_R_factor_R_free                       0.2519 
_refine.ls_R_factor_R_free_error                 ? 
_refine.ls_R_factor_R_free_error_details         ? 
_refine.ls_R_factor_R_work                       0.2076 
_refine.ls_R_Fsqd_factor_obs                     ? 
_refine.ls_R_I_factor_obs                        ? 
_refine.ls_redundancy_reflns_all                 ? 
_refine.ls_redundancy_reflns_obs                 ? 
_refine.ls_restrained_S_all                      ? 
_refine.ls_restrained_S_obs                      ? 
_refine.ls_shift_over_esd_max                    ? 
_refine.ls_shift_over_esd_mean                   ? 
_refine.ls_structure_factor_coef                 ? 
_refine.ls_weighting_details                     ? 
_refine.ls_weighting_scheme                      ? 
_refine.ls_wR_factor_all                         ? 
_refine.ls_wR_factor_obs                         ? 
_refine.ls_wR_factor_R_free                      ? 
_refine.ls_wR_factor_R_work                      ? 
_refine.occupancy_max                            ? 
_refine.occupancy_min                            ? 
_refine.solvent_model_details                    'FLAT BULK SOLVENT MODEL' 
_refine.solvent_model_param_bsol                 ? 
_refine.solvent_model_param_ksol                 ? 
_refine.pdbx_R_complete                          ? 
_refine.ls_R_factor_gt                           ? 
_refine.ls_goodness_of_fit_gt                    ? 
_refine.ls_goodness_of_fit_ref                   ? 
_refine.ls_shift_over_su_max                     ? 
_refine.ls_shift_over_su_max_lt                  ? 
_refine.ls_shift_over_su_mean                    ? 
_refine.ls_shift_over_su_mean_lt                 ? 
_refine.pdbx_ls_sigma_I                          ? 
_refine.pdbx_ls_sigma_F                          0.000 
_refine.pdbx_ls_sigma_Fsqd                       ? 
_refine.pdbx_data_cutoff_high_absF               ? 
_refine.pdbx_data_cutoff_high_rms_absF           ? 
_refine.pdbx_data_cutoff_low_absF                ? 
_refine.pdbx_isotropic_thermal_model             ? 
_refine.pdbx_ls_cross_valid_method               THROUGHOUT 
_refine.pdbx_method_to_determine_struct          'MOLECULAR REPLACEMENT' 
_refine.pdbx_starting_model                      6J02 
_refine.pdbx_stereochemistry_target_values       ML 
_refine.pdbx_R_Free_selection_details            ? 
_refine.pdbx_stereochem_target_val_spec_case     ? 
_refine.pdbx_overall_ESU_R                       ? 
_refine.pdbx_overall_ESU_R_Free                  ? 
_refine.pdbx_solvent_vdw_probe_radii             1.1100 
_refine.pdbx_solvent_ion_probe_radii             ? 
_refine.pdbx_solvent_shrinkage_radii             0.9000 
_refine.pdbx_real_space_R                        ? 
_refine.pdbx_density_correlation                 ? 
_refine.pdbx_pd_number_of_powder_patterns        ? 
_refine.pdbx_pd_number_of_points                 ? 
_refine.pdbx_pd_meas_number_of_points            ? 
_refine.pdbx_pd_proc_ls_prof_R_factor            ? 
_refine.pdbx_pd_proc_ls_prof_wR_factor           ? 
_refine.pdbx_pd_Marquardt_correlation_coeff      ? 
_refine.pdbx_pd_Fsqrd_R_factor                   ? 
_refine.pdbx_pd_ls_matrix_band_width             ? 
_refine.pdbx_overall_phase_error                 25.8200 
_refine.pdbx_overall_SU_R_free_Cruickshank_DPI   ? 
_refine.pdbx_overall_SU_R_free_Blow_DPI          ? 
_refine.pdbx_overall_SU_R_Blow_DPI               ? 
_refine.pdbx_TLS_residual_ADP_flag               ? 
_refine.pdbx_diffrn_id                           1 
_refine.overall_SU_B                             ? 
_refine.overall_SU_ML                            0.2500 
_refine.overall_SU_R_Cruickshank_DPI             ? 
_refine.overall_SU_R_free                        ? 
_refine.overall_FOM_free_R_set                   ? 
_refine.overall_FOM_work_R_set                   ? 
_refine.pdbx_average_fsc_overall                 ? 
_refine.pdbx_average_fsc_work                    ? 
_refine.pdbx_average_fsc_free                    ? 
# 
_refine_hist.pdbx_refine_id                   'X-RAY DIFFRACTION' 
_refine_hist.cycle_id                         final 
_refine_hist.details                          ? 
_refine_hist.d_res_high                       2.0020 
_refine_hist.d_res_low                        27.7950 
_refine_hist.number_atoms_solvent             113 
_refine_hist.number_atoms_total               913 
_refine_hist.number_reflns_all                ? 
_refine_hist.number_reflns_obs                ? 
_refine_hist.number_reflns_R_free             ? 
_refine_hist.number_reflns_R_work             ? 
_refine_hist.R_factor_all                     ? 
_refine_hist.R_factor_obs                     ? 
_refine_hist.R_factor_R_free                  ? 
_refine_hist.R_factor_R_work                  ? 
_refine_hist.pdbx_number_residues_total       104 
_refine_hist.pdbx_B_iso_mean_ligand           28.21 
_refine_hist.pdbx_B_iso_mean_solvent          41.64 
_refine_hist.pdbx_number_atoms_protein        799 
_refine_hist.pdbx_number_atoms_nucleic_acid   0 
_refine_hist.pdbx_number_atoms_ligand         1 
_refine_hist.pdbx_number_atoms_lipid          ? 
_refine_hist.pdbx_number_atoms_carb           ? 
_refine_hist.pdbx_pseudo_atom_details         ? 
# 
loop_
_refine_ls_restr.pdbx_refine_id 
_refine_ls_restr.criterion 
_refine_ls_restr.dev_ideal 
_refine_ls_restr.dev_ideal_target 
_refine_ls_restr.number 
_refine_ls_restr.rejects 
_refine_ls_restr.type 
_refine_ls_restr.weight 
_refine_ls_restr.pdbx_restraint_function 
'X-RAY DIFFRACTION' ? 0.006  ? 821  ? f_bond_d           ? ? 
'X-RAY DIFFRACTION' ? 0.779  ? 1112 ? f_angle_d          ? ? 
'X-RAY DIFFRACTION' ? 0.055  ? 116  ? f_chiral_restr     ? ? 
'X-RAY DIFFRACTION' ? 0.005  ? 144  ? f_plane_restr      ? ? 
'X-RAY DIFFRACTION' ? 16.170 ? 476  ? f_dihedral_angle_d ? ? 
# 
loop_
_refine_ls_shell.pdbx_refine_id 
_refine_ls_shell.d_res_high 
_refine_ls_shell.d_res_low 
_refine_ls_shell.number_reflns_all 
_refine_ls_shell.number_reflns_obs 
_refine_ls_shell.number_reflns_R_free 
_refine_ls_shell.number_reflns_R_work 
_refine_ls_shell.percent_reflns_obs 
_refine_ls_shell.percent_reflns_R_free 
_refine_ls_shell.R_factor_all 
_refine_ls_shell.R_factor_obs 
_refine_ls_shell.R_factor_R_free 
_refine_ls_shell.R_factor_R_free_error 
_refine_ls_shell.R_factor_R_work 
_refine_ls_shell.redundancy_reflns_all 
_refine_ls_shell.redundancy_reflns_obs 
_refine_ls_shell.wR_factor_all 
_refine_ls_shell.wR_factor_obs 
_refine_ls_shell.wR_factor_R_free 
_refine_ls_shell.wR_factor_R_work 
_refine_ls_shell.pdbx_R_complete 
_refine_ls_shell.pdbx_total_number_of_bins_used 
_refine_ls_shell.pdbx_phase_error 
_refine_ls_shell.pdbx_fsc_work 
_refine_ls_shell.pdbx_fsc_free 
'X-RAY DIFFRACTION' 2.0021 2.1275 . . 133 1230 90.0000  . . . 0.3194 0.0000 0.2487 . . . . . . . . . . . 
'X-RAY DIFFRACTION' 2.1275 2.2917 . . 141 1308 94.0000  . . . 0.3244 0.0000 0.2333 . . . . . . . . . . . 
'X-RAY DIFFRACTION' 2.2917 2.5222 . . 150 1321 97.0000  . . . 0.2689 0.0000 0.2206 . . . . . . . . . . . 
'X-RAY DIFFRACTION' 2.5222 2.8868 . . 151 1390 99.0000  . . . 0.2578 0.0000 0.2089 . . . . . . . . . . . 
'X-RAY DIFFRACTION' 2.8868 3.6358 . . 160 1407 100.0000 . . . 0.2549 0.0000 0.2094 . . . . . . . . . . . 
'X-RAY DIFFRACTION' 3.6358 27.79  . . 165 1482 100.0000 . . . 0.2201 0.0000 0.1913 . . . . . . . . . . . 
# 
_struct.entry_id                     7DPX 
_struct.title                        'Crystal structure of the SRCR domain of human SCARA1/CD204' 
_struct.pdbx_model_details           ? 
_struct.pdbx_formula_weight          ? 
_struct.pdbx_formula_weight_method   ? 
_struct.pdbx_model_type_details      ? 
_struct.pdbx_CASP_flag               N 
# 
_struct_keywords.entry_id        7DPX 
_struct_keywords.text            
'scavenger receptor class A, modified lipoprotein (s), ApoB, SRCR domain, LDL, VLDL, SCARA1, ENDOCYTOSIS' 
_struct_keywords.pdbx_keywords   ENDOCYTOSIS 
# 
loop_
_struct_asym.id 
_struct_asym.pdbx_blank_PDB_chainid_flag 
_struct_asym.pdbx_modified 
_struct_asym.entity_id 
_struct_asym.details 
A N N 1 ? 
B N N 2 ? 
C N N 3 ? 
# 
_struct_ref.id                         1 
_struct_ref.db_name                    UNP 
_struct_ref.db_code                    MSRE_HUMAN 
_struct_ref.pdbx_db_accession          P21757 
_struct_ref.pdbx_db_isoform            ? 
_struct_ref.entity_id                  1 
_struct_ref.pdbx_seq_one_letter_code   
;KVRLVGGSGPHEGRVEILHSGQWGTICDDRWEVRVGQVVCRSLGYPGVQAVHKAAHFGQGTGPIWLNEVFCFGRESSIEE
CKIRQWGTRACSHSEDAGVTCTL
;
_struct_ref.pdbx_align_begin           349 
# 
_struct_ref_seq.align_id                      1 
_struct_ref_seq.ref_id                        1 
_struct_ref_seq.pdbx_PDB_id_code              7DPX 
_struct_ref_seq.pdbx_strand_id                A 
_struct_ref_seq.seq_align_beg                 11 
_struct_ref_seq.pdbx_seq_align_beg_ins_code   ? 
_struct_ref_seq.seq_align_end                 113 
_struct_ref_seq.pdbx_seq_align_end_ins_code   ? 
_struct_ref_seq.pdbx_db_accession             P21757 
_struct_ref_seq.db_align_beg                  349 
_struct_ref_seq.pdbx_db_align_beg_ins_code    ? 
_struct_ref_seq.db_align_end                  451 
_struct_ref_seq.pdbx_db_align_end_ins_code    ? 
_struct_ref_seq.pdbx_auth_seq_align_beg       2 
_struct_ref_seq.pdbx_auth_seq_align_end       104 
# 
loop_
_struct_ref_seq_dif.align_id 
_struct_ref_seq_dif.pdbx_pdb_id_code 
_struct_ref_seq_dif.mon_id 
_struct_ref_seq_dif.pdbx_pdb_strand_id 
_struct_ref_seq_dif.seq_num 
_struct_ref_seq_dif.pdbx_pdb_ins_code 
_struct_ref_seq_dif.pdbx_seq_db_name 
_struct_ref_seq_dif.pdbx_seq_db_accession_code 
_struct_ref_seq_dif.db_mon_id 
_struct_ref_seq_dif.pdbx_seq_db_seq_num 
_struct_ref_seq_dif.details 
_struct_ref_seq_dif.pdbx_auth_seq_num 
_struct_ref_seq_dif.pdbx_ordinal 
1 7DPX HIS A 1  ? UNP P21757 ? ? 'expression tag' -8 1  
1 7DPX HIS A 2  ? UNP P21757 ? ? 'expression tag' -7 2  
1 7DPX HIS A 3  ? UNP P21757 ? ? 'expression tag' -6 3  
1 7DPX HIS A 4  ? UNP P21757 ? ? 'expression tag' -5 4  
1 7DPX HIS A 5  ? UNP P21757 ? ? 'expression tag' -4 5  
1 7DPX HIS A 6  ? UNP P21757 ? ? 'expression tag' -3 6  
1 7DPX GLY A 7  ? UNP P21757 ? ? 'expression tag' -2 7  
1 7DPX SER A 8  ? UNP P21757 ? ? 'expression tag' -1 8  
1 7DPX GLY A 9  ? UNP P21757 ? ? 'expression tag' 0  9  
1 7DPX LEU A 10 ? UNP P21757 ? ? 'expression tag' 1  10 
# 
_pdbx_struct_assembly.id                   1 
_pdbx_struct_assembly.details              author_and_software_defined_assembly 
_pdbx_struct_assembly.method_details       PISA 
_pdbx_struct_assembly.oligomeric_details   monomeric 
_pdbx_struct_assembly.oligomeric_count     1 
# 
loop_
_pdbx_struct_assembly_prop.biol_id 
_pdbx_struct_assembly_prop.type 
_pdbx_struct_assembly_prop.value 
_pdbx_struct_assembly_prop.details 
1 'ABSA (A^2)' 80   ? 
1 MORE         -9   ? 
1 'SSA (A^2)'  5320 ? 
# 
_pdbx_struct_assembly_gen.assembly_id       1 
_pdbx_struct_assembly_gen.oper_expression   1 
_pdbx_struct_assembly_gen.asym_id_list      A,B,C 
# 
_pdbx_struct_assembly_auth_evidence.id                     1 
_pdbx_struct_assembly_auth_evidence.assembly_id            1 
_pdbx_struct_assembly_auth_evidence.experimental_support   cross-linking 
_pdbx_struct_assembly_auth_evidence.details                ? 
# 
_pdbx_struct_oper_list.id                   1 
_pdbx_struct_oper_list.type                 'identity operation' 
_pdbx_struct_oper_list.name                 1_555 
_pdbx_struct_oper_list.symmetry_operation   x,y,z 
_pdbx_struct_oper_list.matrix[1][1]         1.0000000000 
_pdbx_struct_oper_list.matrix[1][2]         0.0000000000 
_pdbx_struct_oper_list.matrix[1][3]         0.0000000000 
_pdbx_struct_oper_list.vector[1]            0.0000000000 
_pdbx_struct_oper_list.matrix[2][1]         0.0000000000 
_pdbx_struct_oper_list.matrix[2][2]         1.0000000000 
_pdbx_struct_oper_list.matrix[2][3]         0.0000000000 
_pdbx_struct_oper_list.vector[2]            0.0000000000 
_pdbx_struct_oper_list.matrix[3][1]         0.0000000000 
_pdbx_struct_oper_list.matrix[3][2]         0.0000000000 
_pdbx_struct_oper_list.matrix[3][3]         1.0000000000 
_pdbx_struct_oper_list.vector[3]            0.0000000000 
# 
loop_
_struct_conf.conf_type_id 
_struct_conf.id 
_struct_conf.pdbx_PDB_helix_id 
_struct_conf.beg_label_comp_id 
_struct_conf.beg_label_asym_id 
_struct_conf.beg_label_seq_id 
_struct_conf.pdbx_beg_PDB_ins_code 
_struct_conf.end_label_comp_id 
_struct_conf.end_label_asym_id 
_struct_conf.end_label_seq_id 
_struct_conf.pdbx_end_PDB_ins_code 
_struct_conf.beg_auth_comp_id 
_struct_conf.beg_auth_asym_id 
_struct_conf.beg_auth_seq_id 
_struct_conf.end_auth_comp_id 
_struct_conf.end_auth_asym_id 
_struct_conf.end_auth_seq_id 
_struct_conf.pdbx_PDB_helix_class 
_struct_conf.details 
_struct_conf.pdbx_PDB_helix_length 
HELX_P HELX_P1 AA1 GLU A 42  ? LEU A 53  ? GLU A 33 LEU A 44 1 ? 12 
HELX_P HELX_P2 AA2 SER A 87  ? CYS A 91  ? SER A 78 CYS A 82 5 ? 5  
HELX_P HELX_P3 AA3 SER A 102 ? ASP A 106 ? SER A 93 ASP A 97 5 ? 5  
# 
_struct_conf_type.id          HELX_P 
_struct_conf_type.criteria    ? 
_struct_conf_type.reference   ? 
# 
loop_
_struct_conn.id 
_struct_conn.conn_type_id 
_struct_conn.pdbx_leaving_atom_flag 
_struct_conn.pdbx_PDB_id 
_struct_conn.ptnr1_label_asym_id 
_struct_conn.ptnr1_label_comp_id 
_struct_conn.ptnr1_label_seq_id 
_struct_conn.ptnr1_label_atom_id 
_struct_conn.pdbx_ptnr1_label_alt_id 
_struct_conn.pdbx_ptnr1_PDB_ins_code 
_struct_conn.pdbx_ptnr1_standard_comp_id 
_struct_conn.ptnr1_symmetry 
_struct_conn.ptnr2_label_asym_id 
_struct_conn.ptnr2_label_comp_id 
_struct_conn.ptnr2_label_seq_id 
_struct_conn.ptnr2_label_atom_id 
_struct_conn.pdbx_ptnr2_label_alt_id 
_struct_conn.pdbx_ptnr2_PDB_ins_code 
_struct_conn.ptnr1_auth_asym_id 
_struct_conn.ptnr1_auth_comp_id 
_struct_conn.ptnr1_auth_seq_id 
_struct_conn.ptnr2_auth_asym_id 
_struct_conn.ptnr2_auth_comp_id 
_struct_conn.ptnr2_auth_seq_id 
_struct_conn.ptnr2_symmetry 
_struct_conn.pdbx_ptnr3_label_atom_id 
_struct_conn.pdbx_ptnr3_label_seq_id 
_struct_conn.pdbx_ptnr3_label_comp_id 
_struct_conn.pdbx_ptnr3_label_asym_id 
_struct_conn.pdbx_ptnr3_label_alt_id 
_struct_conn.pdbx_ptnr3_PDB_ins_code 
_struct_conn.details 
_struct_conn.pdbx_dist_value 
_struct_conn.pdbx_value_order 
_struct_conn.pdbx_role 
disulf1 disulf ? ? A CYS 37  SG  ? ? ? 1_555 A CYS 101 SG ? ? A CYS 28  A CYS 92  1_555 ? ? ? ? ? ? ? 2.051 ? ? 
disulf2 disulf ? ? A CYS 50  SG  ? ? ? 1_555 A CYS 111 SG ? ? A CYS 41  A CYS 102 1_555 ? ? ? ? ? ? ? 2.042 ? ? 
disulf3 disulf ? ? A CYS 81  SG  ? ? ? 1_555 A CYS 91  SG ? ? A CYS 72  A CYS 82  1_555 ? ? ? ? ? ? ? 2.020 ? ? 
metalc1 metalc ? ? A ASP 38  OD1 ? ? ? 1_555 B CA  .   CA ? ? A ASP 29  A CA  201 1_555 ? ? ? ? ? ? ? 2.348 ? ? 
metalc2 metalc ? ? A ASP 39  OD1 ? ? ? 1_555 B CA  .   CA ? ? A ASP 30  A CA  201 1_555 ? ? ? ? ? ? ? 2.348 ? ? 
metalc3 metalc ? ? A GLU 105 OE1 ? ? ? 1_555 B CA  .   CA ? ? A GLU 96  A CA  201 1_555 ? ? ? ? ? ? ? 2.268 ? ? 
metalc4 metalc ? ? B CA  .   CA  ? ? ? 1_555 C HOH .   O  ? ? A CA  201 A HOH 320 1_555 ? ? ? ? ? ? ? 2.667 ? ? 
metalc5 metalc ? ? B CA  .   CA  ? ? ? 1_555 C HOH .   O  ? ? A CA  201 A HOH 382 1_555 ? ? ? ? ? ? ? 2.516 ? ? 
metalc6 metalc ? ? B CA  .   CA  ? ? ? 1_555 C HOH .   O  ? ? A CA  201 A HOH 383 1_555 ? ? ? ? ? ? ? 2.328 ? ? 
# 
loop_
_struct_conn_type.id 
_struct_conn_type.criteria 
_struct_conn_type.reference 
disulf ? ? 
metalc ? ? 
# 
loop_
_pdbx_struct_conn_angle.id 
_pdbx_struct_conn_angle.ptnr1_label_atom_id 
_pdbx_struct_conn_angle.ptnr1_label_alt_id 
_pdbx_struct_conn_angle.ptnr1_label_asym_id 
_pdbx_struct_conn_angle.ptnr1_label_comp_id 
_pdbx_struct_conn_angle.ptnr1_label_seq_id 
_pdbx_struct_conn_angle.ptnr1_auth_atom_id 
_pdbx_struct_conn_angle.ptnr1_auth_asym_id 
_pdbx_struct_conn_angle.ptnr1_auth_comp_id 
_pdbx_struct_conn_angle.ptnr1_auth_seq_id 
_pdbx_struct_conn_angle.ptnr1_PDB_ins_code 
_pdbx_struct_conn_angle.ptnr1_symmetry 
_pdbx_struct_conn_angle.ptnr2_label_atom_id 
_pdbx_struct_conn_angle.ptnr2_label_alt_id 
_pdbx_struct_conn_angle.ptnr2_label_asym_id 
_pdbx_struct_conn_angle.ptnr2_label_comp_id 
_pdbx_struct_conn_angle.ptnr2_label_seq_id 
_pdbx_struct_conn_angle.ptnr2_auth_atom_id 
_pdbx_struct_conn_angle.ptnr2_auth_asym_id 
_pdbx_struct_conn_angle.ptnr2_auth_comp_id 
_pdbx_struct_conn_angle.ptnr2_auth_seq_id 
_pdbx_struct_conn_angle.ptnr2_PDB_ins_code 
_pdbx_struct_conn_angle.ptnr2_symmetry 
_pdbx_struct_conn_angle.ptnr3_label_atom_id 
_pdbx_struct_conn_angle.ptnr3_label_alt_id 
_pdbx_struct_conn_angle.ptnr3_label_asym_id 
_pdbx_struct_conn_angle.ptnr3_label_comp_id 
_pdbx_struct_conn_angle.ptnr3_label_seq_id 
_pdbx_struct_conn_angle.ptnr3_auth_atom_id 
_pdbx_struct_conn_angle.ptnr3_auth_asym_id 
_pdbx_struct_conn_angle.ptnr3_auth_comp_id 
_pdbx_struct_conn_angle.ptnr3_auth_seq_id 
_pdbx_struct_conn_angle.ptnr3_PDB_ins_code 
_pdbx_struct_conn_angle.ptnr3_symmetry 
_pdbx_struct_conn_angle.value 
_pdbx_struct_conn_angle.value_esd 
1  OD1 ? A ASP 38  ? A ASP 29  ? 1_555 CA ? B CA . ? A CA 201 ? 1_555 OD1 ? A ASP 39  ? A ASP 30  ? 1_555 95.0  ? 
2  OD1 ? A ASP 38  ? A ASP 29  ? 1_555 CA ? B CA . ? A CA 201 ? 1_555 OE1 ? A GLU 105 ? A GLU 96  ? 1_555 100.4 ? 
3  OD1 ? A ASP 39  ? A ASP 30  ? 1_555 CA ? B CA . ? A CA 201 ? 1_555 OE1 ? A GLU 105 ? A GLU 96  ? 1_555 85.9  ? 
4  OD1 ? A ASP 38  ? A ASP 29  ? 1_555 CA ? B CA . ? A CA 201 ? 1_555 O   ? C HOH .   ? A HOH 320 ? 1_555 73.0  ? 
5  OD1 ? A ASP 39  ? A ASP 30  ? 1_555 CA ? B CA . ? A CA 201 ? 1_555 O   ? C HOH .   ? A HOH 320 ? 1_555 167.9 ? 
6  OE1 ? A GLU 105 ? A GLU 96  ? 1_555 CA ? B CA . ? A CA 201 ? 1_555 O   ? C HOH .   ? A HOH 320 ? 1_555 94.7  ? 
7  OD1 ? A ASP 38  ? A ASP 29  ? 1_555 CA ? B CA . ? A CA 201 ? 1_555 O   ? C HOH .   ? A HOH 382 ? 1_555 84.1  ? 
8  OD1 ? A ASP 39  ? A ASP 30  ? 1_555 CA ? B CA . ? A CA 201 ? 1_555 O   ? C HOH .   ? A HOH 382 ? 1_555 90.3  ? 
9  OE1 ? A GLU 105 ? A GLU 96  ? 1_555 CA ? B CA . ? A CA 201 ? 1_555 O   ? C HOH .   ? A HOH 382 ? 1_555 174.3 ? 
10 O   ? C HOH .   ? A HOH 320 ? 1_555 CA ? B CA . ? A CA 201 ? 1_555 O   ? C HOH .   ? A HOH 382 ? 1_555 89.9  ? 
11 OD1 ? A ASP 38  ? A ASP 29  ? 1_555 CA ? B CA . ? A CA 201 ? 1_555 O   ? C HOH .   ? A HOH 383 ? 1_555 160.3 ? 
12 OD1 ? A ASP 39  ? A ASP 30  ? 1_555 CA ? B CA . ? A CA 201 ? 1_555 O   ? C HOH .   ? A HOH 383 ? 1_555 102.1 ? 
13 OE1 ? A GLU 105 ? A GLU 96  ? 1_555 CA ? B CA . ? A CA 201 ? 1_555 O   ? C HOH .   ? A HOH 383 ? 1_555 90.6  ? 
14 O   ? C HOH .   ? A HOH 320 ? 1_555 CA ? B CA . ? A CA 201 ? 1_555 O   ? C HOH .   ? A HOH 383 ? 1_555 90.1  ? 
15 O   ? C HOH .   ? A HOH 382 ? 1_555 CA ? B CA . ? A CA 201 ? 1_555 O   ? C HOH .   ? A HOH 383 ? 1_555 86.1  ? 
# 
loop_
_pdbx_modification_feature.ordinal 
_pdbx_modification_feature.label_comp_id 
_pdbx_modification_feature.label_asym_id 
_pdbx_modification_feature.label_seq_id 
_pdbx_modification_feature.label_alt_id 
_pdbx_modification_feature.modified_residue_label_comp_id 
_pdbx_modification_feature.modified_residue_label_asym_id 
_pdbx_modification_feature.modified_residue_label_seq_id 
_pdbx_modification_feature.modified_residue_label_alt_id 
_pdbx_modification_feature.auth_comp_id 
_pdbx_modification_feature.auth_asym_id 
_pdbx_modification_feature.auth_seq_id 
_pdbx_modification_feature.PDB_ins_code 
_pdbx_modification_feature.symmetry 
_pdbx_modification_feature.modified_residue_auth_comp_id 
_pdbx_modification_feature.modified_residue_auth_asym_id 
_pdbx_modification_feature.modified_residue_auth_seq_id 
_pdbx_modification_feature.modified_residue_PDB_ins_code 
_pdbx_modification_feature.modified_residue_symmetry 
_pdbx_modification_feature.comp_id_linking_atom 
_pdbx_modification_feature.modified_residue_id_linking_atom 
_pdbx_modification_feature.modified_residue_id 
_pdbx_modification_feature.ref_pcm_id 
_pdbx_modification_feature.ref_comp_id 
_pdbx_modification_feature.type 
_pdbx_modification_feature.category 
1 CYS A 37 ? CYS A 101 ? CYS A 28 ? 1_555 CYS A 92  ? 1_555 SG SG . . . None 'Disulfide bridge' 
2 CYS A 50 ? CYS A 111 ? CYS A 41 ? 1_555 CYS A 102 ? 1_555 SG SG . . . None 'Disulfide bridge' 
3 CYS A 81 ? CYS A 91  ? CYS A 72 ? 1_555 CYS A 82  ? 1_555 SG SG . . . None 'Disulfide bridge' 
# 
loop_
_struct_sheet.id 
_struct_sheet.type 
_struct_sheet.number_strands 
_struct_sheet.details 
AA1 ? 4 ? 
AA2 ? 4 ? 
AA3 ? 2 ? 
# 
loop_
_struct_sheet_order.sheet_id 
_struct_sheet_order.range_id_1 
_struct_sheet_order.range_id_2 
_struct_sheet_order.offset 
_struct_sheet_order.sense 
AA1 1 2 ? anti-parallel 
AA1 2 3 ? anti-parallel 
AA1 3 4 ? anti-parallel 
AA2 1 2 ? anti-parallel 
AA2 2 3 ? anti-parallel 
AA2 3 4 ? parallel      
AA3 1 2 ? anti-parallel 
# 
loop_
_struct_sheet_range.sheet_id 
_struct_sheet_range.id 
_struct_sheet_range.beg_label_comp_id 
_struct_sheet_range.beg_label_asym_id 
_struct_sheet_range.beg_label_seq_id 
_struct_sheet_range.pdbx_beg_PDB_ins_code 
_struct_sheet_range.end_label_comp_id 
_struct_sheet_range.end_label_asym_id 
_struct_sheet_range.end_label_seq_id 
_struct_sheet_range.pdbx_end_PDB_ins_code 
_struct_sheet_range.beg_auth_comp_id 
_struct_sheet_range.beg_auth_asym_id 
_struct_sheet_range.beg_auth_seq_id 
_struct_sheet_range.end_auth_comp_id 
_struct_sheet_range.end_auth_asym_id 
_struct_sheet_range.end_auth_seq_id 
AA1 1 VAL A 12  ? GLY A 16  ? VAL A 3  GLY A 7   
AA1 2 GLU A 22  ? HIS A 29  ? GLU A 13 HIS A 20  
AA1 3 GLY A 108 ? THR A 112 ? GLY A 99 THR A 103 
AA1 4 GLY A 57  ? HIS A 62  ? GLY A 48 HIS A 53  
AA2 1 VAL A 12  ? GLY A 16  ? VAL A 3  GLY A 7   
AA2 2 GLU A 22  ? HIS A 29  ? GLU A 13 HIS A 20  
AA2 3 GLN A 32  ? ILE A 36  ? GLN A 23 ILE A 27  
AA2 4 ILE A 74  ? LEU A 76  ? ILE A 65 LEU A 67  
AA3 1 VAL A 79  ? PHE A 80  ? VAL A 70 PHE A 71  
AA3 2 LYS A 92  ? ILE A 93  ? LYS A 83 ILE A 84  
# 
loop_
_pdbx_struct_sheet_hbond.sheet_id 
_pdbx_struct_sheet_hbond.range_id_1 
_pdbx_struct_sheet_hbond.range_id_2 
_pdbx_struct_sheet_hbond.range_1_label_atom_id 
_pdbx_struct_sheet_hbond.range_1_label_comp_id 
_pdbx_struct_sheet_hbond.range_1_label_asym_id 
_pdbx_struct_sheet_hbond.range_1_label_seq_id 
_pdbx_struct_sheet_hbond.range_1_PDB_ins_code 
_pdbx_struct_sheet_hbond.range_1_auth_atom_id 
_pdbx_struct_sheet_hbond.range_1_auth_comp_id 
_pdbx_struct_sheet_hbond.range_1_auth_asym_id 
_pdbx_struct_sheet_hbond.range_1_auth_seq_id 
_pdbx_struct_sheet_hbond.range_2_label_atom_id 
_pdbx_struct_sheet_hbond.range_2_label_comp_id 
_pdbx_struct_sheet_hbond.range_2_label_asym_id 
_pdbx_struct_sheet_hbond.range_2_label_seq_id 
_pdbx_struct_sheet_hbond.range_2_PDB_ins_code 
_pdbx_struct_sheet_hbond.range_2_auth_atom_id 
_pdbx_struct_sheet_hbond.range_2_auth_comp_id 
_pdbx_struct_sheet_hbond.range_2_auth_asym_id 
_pdbx_struct_sheet_hbond.range_2_auth_seq_id 
AA1 1 2 N VAL A 15  ? N VAL A 6   O ARG A 24  ? O ARG A 15  
AA1 2 3 N GLY A 23  ? N GLY A 14  O VAL A 109 ? O VAL A 100 
AA1 3 4 O THR A 110 ? O THR A 101 N GLN A 59  ? N GLN A 50  
AA2 1 2 N VAL A 15  ? N VAL A 6   O ARG A 24  ? O ARG A 15  
AA2 2 3 N ILE A 27  ? N ILE A 18  O GLY A 34  ? O GLY A 25  
AA2 3 4 N THR A 35  ? N THR A 26  O TRP A 75  ? O TRP A 66  
AA3 1 2 N PHE A 80  ? N PHE A 71  O LYS A 92  ? O LYS A 83  
# 
_pdbx_entry_details.entry_id                   7DPX 
_pdbx_entry_details.has_ligand_of_interest     N 
_pdbx_entry_details.compound_details           ? 
_pdbx_entry_details.source_details             ? 
_pdbx_entry_details.nonpolymer_details         ? 
_pdbx_entry_details.sequence_details           ? 
_pdbx_entry_details.has_protein_modification   Y 
# 
loop_
_pdbx_validate_close_contact.id 
_pdbx_validate_close_contact.PDB_model_num 
_pdbx_validate_close_contact.auth_atom_id_1 
_pdbx_validate_close_contact.auth_asym_id_1 
_pdbx_validate_close_contact.auth_comp_id_1 
_pdbx_validate_close_contact.auth_seq_id_1 
_pdbx_validate_close_contact.PDB_ins_code_1 
_pdbx_validate_close_contact.label_alt_id_1 
_pdbx_validate_close_contact.auth_atom_id_2 
_pdbx_validate_close_contact.auth_asym_id_2 
_pdbx_validate_close_contact.auth_comp_id_2 
_pdbx_validate_close_contact.auth_seq_id_2 
_pdbx_validate_close_contact.PDB_ins_code_2 
_pdbx_validate_close_contact.label_alt_id_2 
_pdbx_validate_close_contact.dist 
1 1 O   A HOH 352 ? ? O A HOH 385 ? ? 1.87 
2 1 OE2 A GLU 33  ? ? O A HOH 301 ? ? 1.90 
3 1 O   A HOH 373 ? ? O A HOH 391 ? ? 2.17 
4 1 OE1 A GLN 23  ? ? O A HOH 302 ? ? 2.19 
# 
loop_
_pdbx_validate_symm_contact.id 
_pdbx_validate_symm_contact.PDB_model_num 
_pdbx_validate_symm_contact.auth_atom_id_1 
_pdbx_validate_symm_contact.auth_asym_id_1 
_pdbx_validate_symm_contact.auth_comp_id_1 
_pdbx_validate_symm_contact.auth_seq_id_1 
_pdbx_validate_symm_contact.PDB_ins_code_1 
_pdbx_validate_symm_contact.label_alt_id_1 
_pdbx_validate_symm_contact.site_symmetry_1 
_pdbx_validate_symm_contact.auth_atom_id_2 
_pdbx_validate_symm_contact.auth_asym_id_2 
_pdbx_validate_symm_contact.auth_comp_id_2 
_pdbx_validate_symm_contact.auth_seq_id_2 
_pdbx_validate_symm_contact.PDB_ins_code_2 
_pdbx_validate_symm_contact.label_alt_id_2 
_pdbx_validate_symm_contact.site_symmetry_2 
_pdbx_validate_symm_contact.dist 
1 1 O A HOH 373 ? ? 1_555 O A HOH 378 ? ? 4_466 2.01 
2 1 O A HOH 305 ? ? 1_555 O A HOH 385 ? ? 2_664 2.05 
# 
_pdbx_validate_torsion.id              1 
_pdbx_validate_torsion.PDB_model_num   1 
_pdbx_validate_torsion.auth_comp_id    ASN 
_pdbx_validate_torsion.auth_asym_id    A 
_pdbx_validate_torsion.auth_seq_id     68 
_pdbx_validate_torsion.PDB_ins_code    ? 
_pdbx_validate_torsion.label_alt_id    ? 
_pdbx_validate_torsion.phi             -139.32 
_pdbx_validate_torsion.psi             -74.01 
# 
_pdbx_distant_solvent_atoms.id                                1 
_pdbx_distant_solvent_atoms.PDB_model_num                     1 
_pdbx_distant_solvent_atoms.auth_atom_id                      O 
_pdbx_distant_solvent_atoms.label_alt_id                      ? 
_pdbx_distant_solvent_atoms.auth_asym_id                      A 
_pdbx_distant_solvent_atoms.auth_comp_id                      HOH 
_pdbx_distant_solvent_atoms.auth_seq_id                       413 
_pdbx_distant_solvent_atoms.PDB_ins_code                      ? 
_pdbx_distant_solvent_atoms.neighbor_macromolecule_distance   5.84 
_pdbx_distant_solvent_atoms.neighbor_ligand_distance          . 
# 
loop_
_pdbx_unobs_or_zero_occ_residues.id 
_pdbx_unobs_or_zero_occ_residues.PDB_model_num 
_pdbx_unobs_or_zero_occ_residues.polymer_flag 
_pdbx_unobs_or_zero_occ_residues.occupancy_flag 
_pdbx_unobs_or_zero_occ_residues.auth_asym_id 
_pdbx_unobs_or_zero_occ_residues.auth_comp_id 
_pdbx_unobs_or_zero_occ_residues.auth_seq_id 
_pdbx_unobs_or_zero_occ_residues.PDB_ins_code 
_pdbx_unobs_or_zero_occ_residues.label_asym_id 
_pdbx_unobs_or_zero_occ_residues.label_comp_id 
_pdbx_unobs_or_zero_occ_residues.label_seq_id 
1  1 Y 1 A HIS -8 ? A HIS 1  
2  1 Y 1 A HIS -7 ? A HIS 2  
3  1 Y 1 A HIS -6 ? A HIS 3  
4  1 Y 1 A HIS -5 ? A HIS 4  
5  1 Y 1 A HIS -4 ? A HIS 5  
6  1 Y 1 A HIS -3 ? A HIS 6  
7  1 Y 1 A GLY -2 ? A GLY 7  
8  1 Y 1 A SER -1 ? A SER 8  
9  1 Y 1 A GLY 0  ? A GLY 9  
10 1 Y 1 A LEU 1  ? A LEU 10 
# 
loop_
_chem_comp_atom.comp_id 
_chem_comp_atom.atom_id 
_chem_comp_atom.type_symbol 
_chem_comp_atom.pdbx_aromatic_flag 
_chem_comp_atom.pdbx_stereo_config 
_chem_comp_atom.pdbx_ordinal 
ALA N    N  N N 1   
ALA CA   C  N S 2   
ALA C    C  N N 3   
ALA O    O  N N 4   
ALA CB   C  N N 5   
ALA OXT  O  N N 6   
ALA H    H  N N 7   
ALA H2   H  N N 8   
ALA HA   H  N N 9   
ALA HB1  H  N N 10  
ALA HB2  H  N N 11  
ALA HB3  H  N N 12  
ALA HXT  H  N N 13  
ARG N    N  N N 14  
ARG CA   C  N S 15  
ARG C    C  N N 16  
ARG O    O  N N 17  
ARG CB   C  N N 18  
ARG CG   C  N N 19  
ARG CD   C  N N 20  
ARG NE   N  N N 21  
ARG CZ   C  N N 22  
ARG NH1  N  N N 23  
ARG NH2  N  N N 24  
ARG OXT  O  N N 25  
ARG H    H  N N 26  
ARG H2   H  N N 27  
ARG HA   H  N N 28  
ARG HB2  H  N N 29  
ARG HB3  H  N N 30  
ARG HG2  H  N N 31  
ARG HG3  H  N N 32  
ARG HD2  H  N N 33  
ARG HD3  H  N N 34  
ARG HE   H  N N 35  
ARG HH11 H  N N 36  
ARG HH12 H  N N 37  
ARG HH21 H  N N 38  
ARG HH22 H  N N 39  
ARG HXT  H  N N 40  
ASN N    N  N N 41  
ASN CA   C  N S 42  
ASN C    C  N N 43  
ASN O    O  N N 44  
ASN CB   C  N N 45  
ASN CG   C  N N 46  
ASN OD1  O  N N 47  
ASN ND2  N  N N 48  
ASN OXT  O  N N 49  
ASN H    H  N N 50  
ASN H2   H  N N 51  
ASN HA   H  N N 52  
ASN HB2  H  N N 53  
ASN HB3  H  N N 54  
ASN HD21 H  N N 55  
ASN HD22 H  N N 56  
ASN HXT  H  N N 57  
ASP N    N  N N 58  
ASP CA   C  N S 59  
ASP C    C  N N 60  
ASP O    O  N N 61  
ASP CB   C  N N 62  
ASP CG   C  N N 63  
ASP OD1  O  N N 64  
ASP OD2  O  N N 65  
ASP OXT  O  N N 66  
ASP H    H  N N 67  
ASP H2   H  N N 68  
ASP HA   H  N N 69  
ASP HB2  H  N N 70  
ASP HB3  H  N N 71  
ASP HD2  H  N N 72  
ASP HXT  H  N N 73  
CA  CA   CA N N 74  
CYS N    N  N N 75  
CYS CA   C  N R 76  
CYS C    C  N N 77  
CYS O    O  N N 78  
CYS CB   C  N N 79  
CYS SG   S  N N 80  
CYS OXT  O  N N 81  
CYS H    H  N N 82  
CYS H2   H  N N 83  
CYS HA   H  N N 84  
CYS HB2  H  N N 85  
CYS HB3  H  N N 86  
CYS HG   H  N N 87  
CYS HXT  H  N N 88  
GLN N    N  N N 89  
GLN CA   C  N S 90  
GLN C    C  N N 91  
GLN O    O  N N 92  
GLN CB   C  N N 93  
GLN CG   C  N N 94  
GLN CD   C  N N 95  
GLN OE1  O  N N 96  
GLN NE2  N  N N 97  
GLN OXT  O  N N 98  
GLN H    H  N N 99  
GLN H2   H  N N 100 
GLN HA   H  N N 101 
GLN HB2  H  N N 102 
GLN HB3  H  N N 103 
GLN HG2  H  N N 104 
GLN HG3  H  N N 105 
GLN HE21 H  N N 106 
GLN HE22 H  N N 107 
GLN HXT  H  N N 108 
GLU N    N  N N 109 
GLU CA   C  N S 110 
GLU C    C  N N 111 
GLU O    O  N N 112 
GLU CB   C  N N 113 
GLU CG   C  N N 114 
GLU CD   C  N N 115 
GLU OE1  O  N N 116 
GLU OE2  O  N N 117 
GLU OXT  O  N N 118 
GLU H    H  N N 119 
GLU H2   H  N N 120 
GLU HA   H  N N 121 
GLU HB2  H  N N 122 
GLU HB3  H  N N 123 
GLU HG2  H  N N 124 
GLU HG3  H  N N 125 
GLU HE2  H  N N 126 
GLU HXT  H  N N 127 
GLY N    N  N N 128 
GLY CA   C  N N 129 
GLY C    C  N N 130 
GLY O    O  N N 131 
GLY OXT  O  N N 132 
GLY H    H  N N 133 
GLY H2   H  N N 134 
GLY HA2  H  N N 135 
GLY HA3  H  N N 136 
GLY HXT  H  N N 137 
HIS N    N  N N 138 
HIS CA   C  N S 139 
HIS C    C  N N 140 
HIS O    O  N N 141 
HIS CB   C  N N 142 
HIS CG   C  Y N 143 
HIS ND1  N  Y N 144 
HIS CD2  C  Y N 145 
HIS CE1  C  Y N 146 
HIS NE2  N  Y N 147 
HIS OXT  O  N N 148 
HIS H    H  N N 149 
HIS H2   H  N N 150 
HIS HA   H  N N 151 
HIS HB2  H  N N 152 
HIS HB3  H  N N 153 
HIS HD1  H  N N 154 
HIS HD2  H  N N 155 
HIS HE1  H  N N 156 
HIS HE2  H  N N 157 
HIS HXT  H  N N 158 
HOH O    O  N N 159 
HOH H1   H  N N 160 
HOH H2   H  N N 161 
ILE N    N  N N 162 
ILE CA   C  N S 163 
ILE C    C  N N 164 
ILE O    O  N N 165 
ILE CB   C  N S 166 
ILE CG1  C  N N 167 
ILE CG2  C  N N 168 
ILE CD1  C  N N 169 
ILE OXT  O  N N 170 
ILE H    H  N N 171 
ILE H2   H  N N 172 
ILE HA   H  N N 173 
ILE HB   H  N N 174 
ILE HG12 H  N N 175 
ILE HG13 H  N N 176 
ILE HG21 H  N N 177 
ILE HG22 H  N N 178 
ILE HG23 H  N N 179 
ILE HD11 H  N N 180 
ILE HD12 H  N N 181 
ILE HD13 H  N N 182 
ILE HXT  H  N N 183 
LEU N    N  N N 184 
LEU CA   C  N S 185 
LEU C    C  N N 186 
LEU O    O  N N 187 
LEU CB   C  N N 188 
LEU CG   C  N N 189 
LEU CD1  C  N N 190 
LEU CD2  C  N N 191 
LEU OXT  O  N N 192 
LEU H    H  N N 193 
LEU H2   H  N N 194 
LEU HA   H  N N 195 
LEU HB2  H  N N 196 
LEU HB3  H  N N 197 
LEU HG   H  N N 198 
LEU HD11 H  N N 199 
LEU HD12 H  N N 200 
LEU HD13 H  N N 201 
LEU HD21 H  N N 202 
LEU HD22 H  N N 203 
LEU HD23 H  N N 204 
LEU HXT  H  N N 205 
LYS N    N  N N 206 
LYS CA   C  N S 207 
LYS C    C  N N 208 
LYS O    O  N N 209 
LYS CB   C  N N 210 
LYS CG   C  N N 211 
LYS CD   C  N N 212 
LYS CE   C  N N 213 
LYS NZ   N  N N 214 
LYS OXT  O  N N 215 
LYS H    H  N N 216 
LYS H2   H  N N 217 
LYS HA   H  N N 218 
LYS HB2  H  N N 219 
LYS HB3  H  N N 220 
LYS HG2  H  N N 221 
LYS HG3  H  N N 222 
LYS HD2  H  N N 223 
LYS HD3  H  N N 224 
LYS HE2  H  N N 225 
LYS HE3  H  N N 226 
LYS HZ1  H  N N 227 
LYS HZ2  H  N N 228 
LYS HZ3  H  N N 229 
LYS HXT  H  N N 230 
PHE N    N  N N 231 
PHE CA   C  N S 232 
PHE C    C  N N 233 
PHE O    O  N N 234 
PHE CB   C  N N 235 
PHE CG   C  Y N 236 
PHE CD1  C  Y N 237 
PHE CD2  C  Y N 238 
PHE CE1  C  Y N 239 
PHE CE2  C  Y N 240 
PHE CZ   C  Y N 241 
PHE OXT  O  N N 242 
PHE H    H  N N 243 
PHE H2   H  N N 244 
PHE HA   H  N N 245 
PHE HB2  H  N N 246 
PHE HB3  H  N N 247 
PHE HD1  H  N N 248 
PHE HD2  H  N N 249 
PHE HE1  H  N N 250 
PHE HE2  H  N N 251 
PHE HZ   H  N N 252 
PHE HXT  H  N N 253 
PRO N    N  N N 254 
PRO CA   C  N S 255 
PRO C    C  N N 256 
PRO O    O  N N 257 
PRO CB   C  N N 258 
PRO CG   C  N N 259 
PRO CD   C  N N 260 
PRO OXT  O  N N 261 
PRO H    H  N N 262 
PRO HA   H  N N 263 
PRO HB2  H  N N 264 
PRO HB3  H  N N 265 
PRO HG2  H  N N 266 
PRO HG3  H  N N 267 
PRO HD2  H  N N 268 
PRO HD3  H  N N 269 
PRO HXT  H  N N 270 
SER N    N  N N 271 
SER CA   C  N S 272 
SER C    C  N N 273 
SER O    O  N N 274 
SER CB   C  N N 275 
SER OG   O  N N 276 
SER OXT  O  N N 277 
SER H    H  N N 278 
SER H2   H  N N 279 
SER HA   H  N N 280 
SER HB2  H  N N 281 
SER HB3  H  N N 282 
SER HG   H  N N 283 
SER HXT  H  N N 284 
THR N    N  N N 285 
THR CA   C  N S 286 
THR C    C  N N 287 
THR O    O  N N 288 
THR CB   C  N R 289 
THR OG1  O  N N 290 
THR CG2  C  N N 291 
THR OXT  O  N N 292 
THR H    H  N N 293 
THR H2   H  N N 294 
THR HA   H  N N 295 
THR HB   H  N N 296 
THR HG1  H  N N 297 
THR HG21 H  N N 298 
THR HG22 H  N N 299 
THR HG23 H  N N 300 
THR HXT  H  N N 301 
TRP N    N  N N 302 
TRP CA   C  N S 303 
TRP C    C  N N 304 
TRP O    O  N N 305 
TRP CB   C  N N 306 
TRP CG   C  Y N 307 
TRP CD1  C  Y N 308 
TRP CD2  C  Y N 309 
TRP NE1  N  Y N 310 
TRP CE2  C  Y N 311 
TRP CE3  C  Y N 312 
TRP CZ2  C  Y N 313 
TRP CZ3  C  Y N 314 
TRP CH2  C  Y N 315 
TRP OXT  O  N N 316 
TRP H    H  N N 317 
TRP H2   H  N N 318 
TRP HA   H  N N 319 
TRP HB2  H  N N 320 
TRP HB3  H  N N 321 
TRP HD1  H  N N 322 
TRP HE1  H  N N 323 
TRP HE3  H  N N 324 
TRP HZ2  H  N N 325 
TRP HZ3  H  N N 326 
TRP HH2  H  N N 327 
TRP HXT  H  N N 328 
TYR N    N  N N 329 
TYR CA   C  N S 330 
TYR C    C  N N 331 
TYR O    O  N N 332 
TYR CB   C  N N 333 
TYR CG   C  Y N 334 
TYR CD1  C  Y N 335 
TYR CD2  C  Y N 336 
TYR CE1  C  Y N 337 
TYR CE2  C  Y N 338 
TYR CZ   C  Y N 339 
TYR OH   O  N N 340 
TYR OXT  O  N N 341 
TYR H    H  N N 342 
TYR H2   H  N N 343 
TYR HA   H  N N 344 
TYR HB2  H  N N 345 
TYR HB3  H  N N 346 
TYR HD1  H  N N 347 
TYR HD2  H  N N 348 
TYR HE1  H  N N 349 
TYR HE2  H  N N 350 
TYR HH   H  N N 351 
TYR HXT  H  N N 352 
VAL N    N  N N 353 
VAL CA   C  N S 354 
VAL C    C  N N 355 
VAL O    O  N N 356 
VAL CB   C  N N 357 
VAL CG1  C  N N 358 
VAL CG2  C  N N 359 
VAL OXT  O  N N 360 
VAL H    H  N N 361 
VAL H2   H  N N 362 
VAL HA   H  N N 363 
VAL HB   H  N N 364 
VAL HG11 H  N N 365 
VAL HG12 H  N N 366 
VAL HG13 H  N N 367 
VAL HG21 H  N N 368 
VAL HG22 H  N N 369 
VAL HG23 H  N N 370 
VAL HXT  H  N N 371 
# 
loop_
_chem_comp_bond.comp_id 
_chem_comp_bond.atom_id_1 
_chem_comp_bond.atom_id_2 
_chem_comp_bond.value_order 
_chem_comp_bond.pdbx_aromatic_flag 
_chem_comp_bond.pdbx_stereo_config 
_chem_comp_bond.pdbx_ordinal 
ALA N   CA   sing N N 1   
ALA N   H    sing N N 2   
ALA N   H2   sing N N 3   
ALA CA  C    sing N N 4   
ALA CA  CB   sing N N 5   
ALA CA  HA   sing N N 6   
ALA C   O    doub N N 7   
ALA C   OXT  sing N N 8   
ALA CB  HB1  sing N N 9   
ALA CB  HB2  sing N N 10  
ALA CB  HB3  sing N N 11  
ALA OXT HXT  sing N N 12  
ARG N   CA   sing N N 13  
ARG N   H    sing N N 14  
ARG N   H2   sing N N 15  
ARG CA  C    sing N N 16  
ARG CA  CB   sing N N 17  
ARG CA  HA   sing N N 18  
ARG C   O    doub N N 19  
ARG C   OXT  sing N N 20  
ARG CB  CG   sing N N 21  
ARG CB  HB2  sing N N 22  
ARG CB  HB3  sing N N 23  
ARG CG  CD   sing N N 24  
ARG CG  HG2  sing N N 25  
ARG CG  HG3  sing N N 26  
ARG CD  NE   sing N N 27  
ARG CD  HD2  sing N N 28  
ARG CD  HD3  sing N N 29  
ARG NE  CZ   sing N N 30  
ARG NE  HE   sing N N 31  
ARG CZ  NH1  sing N N 32  
ARG CZ  NH2  doub N N 33  
ARG NH1 HH11 sing N N 34  
ARG NH1 HH12 sing N N 35  
ARG NH2 HH21 sing N N 36  
ARG NH2 HH22 sing N N 37  
ARG OXT HXT  sing N N 38  
ASN N   CA   sing N N 39  
ASN N   H    sing N N 40  
ASN N   H2   sing N N 41  
ASN CA  C    sing N N 42  
ASN CA  CB   sing N N 43  
ASN CA  HA   sing N N 44  
ASN C   O    doub N N 45  
ASN C   OXT  sing N N 46  
ASN CB  CG   sing N N 47  
ASN CB  HB2  sing N N 48  
ASN CB  HB3  sing N N 49  
ASN CG  OD1  doub N N 50  
ASN CG  ND2  sing N N 51  
ASN ND2 HD21 sing N N 52  
ASN ND2 HD22 sing N N 53  
ASN OXT HXT  sing N N 54  
ASP N   CA   sing N N 55  
ASP N   H    sing N N 56  
ASP N   H2   sing N N 57  
ASP CA  C    sing N N 58  
ASP CA  CB   sing N N 59  
ASP CA  HA   sing N N 60  
ASP C   O    doub N N 61  
ASP C   OXT  sing N N 62  
ASP CB  CG   sing N N 63  
ASP CB  HB2  sing N N 64  
ASP CB  HB3  sing N N 65  
ASP CG  OD1  doub N N 66  
ASP CG  OD2  sing N N 67  
ASP OD2 HD2  sing N N 68  
ASP OXT HXT  sing N N 69  
CYS N   CA   sing N N 70  
CYS N   H    sing N N 71  
CYS N   H2   sing N N 72  
CYS CA  C    sing N N 73  
CYS CA  CB   sing N N 74  
CYS CA  HA   sing N N 75  
CYS C   O    doub N N 76  
CYS C   OXT  sing N N 77  
CYS CB  SG   sing N N 78  
CYS CB  HB2  sing N N 79  
CYS CB  HB3  sing N N 80  
CYS SG  HG   sing N N 81  
CYS OXT HXT  sing N N 82  
GLN N   CA   sing N N 83  
GLN N   H    sing N N 84  
GLN N   H2   sing N N 85  
GLN CA  C    sing N N 86  
GLN CA  CB   sing N N 87  
GLN CA  HA   sing N N 88  
GLN C   O    doub N N 89  
GLN C   OXT  sing N N 90  
GLN CB  CG   sing N N 91  
GLN CB  HB2  sing N N 92  
GLN CB  HB3  sing N N 93  
GLN CG  CD   sing N N 94  
GLN CG  HG2  sing N N 95  
GLN CG  HG3  sing N N 96  
GLN CD  OE1  doub N N 97  
GLN CD  NE2  sing N N 98  
GLN NE2 HE21 sing N N 99  
GLN NE2 HE22 sing N N 100 
GLN OXT HXT  sing N N 101 
GLU N   CA   sing N N 102 
GLU N   H    sing N N 103 
GLU N   H2   sing N N 104 
GLU CA  C    sing N N 105 
GLU CA  CB   sing N N 106 
GLU CA  HA   sing N N 107 
GLU C   O    doub N N 108 
GLU C   OXT  sing N N 109 
GLU CB  CG   sing N N 110 
GLU CB  HB2  sing N N 111 
GLU CB  HB3  sing N N 112 
GLU CG  CD   sing N N 113 
GLU CG  HG2  sing N N 114 
GLU CG  HG3  sing N N 115 
GLU CD  OE1  doub N N 116 
GLU CD  OE2  sing N N 117 
GLU OE2 HE2  sing N N 118 
GLU OXT HXT  sing N N 119 
GLY N   CA   sing N N 120 
GLY N   H    sing N N 121 
GLY N   H2   sing N N 122 
GLY CA  C    sing N N 123 
GLY CA  HA2  sing N N 124 
GLY CA  HA3  sing N N 125 
GLY C   O    doub N N 126 
GLY C   OXT  sing N N 127 
GLY OXT HXT  sing N N 128 
HIS N   CA   sing N N 129 
HIS N   H    sing N N 130 
HIS N   H2   sing N N 131 
HIS CA  C    sing N N 132 
HIS CA  CB   sing N N 133 
HIS CA  HA   sing N N 134 
HIS C   O    doub N N 135 
HIS C   OXT  sing N N 136 
HIS CB  CG   sing N N 137 
HIS CB  HB2  sing N N 138 
HIS CB  HB3  sing N N 139 
HIS CG  ND1  sing Y N 140 
HIS CG  CD2  doub Y N 141 
HIS ND1 CE1  doub Y N 142 
HIS ND1 HD1  sing N N 143 
HIS CD2 NE2  sing Y N 144 
HIS CD2 HD2  sing N N 145 
HIS CE1 NE2  sing Y N 146 
HIS CE1 HE1  sing N N 147 
HIS NE2 HE2  sing N N 148 
HIS OXT HXT  sing N N 149 
HOH O   H1   sing N N 150 
HOH O   H2   sing N N 151 
ILE N   CA   sing N N 152 
ILE N   H    sing N N 153 
ILE N   H2   sing N N 154 
ILE CA  C    sing N N 155 
ILE CA  CB   sing N N 156 
ILE CA  HA   sing N N 157 
ILE C   O    doub N N 158 
ILE C   OXT  sing N N 159 
ILE CB  CG1  sing N N 160 
ILE CB  CG2  sing N N 161 
ILE CB  HB   sing N N 162 
ILE CG1 CD1  sing N N 163 
ILE CG1 HG12 sing N N 164 
ILE CG1 HG13 sing N N 165 
ILE CG2 HG21 sing N N 166 
ILE CG2 HG22 sing N N 167 
ILE CG2 HG23 sing N N 168 
ILE CD1 HD11 sing N N 169 
ILE CD1 HD12 sing N N 170 
ILE CD1 HD13 sing N N 171 
ILE OXT HXT  sing N N 172 
LEU N   CA   sing N N 173 
LEU N   H    sing N N 174 
LEU N   H2   sing N N 175 
LEU CA  C    sing N N 176 
LEU CA  CB   sing N N 177 
LEU CA  HA   sing N N 178 
LEU C   O    doub N N 179 
LEU C   OXT  sing N N 180 
LEU CB  CG   sing N N 181 
LEU CB  HB2  sing N N 182 
LEU CB  HB3  sing N N 183 
LEU CG  CD1  sing N N 184 
LEU CG  CD2  sing N N 185 
LEU CG  HG   sing N N 186 
LEU CD1 HD11 sing N N 187 
LEU CD1 HD12 sing N N 188 
LEU CD1 HD13 sing N N 189 
LEU CD2 HD21 sing N N 190 
LEU CD2 HD22 sing N N 191 
LEU CD2 HD23 sing N N 192 
LEU OXT HXT  sing N N 193 
LYS N   CA   sing N N 194 
LYS N   H    sing N N 195 
LYS N   H2   sing N N 196 
LYS CA  C    sing N N 197 
LYS CA  CB   sing N N 198 
LYS CA  HA   sing N N 199 
LYS C   O    doub N N 200 
LYS C   OXT  sing N N 201 
LYS CB  CG   sing N N 202 
LYS CB  HB2  sing N N 203 
LYS CB  HB3  sing N N 204 
LYS CG  CD   sing N N 205 
LYS CG  HG2  sing N N 206 
LYS CG  HG3  sing N N 207 
LYS CD  CE   sing N N 208 
LYS CD  HD2  sing N N 209 
LYS CD  HD3  sing N N 210 
LYS CE  NZ   sing N N 211 
LYS CE  HE2  sing N N 212 
LYS CE  HE3  sing N N 213 
LYS NZ  HZ1  sing N N 214 
LYS NZ  HZ2  sing N N 215 
LYS NZ  HZ3  sing N N 216 
LYS OXT HXT  sing N N 217 
PHE N   CA   sing N N 218 
PHE N   H    sing N N 219 
PHE N   H2   sing N N 220 
PHE CA  C    sing N N 221 
PHE CA  CB   sing N N 222 
PHE CA  HA   sing N N 223 
PHE C   O    doub N N 224 
PHE C   OXT  sing N N 225 
PHE CB  CG   sing N N 226 
PHE CB  HB2  sing N N 227 
PHE CB  HB3  sing N N 228 
PHE CG  CD1  doub Y N 229 
PHE CG  CD2  sing Y N 230 
PHE CD1 CE1  sing Y N 231 
PHE CD1 HD1  sing N N 232 
PHE CD2 CE2  doub Y N 233 
PHE CD2 HD2  sing N N 234 
PHE CE1 CZ   doub Y N 235 
PHE CE1 HE1  sing N N 236 
PHE CE2 CZ   sing Y N 237 
PHE CE2 HE2  sing N N 238 
PHE CZ  HZ   sing N N 239 
PHE OXT HXT  sing N N 240 
PRO N   CA   sing N N 241 
PRO N   CD   sing N N 242 
PRO N   H    sing N N 243 
PRO CA  C    sing N N 244 
PRO CA  CB   sing N N 245 
PRO CA  HA   sing N N 246 
PRO C   O    doub N N 247 
PRO C   OXT  sing N N 248 
PRO CB  CG   sing N N 249 
PRO CB  HB2  sing N N 250 
PRO CB  HB3  sing N N 251 
PRO CG  CD   sing N N 252 
PRO CG  HG2  sing N N 253 
PRO CG  HG3  sing N N 254 
PRO CD  HD2  sing N N 255 
PRO CD  HD3  sing N N 256 
PRO OXT HXT  sing N N 257 
SER N   CA   sing N N 258 
SER N   H    sing N N 259 
SER N   H2   sing N N 260 
SER CA  C    sing N N 261 
SER CA  CB   sing N N 262 
SER CA  HA   sing N N 263 
SER C   O    doub N N 264 
SER C   OXT  sing N N 265 
SER CB  OG   sing N N 266 
SER CB  HB2  sing N N 267 
SER CB  HB3  sing N N 268 
SER OG  HG   sing N N 269 
SER OXT HXT  sing N N 270 
THR N   CA   sing N N 271 
THR N   H    sing N N 272 
THR N   H2   sing N N 273 
THR CA  C    sing N N 274 
THR CA  CB   sing N N 275 
THR CA  HA   sing N N 276 
THR C   O    doub N N 277 
THR C   OXT  sing N N 278 
THR CB  OG1  sing N N 279 
THR CB  CG2  sing N N 280 
THR CB  HB   sing N N 281 
THR OG1 HG1  sing N N 282 
THR CG2 HG21 sing N N 283 
THR CG2 HG22 sing N N 284 
THR CG2 HG23 sing N N 285 
THR OXT HXT  sing N N 286 
TRP N   CA   sing N N 287 
TRP N   H    sing N N 288 
TRP N   H2   sing N N 289 
TRP CA  C    sing N N 290 
TRP CA  CB   sing N N 291 
TRP CA  HA   sing N N 292 
TRP C   O    doub N N 293 
TRP C   OXT  sing N N 294 
TRP CB  CG   sing N N 295 
TRP CB  HB2  sing N N 296 
TRP CB  HB3  sing N N 297 
TRP CG  CD1  doub Y N 298 
TRP CG  CD2  sing Y N 299 
TRP CD1 NE1  sing Y N 300 
TRP CD1 HD1  sing N N 301 
TRP CD2 CE2  doub Y N 302 
TRP CD2 CE3  sing Y N 303 
TRP NE1 CE2  sing Y N 304 
TRP NE1 HE1  sing N N 305 
TRP CE2 CZ2  sing Y N 306 
TRP CE3 CZ3  doub Y N 307 
TRP CE3 HE3  sing N N 308 
TRP CZ2 CH2  doub Y N 309 
TRP CZ2 HZ2  sing N N 310 
TRP CZ3 CH2  sing Y N 311 
TRP CZ3 HZ3  sing N N 312 
TRP CH2 HH2  sing N N 313 
TRP OXT HXT  sing N N 314 
TYR N   CA   sing N N 315 
TYR N   H    sing N N 316 
TYR N   H2   sing N N 317 
TYR CA  C    sing N N 318 
TYR CA  CB   sing N N 319 
TYR CA  HA   sing N N 320 
TYR C   O    doub N N 321 
TYR C   OXT  sing N N 322 
TYR CB  CG   sing N N 323 
TYR CB  HB2  sing N N 324 
TYR CB  HB3  sing N N 325 
TYR CG  CD1  doub Y N 326 
TYR CG  CD2  sing Y N 327 
TYR CD1 CE1  sing Y N 328 
TYR CD1 HD1  sing N N 329 
TYR CD2 CE2  doub Y N 330 
TYR CD2 HD2  sing N N 331 
TYR CE1 CZ   doub Y N 332 
TYR CE1 HE1  sing N N 333 
TYR CE2 CZ   sing Y N 334 
TYR CE2 HE2  sing N N 335 
TYR CZ  OH   sing N N 336 
TYR OH  HH   sing N N 337 
TYR OXT HXT  sing N N 338 
VAL N   CA   sing N N 339 
VAL N   H    sing N N 340 
VAL N   H2   sing N N 341 
VAL CA  C    sing N N 342 
VAL CA  CB   sing N N 343 
VAL CA  HA   sing N N 344 
VAL C   O    doub N N 345 
VAL C   OXT  sing N N 346 
VAL CB  CG1  sing N N 347 
VAL CB  CG2  sing N N 348 
VAL CB  HB   sing N N 349 
VAL CG1 HG11 sing N N 350 
VAL CG1 HG12 sing N N 351 
VAL CG1 HG13 sing N N 352 
VAL CG2 HG21 sing N N 353 
VAL CG2 HG22 sing N N 354 
VAL CG2 HG23 sing N N 355 
VAL OXT HXT  sing N N 356 
# 
_pdbx_audit_support.funding_organization   'Chinese Academy of Sciences' 
_pdbx_audit_support.country                China 
_pdbx_audit_support.grant_number           ? 
_pdbx_audit_support.ordinal                1 
# 
_pdbx_initial_refinement_model.id               1 
_pdbx_initial_refinement_model.entity_id_list   ? 
_pdbx_initial_refinement_model.type             'experimental model' 
_pdbx_initial_refinement_model.source_name      PDB 
_pdbx_initial_refinement_model.accession_code   6J02 
_pdbx_initial_refinement_model.details          ? 
# 
_atom_sites.entry_id                    7DPX 
_atom_sites.Cartn_transf_matrix[1][1]   ? 
_atom_sites.Cartn_transf_matrix[1][2]   ? 
_atom_sites.Cartn_transf_matrix[1][3]   ? 
_atom_sites.Cartn_transf_matrix[2][1]   ? 
_atom_sites.Cartn_transf_matrix[2][2]   ? 
_atom_sites.Cartn_transf_matrix[2][3]   ? 
_atom_sites.Cartn_transf_matrix[3][1]   ? 
_atom_sites.Cartn_transf_matrix[3][2]   ? 
_atom_sites.Cartn_transf_matrix[3][3]   ? 
_atom_sites.Cartn_transf_vector[1]      ? 
_atom_sites.Cartn_transf_vector[2]      ? 
_atom_sites.Cartn_transf_vector[3]      ? 
_atom_sites.fract_transf_matrix[1][1]   -0.01763488 
_atom_sites.fract_transf_matrix[1][2]   0.00789798 
_atom_sites.fract_transf_matrix[1][3]   0.01886396 
_atom_sites.fract_transf_matrix[2][1]   0.01302791 
_atom_sites.fract_transf_matrix[2][2]   0.00738570 
_atom_sites.fract_transf_matrix[2][3]   0.00908683 
_atom_sites.fract_transf_matrix[3][1]   -0.00229519 
_atom_sites.fract_transf_matrix[3][2]   0.01379381 
_atom_sites.fract_transf_matrix[3][3]   -0.00792085 
_atom_sites.fract_transf_vector[1]      0.797269 
_atom_sites.fract_transf_vector[2]      0.567758 
_atom_sites.fract_transf_vector[3]      0.354823 
_atom_sites.solution_primary            ? 
_atom_sites.solution_secondary          ? 
_atom_sites.solution_hydrogens          ? 
_atom_sites.special_details             ? 
# 
loop_
_atom_type.symbol 
C  
CA 
N  
O  
S  
# 
loop_
_atom_site.group_PDB 
_atom_site.id 
_atom_site.type_symbol 
_atom_site.label_atom_id 
_atom_site.label_alt_id 
_atom_site.label_comp_id 
_atom_site.label_asym_id 
_atom_site.label_entity_id 
_atom_site.label_seq_id 
_atom_site.pdbx_PDB_ins_code 
_atom_site.Cartn_x 
_atom_site.Cartn_y 
_atom_site.Cartn_z 
_atom_site.occupancy 
_atom_site.B_iso_or_equiv 
_atom_site.pdbx_formal_charge 
_atom_site.auth_seq_id 
_atom_site.auth_comp_id 
_atom_site.auth_asym_id 
_atom_site.auth_atom_id 
_atom_site.pdbx_PDB_model_num 
ATOM   1   N  N   . LYS A 1 11  ? -9.964  1.076   -5.574  1.00 52.26 ? 2   LYS A N   1 
ATOM   2   C  CA  . LYS A 1 11  ? -9.838  -0.248  -4.978  1.00 48.25 ? 2   LYS A CA  1 
ATOM   3   C  C   . LYS A 1 11  ? -8.405  -0.486  -4.509  1.00 43.57 ? 2   LYS A C   1 
ATOM   4   O  O   . LYS A 1 11  ? -7.505  0.337   -4.694  1.00 39.06 ? 2   LYS A O   1 
ATOM   5   C  CB  . LYS A 1 11  ? -10.245 -1.338  -5.977  1.00 48.22 ? 2   LYS A CB  1 
ATOM   6   C  CG  . LYS A 1 11  ? -11.715 -1.659  -6.023  1.00 52.47 ? 2   LYS A CG  1 
ATOM   7   C  CD  . LYS A 1 11  ? -11.990 -2.689  -7.110  1.00 53.72 ? 2   LYS A CD  1 
ATOM   8   C  CE  . LYS A 1 11  ? -13.487 -2.831  -7.370  1.00 62.06 ? 2   LYS A CE  1 
ATOM   9   N  NZ  . LYS A 1 11  ? -14.280 -3.018  -6.114  1.00 59.68 ? 2   LYS A NZ  1 
ATOM   10  N  N   . VAL A 1 12  ? -8.190  -1.656  -3.921  1.00 39.00 ? 3   VAL A N   1 
ATOM   11  C  CA  . VAL A 1 12  ? -6.872  -2.028  -3.430  1.00 35.23 ? 3   VAL A CA  1 
ATOM   12  C  C   . VAL A 1 12  ? -6.718  -3.533  -3.596  1.00 30.68 ? 3   VAL A C   1 
ATOM   13  O  O   . VAL A 1 12  ? -7.678  -4.287  -3.429  1.00 34.73 ? 3   VAL A O   1 
ATOM   14  C  CB  . VAL A 1 12  ? -6.692  -1.568  -1.965  1.00 35.07 ? 3   VAL A CB  1 
ATOM   15  C  CG1 . VAL A 1 12  ? -7.882  -2.007  -1.119  1.00 41.72 ? 3   VAL A CG1 1 
ATOM   16  C  CG2 . VAL A 1 12  ? -5.375  -2.088  -1.375  1.00 29.82 ? 3   VAL A CG2 1 
ATOM   17  N  N   . ARG A 1 13  ? -5.517  -3.968  -3.961  1.00 29.19 ? 4   ARG A N   1 
ATOM   18  C  CA  . ARG A 1 13  ? -5.231  -5.388  -4.090  1.00 32.89 ? 4   ARG A CA  1 
ATOM   19  C  C   . ARG A 1 13  ? -3.786  -5.639  -3.682  1.00 28.84 ? 4   ARG A C   1 
ATOM   20  O  O   . ARG A 1 13  ? -2.948  -4.732  -3.711  1.00 27.40 ? 4   ARG A O   1 
ATOM   21  C  CB  . ARG A 1 13  ? -5.478  -5.863  -5.525  1.00 34.52 ? 4   ARG A CB  1 
ATOM   22  C  CG  . ARG A 1 13  ? -4.459  -5.343  -6.506  1.00 32.64 ? 4   ARG A CG  1 
ATOM   23  C  CD  . ARG A 1 13  ? -4.963  -5.412  -7.943  1.00 35.03 ? 4   ARG A CD  1 
ATOM   24  N  NE  . ARG A 1 13  ? -3.954  -4.901  -8.871  1.00 32.66 ? 4   ARG A NE  1 
ATOM   25  C  CZ  . ARG A 1 13  ? -4.107  -4.859  -10.189 1.00 36.46 ? 4   ARG A CZ  1 
ATOM   26  N  NH1 . ARG A 1 13  ? -5.234  -5.295  -10.735 1.00 40.55 ? 4   ARG A NH1 1 
ATOM   27  N  NH2 . ARG A 1 13  ? -3.137  -4.387  -10.955 1.00 31.58 ? 4   ARG A NH2 1 
ATOM   28  N  N   . LEU A 1 14  ? -3.500  -6.885  -3.312  1.00 26.01 ? 5   LEU A N   1 
ATOM   29  C  CA  . LEU A 1 14  ? -2.148  -7.327  -2.996  1.00 26.40 ? 5   LEU A CA  1 
ATOM   30  C  C   . LEU A 1 14  ? -1.669  -8.282  -4.080  1.00 27.60 ? 5   LEU A C   1 
ATOM   31  O  O   . LEU A 1 14  ? -2.416  -9.163  -4.515  1.00 32.58 ? 5   LEU A O   1 
ATOM   32  C  CB  . LEU A 1 14  ? -2.093  -8.027  -1.633  1.00 26.02 ? 5   LEU A CB  1 
ATOM   33  C  CG  . LEU A 1 14  ? -2.678  -7.220  -0.479  1.00 26.74 ? 5   LEU A CG  1 
ATOM   34  C  CD1 . LEU A 1 14  ? -2.504  -7.969  0.826   1.00 26.01 ? 5   LEU A CD1 1 
ATOM   35  C  CD2 . LEU A 1 14  ? -2.020  -5.843  -0.408  1.00 24.43 ? 5   LEU A CD2 1 
ATOM   36  N  N   . VAL A 1 15  ? -0.421  -8.126  -4.504  1.00 24.18 ? 6   VAL A N   1 
ATOM   37  C  CA  . VAL A 1 15  ? 0.110   -8.897  -5.623  1.00 27.55 ? 6   VAL A CA  1 
ATOM   38  C  C   . VAL A 1 15  ? 1.474   -9.444  -5.249  1.00 24.18 ? 6   VAL A C   1 
ATOM   39  O  O   . VAL A 1 15  ? 2.288   -8.742  -4.641  1.00 24.72 ? 6   VAL A O   1 
ATOM   40  C  CB  . VAL A 1 15  ? 0.209   -8.033  -6.906  1.00 21.32 ? 6   VAL A CB  1 
ATOM   41  C  CG1 . VAL A 1 15  ? 0.727   -8.854  -8.078  1.00 30.57 ? 6   VAL A CG1 1 
ATOM   42  C  CG2 . VAL A 1 15  ? -1.135  -7.433  -7.242  1.00 29.08 ? 6   VAL A CG2 1 
ATOM   43  N  N   . GLY A 1 16  ? 1.738   -10.686 -5.641  1.00 26.45 ? 7   GLY A N   1 
ATOM   44  C  CA  . GLY A 1 16  ? 3.058   -11.258 -5.488  1.00 27.27 ? 7   GLY A CA  1 
ATOM   45  C  C   . GLY A 1 16  ? 3.299   -12.013 -4.200  1.00 29.28 ? 7   GLY A C   1 
ATOM   46  O  O   . GLY A 1 16  ? 4.438   -12.432 -3.955  1.00 27.45 ? 7   GLY A O   1 
ATOM   47  N  N   . GLY A 1 17  ? 2.278   -12.195 -3.360  1.00 26.73 ? 8   GLY A N   1 
ATOM   48  C  CA  . GLY A 1 17  ? 2.491   -12.838 -2.077  1.00 28.00 ? 8   GLY A CA  1 
ATOM   49  C  C   . GLY A 1 17  ? 2.290   -14.341 -2.150  1.00 29.46 ? 8   GLY A C   1 
ATOM   50  O  O   . GLY A 1 17  ? 1.912   -14.877 -3.185  1.00 29.38 ? 8   GLY A O   1 
ATOM   51  N  N   . SER A 1 18  ? 2.554   -15.017 -1.022  1.00 29.57 ? 9   SER A N   1 
ATOM   52  C  CA  . SER A 1 18  ? 2.315   -16.455 -0.953  1.00 28.36 ? 9   SER A CA  1 
ATOM   53  C  C   . SER A 1 18  ? 0.835   -16.789 -0.836  1.00 30.73 ? 9   SER A C   1 
ATOM   54  O  O   . SER A 1 18  ? 0.462   -17.967 -0.961  1.00 29.71 ? 9   SER A O   1 
ATOM   55  C  CB  . SER A 1 18  ? 3.072   -17.065 0.236   1.00 29.37 ? 9   SER A CB  1 
ATOM   56  O  OG  . SER A 1 18  ? 2.576   -16.545 1.454   1.00 27.71 ? 9   SER A OG  1 
ATOM   57  N  N   . GLY A 1 19  ? 0.007   -15.792 -0.554  1.00 22.57 ? 10  GLY A N   1 
ATOM   58  C  CA  . GLY A 1 19  ? -1.431  -15.899 -0.534  1.00 26.82 ? 10  GLY A CA  1 
ATOM   59  C  C   . GLY A 1 19  ? -2.029  -14.505 -0.615  1.00 27.11 ? 10  GLY A C   1 
ATOM   60  O  O   . GLY A 1 19  ? -1.311  -13.507 -0.516  1.00 25.75 ? 10  GLY A O   1 
ATOM   61  N  N   . PRO A 1 20  ? -3.354  -14.405 -0.769  1.00 27.96 ? 11  PRO A N   1 
ATOM   62  C  CA  . PRO A 1 20  ? -3.995  -13.074 -0.855  1.00 25.76 ? 11  PRO A CA  1 
ATOM   63  C  C   . PRO A 1 20  ? -3.818  -12.227 0.395   1.00 28.18 ? 11  PRO A C   1 
ATOM   64  O  O   . PRO A 1 20  ? -4.154  -11.038 0.367   1.00 21.69 ? 11  PRO A O   1 
ATOM   65  C  CB  . PRO A 1 20  ? -5.483  -13.393 -1.070  1.00 24.52 ? 11  PRO A CB  1 
ATOM   66  C  CG  . PRO A 1 20  ? -5.602  -14.872 -1.186  1.00 32.37 ? 11  PRO A CG  1 
ATOM   67  C  CD  . PRO A 1 20  ? -4.328  -15.507 -0.717  1.00 27.99 ? 11  PRO A CD  1 
ATOM   68  N  N   . HIS A 1 21  ? -3.315  -12.794 1.493   1.00 24.93 ? 12  HIS A N   1 
ATOM   69  C  CA  . HIS A 1 21  ? -3.154  -12.026 2.725   1.00 24.11 ? 12  HIS A CA  1 
ATOM   70  C  C   . HIS A 1 21  ? -1.920  -11.131 2.719   1.00 24.05 ? 12  HIS A C   1 
ATOM   71  O  O   . HIS A 1 21  ? -1.751  -10.342 3.652   1.00 24.38 ? 12  HIS A O   1 
ATOM   72  C  CB  . HIS A 1 21  ? -3.070  -12.977 3.921   1.00 26.28 ? 12  HIS A CB  1 
ATOM   73  C  CG  . HIS A 1 21  ? -1.816  -13.782 3.925   1.00 25.69 ? 12  HIS A CG  1 
ATOM   74  N  ND1 . HIS A 1 21  ? -1.586  -14.792 3.014   1.00 28.99 ? 12  HIS A ND1 1 
ATOM   75  C  CD2 . HIS A 1 21  ? -0.694  -13.687 4.677   1.00 23.31 ? 12  HIS A CD2 1 
ATOM   76  C  CE1 . HIS A 1 21  ? -0.386  -15.305 3.225   1.00 25.51 ? 12  HIS A CE1 1 
ATOM   77  N  NE2 . HIS A 1 21  ? 0.180   -14.644 4.219   1.00 25.18 ? 12  HIS A NE2 1 
ATOM   78  N  N   . GLU A 1 22  ? -1.053  -11.229 1.711   1.00 24.33 ? 13  GLU A N   1 
ATOM   79  C  CA  . GLU A 1 22  ? 0.160   -10.420 1.678   1.00 22.31 ? 13  GLU A CA  1 
ATOM   80  C  C   . GLU A 1 22  ? 0.513   -10.122 0.231   1.00 24.35 ? 13  GLU A C   1 
ATOM   81  O  O   . GLU A 1 22  ? -0.006  -10.748 -0.698  1.00 22.19 ? 13  GLU A O   1 
ATOM   82  C  CB  . GLU A 1 22  ? 1.339   -11.115 2.361   1.00 25.25 ? 13  GLU A CB  1 
ATOM   83  C  CG  . GLU A 1 22  ? 1.818   -12.317 1.578   1.00 24.95 ? 13  GLU A CG  1 
ATOM   84  C  CD  . GLU A 1 22  ? 3.013   -13.022 2.193   1.00 32.20 ? 13  GLU A CD  1 
ATOM   85  O  OE1 . GLU A 1 22  ? 3.453   -12.657 3.313   1.00 30.48 ? 13  GLU A OE1 1 
ATOM   86  O  OE2 . GLU A 1 22  ? 3.513   -13.956 1.534   1.00 31.16 ? 13  GLU A OE2 1 
ATOM   87  N  N   . GLY A 1 23  ? 1.392   -9.151  0.049   1.00 24.38 ? 14  GLY A N   1 
ATOM   88  C  CA  . GLY A 1 23  ? 1.900   -8.841  -1.272  1.00 24.47 ? 14  GLY A CA  1 
ATOM   89  C  C   . GLY A 1 23  ? 2.206   -7.362  -1.396  1.00 27.02 ? 14  GLY A C   1 
ATOM   90  O  O   . GLY A 1 23  ? 2.069   -6.583  -0.444  1.00 23.73 ? 14  GLY A O   1 
ATOM   91  N  N   . ARG A 1 24  ? 2.652   -6.999  -2.600  1.00 23.91 ? 15  ARG A N   1 
ATOM   92  C  CA  . ARG A 1 24  ? 2.818   -5.594  -2.963  1.00 21.16 ? 15  ARG A CA  1 
ATOM   93  C  C   . ARG A 1 24  ? 1.457   -4.909  -2.987  1.00 20.90 ? 15  ARG A C   1 
ATOM   94  O  O   . ARG A 1 24  ? 0.504   -5.434  -3.568  1.00 22.37 ? 15  ARG A O   1 
ATOM   95  C  CB  . ARG A 1 24  ? 3.487   -5.483  -4.334  1.00 24.38 ? 15  ARG A CB  1 
ATOM   96  C  CG  . ARG A 1 24  ? 3.591   -4.042  -4.866  1.00 24.36 ? 15  ARG A CG  1 
ATOM   97  C  CD  . ARG A 1 24  ? 4.331   -3.982  -6.193  1.00 25.65 ? 15  ARG A CD  1 
ATOM   98  N  NE  . ARG A 1 24  ? 3.522   -4.532  -7.270  1.00 25.56 ? 15  ARG A NE  1 
ATOM   99  C  CZ  . ARG A 1 24  ? 3.730   -5.710  -7.848  1.00 29.39 ? 15  ARG A CZ  1 
ATOM   100 N  NH1 . ARG A 1 24  ? 4.748   -6.476  -7.471  1.00 27.17 ? 15  ARG A NH1 1 
ATOM   101 N  NH2 . ARG A 1 24  ? 2.915   -6.114  -8.817  1.00 29.02 ? 15  ARG A NH2 1 
ATOM   102 N  N   . VAL A 1 25  ? 1.359   -3.737  -2.360  1.00 20.39 ? 16  VAL A N   1 
ATOM   103 C  CA  . VAL A 1 25  ? 0.087   -3.022  -2.305  1.00 18.49 ? 16  VAL A CA  1 
ATOM   104 C  C   . VAL A 1 25  ? -0.119  -2.275  -3.615  1.00 23.86 ? 16  VAL A C   1 
ATOM   105 O  O   . VAL A 1 25  ? 0.726   -1.470  -4.035  1.00 23.00 ? 16  VAL A O   1 
ATOM   106 C  CB  . VAL A 1 25  ? 0.037   -2.067  -1.100  1.00 19.20 ? 16  VAL A CB  1 
ATOM   107 C  CG1 . VAL A 1 25  ? -1.312  -1.387  -1.026  1.00 17.53 ? 16  VAL A CG1 1 
ATOM   108 C  CG2 . VAL A 1 25  ? 0.313   -2.835  0.217   1.00 20.18 ? 16  VAL A CG2 1 
ATOM   109 N  N   . GLU A 1 26  ? -1.247  -2.530  -4.267  1.00 23.36 ? 17  GLU A N   1 
ATOM   110 C  CA  . GLU A 1 26  ? -1.608  -1.774  -5.460  1.00 26.32 ? 17  GLU A CA  1 
ATOM   111 C  C   . GLU A 1 26  ? -2.967  -1.121  -5.261  1.00 28.88 ? 17  GLU A C   1 
ATOM   112 O  O   . GLU A 1 26  ? -3.854  -1.677  -4.601  1.00 27.43 ? 17  GLU A O   1 
ATOM   113 C  CB  . GLU A 1 26  ? -1.596  -2.665  -6.711  1.00 25.96 ? 17  GLU A CB  1 
ATOM   114 C  CG  . GLU A 1 26  ? -0.202  -3.186  -7.033  1.00 23.28 ? 17  GLU A CG  1 
ATOM   115 C  CD  . GLU A 1 26  ? -0.132  -3.958  -8.333  1.00 25.25 ? 17  GLU A CD  1 
ATOM   116 O  OE1 . GLU A 1 26  ? -1.194  -4.272  -8.907  1.00 29.38 ? 17  GLU A OE1 1 
ATOM   117 O  OE2 . GLU A 1 26  ? 0.992   -4.249  -8.779  1.00 28.42 ? 17  GLU A OE2 1 
ATOM   118 N  N   . ILE A 1 27  ? -3.125  0.064   -5.850  1.00 27.66 ? 18  ILE A N   1 
ATOM   119 C  CA  . ILE A 1 27  ? -4.275  0.929   -5.617  1.00 28.34 ? 18  ILE A CA  1 
ATOM   120 C  C   . ILE A 1 27  ? -4.781  1.461   -6.954  1.00 32.74 ? 18  ILE A C   1 
ATOM   121 O  O   . ILE A 1 27  ? -3.988  1.784   -7.851  1.00 26.82 ? 18  ILE A O   1 
ATOM   122 C  CB  . ILE A 1 27  ? -3.909  2.095   -4.673  1.00 36.25 ? 18  ILE A CB  1 
ATOM   123 C  CG1 . ILE A 1 27  ? -5.079  3.050   -4.499  1.00 36.28 ? 18  ILE A CG1 1 
ATOM   124 C  CG2 . ILE A 1 27  ? -2.745  2.890   -5.224  1.00 31.42 ? 18  ILE A CG2 1 
ATOM   125 C  CD1 . ILE A 1 27  ? -5.102  3.721   -3.148  1.00 41.84 ? 18  ILE A CD1 1 
ATOM   126 N  N   . LEU A 1 28  ? -6.102  1.536   -7.091  1.00 31.95 ? 19  LEU A N   1 
ATOM   127 C  CA  . LEU A 1 28  ? -6.765  1.958   -8.319  1.00 35.80 ? 19  LEU A CA  1 
ATOM   128 C  C   . LEU A 1 28  ? -7.156  3.423   -8.180  1.00 35.58 ? 19  LEU A C   1 
ATOM   129 O  O   . LEU A 1 28  ? -7.925  3.770   -7.282  1.00 37.48 ? 19  LEU A O   1 
ATOM   130 C  CB  . LEU A 1 28  ? -7.997  1.092   -8.582  1.00 38.58 ? 19  LEU A CB  1 
ATOM   131 C  CG  . LEU A 1 28  ? -8.942  1.423   -9.740  1.00 40.84 ? 19  LEU A CG  1 
ATOM   132 C  CD1 . LEU A 1 28  ? -8.219  1.327   -11.068 1.00 38.17 ? 19  LEU A CD1 1 
ATOM   133 C  CD2 . LEU A 1 28  ? -10.138 0.479   -9.704  1.00 43.24 ? 19  LEU A CD2 1 
ATOM   134 N  N   . HIS A 1 29  ? -6.628  4.274   -9.056  1.00 35.73 ? 20  HIS A N   1 
ATOM   135 C  CA  . HIS A 1 29  ? -6.879  5.708   -8.974  1.00 34.08 ? 20  HIS A CA  1 
ATOM   136 C  C   . HIS A 1 29  ? -6.702  6.324   -10.356 1.00 37.07 ? 20  HIS A C   1 
ATOM   137 O  O   . HIS A 1 29  ? -5.861  5.875   -11.141 1.00 36.31 ? 20  HIS A O   1 
ATOM   138 C  CB  . HIS A 1 29  ? -5.937  6.381   -7.972  1.00 28.36 ? 20  HIS A CB  1 
ATOM   139 C  CG  . HIS A 1 29  ? -6.248  7.822   -7.727  1.00 32.12 ? 20  HIS A CG  1 
ATOM   140 N  ND1 . HIS A 1 29  ? -5.696  8.836   -8.481  1.00 32.98 ? 20  HIS A ND1 1 
ATOM   141 C  CD2 . HIS A 1 29  ? -7.050  8.424   -6.818  1.00 32.13 ? 20  HIS A CD2 1 
ATOM   142 C  CE1 . HIS A 1 29  ? -6.142  9.999   -8.040  1.00 28.40 ? 20  HIS A CE1 1 
ATOM   143 N  NE2 . HIS A 1 29  ? -6.970  9.779   -7.037  1.00 32.50 ? 20  HIS A NE2 1 
ATOM   144 N  N   . SER A 1 30  ? -7.491  7.370   -10.633 1.00 38.22 ? 21  SER A N   1 
ATOM   145 C  CA  . SER A 1 30  ? -7.474  8.038   -11.940 1.00 34.98 ? 21  SER A CA  1 
ATOM   146 C  C   . SER A 1 30  ? -7.593  7.017   -13.070 1.00 38.21 ? 21  SER A C   1 
ATOM   147 O  O   . SER A 1 30  ? -6.938  7.127   -14.107 1.00 40.31 ? 21  SER A O   1 
ATOM   148 C  CB  . SER A 1 30  ? -6.211  8.897   -12.124 1.00 32.73 ? 21  SER A CB  1 
ATOM   149 O  OG  . SER A 1 30  ? -6.249  10.108  -11.359 1.00 30.71 ? 21  SER A OG  1 
ATOM   150 N  N   . GLY A 1 31  ? -8.414  5.988   -12.848 1.00 39.43 ? 22  GLY A N   1 
ATOM   151 C  CA  . GLY A 1 31  ? -8.581  4.936   -13.830 1.00 38.09 ? 22  GLY A CA  1 
ATOM   152 C  C   . GLY A 1 31  ? -7.406  3.997   -14.005 1.00 42.14 ? 22  GLY A C   1 
ATOM   153 O  O   . GLY A 1 31  ? -7.389  3.235   -14.977 1.00 43.83 ? 22  GLY A O   1 
ATOM   154 N  N   . GLN A 1 32  ? -6.425  4.005   -13.096 1.00 41.72 ? 23  GLN A N   1 
ATOM   155 C  CA  . GLN A 1 32  ? -5.193  3.247   -13.294 1.00 40.18 ? 23  GLN A CA  1 
ATOM   156 C  C   . GLN A 1 32  ? -4.757  2.540   -12.013 1.00 39.83 ? 23  GLN A C   1 
ATOM   157 O  O   . GLN A 1 32  ? -4.746  3.151   -10.937 1.00 35.83 ? 23  GLN A O   1 
ATOM   158 C  CB  . GLN A 1 32  ? -4.072  4.172   -13.775 1.00 36.83 ? 23  GLN A CB  1 
ATOM   159 C  CG  . GLN A 1 32  ? -4.396  4.955   -15.031 1.00 39.24 ? 23  GLN A CG  1 
ATOM   160 C  CD  . GLN A 1 32  ? -3.642  6.263   -15.097 1.00 39.05 ? 23  GLN A CD  1 
ATOM   161 O  OE1 . GLN A 1 32  ? -2.462  6.297   -15.467 1.00 35.46 ? 23  GLN A OE1 1 
ATOM   162 N  NE2 . GLN A 1 32  ? -4.317  7.361   -14.737 1.00 38.88 ? 23  GLN A NE2 1 
ATOM   163 N  N   . TRP A 1 33  ? -4.378  1.264   -12.140 1.00 37.04 ? 24  TRP A N   1 
ATOM   164 C  CA  . TRP A 1 33  ? -3.744  0.541   -11.039 1.00 36.11 ? 24  TRP A CA  1 
ATOM   165 C  C   . TRP A 1 33  ? -2.315  1.027   -10.837 1.00 33.91 ? 24  TRP A C   1 
ATOM   166 O  O   . TRP A 1 33  ? -1.515  1.044   -11.778 1.00 35.43 ? 24  TRP A O   1 
ATOM   167 C  CB  . TRP A 1 33  ? -3.742  -0.963  -11.307 1.00 35.56 ? 24  TRP A CB  1 
ATOM   168 C  CG  . TRP A 1 33  ? -5.063  -1.586  -11.068 1.00 36.40 ? 24  TRP A CG  1 
ATOM   169 C  CD1 . TRP A 1 33  ? -5.949  -2.010  -12.010 1.00 33.43 ? 24  TRP A CD1 1 
ATOM   170 C  CD2 . TRP A 1 33  ? -5.672  -1.844  -9.796  1.00 35.59 ? 24  TRP A CD2 1 
ATOM   171 N  NE1 . TRP A 1 33  ? -7.069  -2.521  -11.405 1.00 40.35 ? 24  TRP A NE1 1 
ATOM   172 C  CE2 . TRP A 1 33  ? -6.925  -2.430  -10.046 1.00 37.43 ? 24  TRP A CE2 1 
ATOM   173 C  CE3 . TRP A 1 33  ? -5.273  -1.642  -8.470  1.00 35.02 ? 24  TRP A CE3 1 
ATOM   174 C  CZ2 . TRP A 1 33  ? -7.788  -2.814  -9.021  1.00 36.02 ? 24  TRP A CZ2 1 
ATOM   175 C  CZ3 . TRP A 1 33  ? -6.130  -2.024  -7.454  1.00 36.69 ? 24  TRP A CZ3 1 
ATOM   176 C  CH2 . TRP A 1 33  ? -7.372  -2.602  -7.735  1.00 37.26 ? 24  TRP A CH2 1 
ATOM   177 N  N   . GLY A 1 34  ? -1.995  1.430   -9.604  1.00 28.13 ? 25  GLY A N   1 
ATOM   178 C  CA  . GLY A 1 34  ? -0.671  1.924   -9.284  1.00 28.23 ? 25  GLY A CA  1 
ATOM   179 C  C   . GLY A 1 34  ? -0.197  1.411   -7.933  1.00 29.38 ? 25  GLY A C   1 
ATOM   180 O  O   . GLY A 1 34  ? -0.932  0.732   -7.213  1.00 27.63 ? 25  GLY A O   1 
ATOM   181 N  N   . THR A 1 35  ? 1.039   1.762   -7.602  1.00 24.53 ? 26  THR A N   1 
ATOM   182 C  CA  . THR A 1 35  ? 1.686   1.250   -6.406  1.00 23.68 ? 26  THR A CA  1 
ATOM   183 C  C   . THR A 1 35  ? 1.903   2.368   -5.388  1.00 24.97 ? 26  THR A C   1 
ATOM   184 O  O   . THR A 1 35  ? 1.482   3.515   -5.571  1.00 21.20 ? 26  THR A O   1 
ATOM   185 C  CB  . THR A 1 35  ? 3.015   0.588   -6.755  1.00 26.10 ? 26  THR A CB  1 
ATOM   186 O  OG1 . THR A 1 35  ? 3.901   1.580   -7.301  1.00 24.62 ? 26  THR A OG1 1 
ATOM   187 C  CG2 . THR A 1 35  ? 2.796   -0.535  -7.757  1.00 21.51 ? 26  THR A CG2 1 
ATOM   188 N  N   . ILE A 1 36  ? 2.587   2.008   -4.302  1.00 21.38 ? 27  ILE A N   1 
ATOM   189 C  CA  . ILE A 1 36  ? 2.798   2.892   -3.166  1.00 22.41 ? 27  ILE A CA  1 
ATOM   190 C  C   . ILE A 1 36  ? 4.281   2.898   -2.843  1.00 23.51 ? 27  ILE A C   1 
ATOM   191 O  O   . ILE A 1 36  ? 4.896   1.836   -2.688  1.00 21.73 ? 27  ILE A O   1 
ATOM   192 C  CB  . ILE A 1 36  ? 1.980   2.467   -1.932  1.00 22.60 ? 27  ILE A CB  1 
ATOM   193 C  CG1 . ILE A 1 36  ? 0.482   2.482   -2.246  1.00 19.94 ? 27  ILE A CG1 1 
ATOM   194 C  CG2 . ILE A 1 36  ? 2.290   3.380   -0.748  1.00 18.54 ? 27  ILE A CG2 1 
ATOM   195 C  CD1 . ILE A 1 36  ? -0.396  2.102   -1.070  1.00 21.00 ? 27  ILE A CD1 1 
ATOM   196 N  N   . CYS A 1 37  ? 4.845   4.091   -2.720  1.00 20.61 ? 28  CYS A N   1 
ATOM   197 C  CA  . CYS A 1 37  ? 6.258   4.226   -2.429  1.00 24.98 ? 28  CYS A CA  1 
ATOM   198 C  C   . CYS A 1 37  ? 6.510   3.992   -0.950  1.00 22.69 ? 28  CYS A C   1 
ATOM   199 O  O   . CYS A 1 37  ? 5.673   4.309   -0.107  1.00 22.11 ? 28  CYS A O   1 
ATOM   200 C  CB  . CYS A 1 37  ? 6.746   5.621   -2.832  1.00 23.85 ? 28  CYS A CB  1 
ATOM   201 S  SG  . CYS A 1 37  ? 8.504   5.841   -2.607  1.00 27.64 ? 28  CYS A SG  1 
ATOM   202 N  N   . ASP A 1 38  ? 7.682   3.455   -0.632  1.00 21.98 ? 29  ASP A N   1 
ATOM   203 C  CA  . ASP A 1 38  ? 7.941   3.011   0.734   1.00 24.35 ? 29  ASP A CA  1 
ATOM   204 C  C   . ASP A 1 38  ? 8.489   4.110   1.644   1.00 25.54 ? 29  ASP A C   1 
ATOM   205 O  O   . ASP A 1 38  ? 8.833   3.812   2.788   1.00 25.54 ? 29  ASP A O   1 
ATOM   206 C  CB  . ASP A 1 38  ? 8.890   1.804   0.744   1.00 24.60 ? 29  ASP A CB  1 
ATOM   207 C  CG  . ASP A 1 38  ? 10.272  2.114   0.167   1.00 29.28 ? 29  ASP A CG  1 
ATOM   208 O  OD1 . ASP A 1 38  ? 10.605  3.300   -0.020  1.00 25.94 ? 29  ASP A OD1 1 
ATOM   209 O  OD2 . ASP A 1 38  ? 11.037  1.156   -0.084  1.00 28.37 ? 29  ASP A OD2 1 
ATOM   210 N  N   . ASP A 1 39  ? 8.560   5.364   1.176   1.00 24.76 ? 30  ASP A N   1 
ATOM   211 C  CA  . ASP A 1 39  ? 9.271   6.397   1.931   1.00 25.37 ? 30  ASP A CA  1 
ATOM   212 C  C   . ASP A 1 39  ? 8.640   6.634   3.300   1.00 27.62 ? 30  ASP A C   1 
ATOM   213 O  O   . ASP A 1 39  ? 9.352   6.767   4.303   1.00 27.65 ? 30  ASP A O   1 
ATOM   214 C  CB  . ASP A 1 39  ? 9.322   7.710   1.139   1.00 28.43 ? 30  ASP A CB  1 
ATOM   215 C  CG  . ASP A 1 39  ? 10.377  7.692   0.029   1.00 27.30 ? 30  ASP A CG  1 
ATOM   216 O  OD1 . ASP A 1 39  ? 11.151  6.719   -0.053  1.00 29.07 ? 30  ASP A OD1 1 
ATOM   217 O  OD2 . ASP A 1 39  ? 10.435  8.659   -0.755  1.00 26.25 ? 30  ASP A OD2 1 
ATOM   218 N  N   . ARG A 1 40  ? 7.311   6.716   3.364   1.00 24.38 ? 31  ARG A N   1 
ATOM   219 C  CA  . ARG A 1 40  ? 6.613   6.923   4.634   1.00 28.71 ? 31  ARG A CA  1 
ATOM   220 C  C   . ARG A 1 40  ? 5.702   5.740   4.976   1.00 29.59 ? 31  ARG A C   1 
ATOM   221 O  O   . ARG A 1 40  ? 4.659   5.904   5.609   1.00 28.94 ? 31  ARG A O   1 
ATOM   222 C  CB  . ARG A 1 40  ? 5.817   8.232   4.608   1.00 32.40 ? 31  ARG A CB  1 
ATOM   223 C  CG  . ARG A 1 40  ? 6.648   9.477   4.193   1.00 33.10 ? 31  ARG A CG  1 
ATOM   224 C  CD  . ARG A 1 40  ? 7.729   9.840   5.230   1.00 36.30 ? 31  ARG A CD  1 
ATOM   225 N  NE  . ARG A 1 40  ? 7.171   10.104  6.560   1.00 43.64 ? 31  ARG A NE  1 
ATOM   226 C  CZ  . ARG A 1 40  ? 7.681   10.963  7.445   1.00 47.09 ? 31  ARG A CZ  1 
ATOM   227 N  NH1 . ARG A 1 40  ? 8.776   11.658  7.156   1.00 44.46 ? 31  ARG A NH1 1 
ATOM   228 N  NH2 . ARG A 1 40  ? 7.091   11.132  8.622   1.00 47.38 ? 31  ARG A NH2 1 
ATOM   229 N  N   . TRP A 1 41  ? 6.104   4.537   4.583   1.00 30.21 ? 32  TRP A N   1 
ATOM   230 C  CA  . TRP A 1 41  ? 5.295   3.334   4.743   1.00 24.45 ? 32  TRP A CA  1 
ATOM   231 C  C   . TRP A 1 41  ? 5.542   2.730   6.122   1.00 28.58 ? 32  TRP A C   1 
ATOM   232 O  O   . TRP A 1 41  ? 6.682   2.399   6.458   1.00 30.68 ? 32  TRP A O   1 
ATOM   233 C  CB  . TRP A 1 41  ? 5.659   2.336   3.645   1.00 24.10 ? 32  TRP A CB  1 
ATOM   234 C  CG  . TRP A 1 41  ? 4.783   1.115   3.553   1.00 25.84 ? 32  TRP A CG  1 
ATOM   235 C  CD1 . TRP A 1 41  ? 5.163   -0.176  3.737   1.00 23.05 ? 32  TRP A CD1 1 
ATOM   236 C  CD2 . TRP A 1 41  ? 3.394   1.080   3.221   1.00 22.88 ? 32  TRP A CD2 1 
ATOM   237 N  NE1 . TRP A 1 41  ? 4.096   -1.018  3.547   1.00 23.61 ? 32  TRP A NE1 1 
ATOM   238 C  CE2 . TRP A 1 41  ? 2.995   -0.268  3.234   1.00 22.50 ? 32  TRP A CE2 1 
ATOM   239 C  CE3 . TRP A 1 41  ? 2.447   2.062   2.920   1.00 26.44 ? 32  TRP A CE3 1 
ATOM   240 C  CZ2 . TRP A 1 41  ? 1.694   -0.663  2.953   1.00 23.20 ? 32  TRP A CZ2 1 
ATOM   241 C  CZ3 . TRP A 1 41  ? 1.157   1.670   2.653   1.00 26.62 ? 32  TRP A CZ3 1 
ATOM   242 C  CH2 . TRP A 1 41  ? 0.793   0.320   2.667   1.00 25.24 ? 32  TRP A CH2 1 
ATOM   243 N  N   . GLU A 1 42  ? 4.482   2.579   6.917   1.00 28.89 ? 33  GLU A N   1 
ATOM   244 C  CA  . GLU A 1 42  ? 4.632   2.035   8.262   1.00 29.81 ? 33  GLU A CA  1 
ATOM   245 C  C   . GLU A 1 42  ? 3.332   1.366   8.702   1.00 31.68 ? 33  GLU A C   1 
ATOM   246 O  O   . GLU A 1 42  ? 2.324   1.382   7.991   1.00 27.36 ? 33  GLU A O   1 
ATOM   247 C  CB  . GLU A 1 42  ? 5.090   3.119   9.246   1.00 32.30 ? 33  GLU A CB  1 
ATOM   248 C  CG  . GLU A 1 42  ? 4.314   4.403   9.175   1.00 35.58 ? 33  GLU A CG  1 
ATOM   249 C  CD  . GLU A 1 42  ? 2.921   4.261   9.739   1.00 37.73 ? 33  GLU A CD  1 
ATOM   250 O  OE1 . GLU A 1 42  ? 1.951   4.389   8.963   1.00 37.00 ? 33  GLU A OE1 1 
ATOM   251 O  OE2 . GLU A 1 42  ? 2.791   4.020   10.962  1.00 42.12 ? 33  GLU A OE2 1 
ATOM   252 N  N   . VAL A 1 43  ? 3.366   0.781   9.908   1.00 33.33 ? 34  VAL A N   1 
ATOM   253 C  CA  . VAL A 1 43  ? 2.325   -0.157  10.316  1.00 30.38 ? 34  VAL A CA  1 
ATOM   254 C  C   . VAL A 1 43  ? 0.954   0.507   10.391  1.00 32.00 ? 34  VAL A C   1 
ATOM   255 O  O   . VAL A 1 43  ? -0.072  -0.149  10.157  1.00 32.45 ? 34  VAL A O   1 
ATOM   256 C  CB  . VAL A 1 43  ? 2.713   -0.825  11.656  1.00 34.81 ? 34  VAL A CB  1 
ATOM   257 C  CG1 . VAL A 1 43  ? 4.143   -1.337  11.593  1.00 38.88 ? 34  VAL A CG1 1 
ATOM   258 C  CG2 . VAL A 1 43  ? 2.546   0.124   12.812  1.00 33.77 ? 34  VAL A CG2 1 
ATOM   259 N  N   . ARG A 1 44  ? 0.895   1.805   10.701  1.00 33.38 ? 35  ARG A N   1 
ATOM   260 C  CA  . ARG A 1 44  ? -0.410  2.455   10.795  1.00 32.88 ? 35  ARG A CA  1 
ATOM   261 C  C   . ARG A 1 44  ? -1.155  2.392   9.469   1.00 31.75 ? 35  ARG A C   1 
ATOM   262 O  O   . ARG A 1 44  ? -2.349  2.072   9.435   1.00 30.80 ? 35  ARG A O   1 
ATOM   263 C  CB  . ARG A 1 44  ? -0.269  3.908   11.253  1.00 38.54 ? 35  ARG A CB  1 
ATOM   264 C  CG  . ARG A 1 44  ? 0.098   4.090   12.726  1.00 43.26 ? 35  ARG A CG  1 
ATOM   265 C  CD  . ARG A 1 44  ? -0.100  5.543   13.177  1.00 42.65 ? 35  ARG A CD  1 
ATOM   266 N  NE  . ARG A 1 44  ? 0.530   6.520   12.282  1.00 46.79 ? 35  ARG A NE  1 
ATOM   267 C  CZ  . ARG A 1 44  ? 1.800   6.918   12.366  1.00 46.61 ? 35  ARG A CZ  1 
ATOM   268 N  NH1 . ARG A 1 44  ? 2.600   6.423   13.305  1.00 48.17 ? 35  ARG A NH1 1 
ATOM   269 N  NH2 . ARG A 1 44  ? 2.273   7.815   11.504  1.00 43.78 ? 35  ARG A NH2 1 
ATOM   270 N  N   . VAL A 1 45  ? -0.472  2.688   8.362   1.00 30.18 ? 36  VAL A N   1 
ATOM   271 C  CA  . VAL A 1 45  ? -1.164  2.620   7.079   1.00 26.21 ? 36  VAL A CA  1 
ATOM   272 C  C   . VAL A 1 45  ? -1.300  1.163   6.621   1.00 23.26 ? 36  VAL A C   1 
ATOM   273 O  O   . VAL A 1 45  ? -2.318  0.793   6.031   1.00 25.65 ? 36  VAL A O   1 
ATOM   274 C  CB  . VAL A 1 45  ? -0.474  3.522   6.037   1.00 28.11 ? 36  VAL A CB  1 
ATOM   275 C  CG1 . VAL A 1 45  ? 0.989   3.223   5.940   1.00 32.10 ? 36  VAL A CG1 1 
ATOM   276 C  CG2 . VAL A 1 45  ? -1.137  3.387   4.682   1.00 27.16 ? 36  VAL A CG2 1 
ATOM   277 N  N   . GLY A 1 46  ? -0.312  0.313   6.909   1.00 27.67 ? 37  GLY A N   1 
ATOM   278 C  CA  . GLY A 1 46  ? -0.505  -1.127  6.719   1.00 28.11 ? 37  GLY A CA  1 
ATOM   279 C  C   . GLY A 1 46  ? -1.752  -1.646  7.416   1.00 31.05 ? 37  GLY A C   1 
ATOM   280 O  O   . GLY A 1 46  ? -2.509  -2.443  6.851   1.00 32.40 ? 37  GLY A O   1 
ATOM   281 N  N   . GLN A 1 47  ? -1.997  -1.182  8.649   1.00 28.61 ? 38  GLN A N   1 
ATOM   282 C  CA  . GLN A 1 47  ? -3.213  -1.569  9.361   1.00 27.75 ? 38  GLN A CA  1 
ATOM   283 C  C   . GLN A 1 47  ? -4.460  -1.195  8.574   1.00 31.65 ? 38  GLN A C   1 
ATOM   284 O  O   . GLN A 1 47  ? -5.397  -1.992  8.459   1.00 30.26 ? 38  GLN A O   1 
ATOM   285 C  CB  . GLN A 1 47  ? -3.252  -0.906  10.737  1.00 32.17 ? 38  GLN A CB  1 
ATOM   286 C  CG  . GLN A 1 47  ? -4.544  -1.197  11.477  1.00 41.84 ? 38  GLN A CG  1 
ATOM   287 C  CD  . GLN A 1 47  ? -4.544  -0.667  12.891  1.00 48.46 ? 38  GLN A CD  1 
ATOM   288 O  OE1 . GLN A 1 47  ? -5.596  -0.570  13.532  1.00 48.84 ? 38  GLN A OE1 1 
ATOM   289 N  NE2 . GLN A 1 47  ? -3.361  -0.308  13.387  1.00 49.89 ? 38  GLN A NE2 1 
ATOM   290 N  N   . VAL A 1 48  ? -4.485  0.017   8.018   1.00 28.65 ? 39  VAL A N   1 
ATOM   291 C  CA  . VAL A 1 48  ? -5.640  0.480   7.263   1.00 28.56 ? 39  VAL A CA  1 
ATOM   292 C  C   . VAL A 1 48  ? -5.797  -0.314  5.975   1.00 28.10 ? 39  VAL A C   1 
ATOM   293 O  O   . VAL A 1 48  ? -6.920  -0.617  5.543   1.00 29.90 ? 39  VAL A O   1 
ATOM   294 C  CB  . VAL A 1 48  ? -5.505  1.990   6.975   1.00 28.10 ? 39  VAL A CB  1 
ATOM   295 C  CG1 . VAL A 1 48  ? -6.507  2.411   5.947   1.00 30.22 ? 39  VAL A CG1 1 
ATOM   296 C  CG2 . VAL A 1 48  ? -5.669  2.804   8.267   1.00 31.90 ? 39  VAL A CG2 1 
ATOM   297 N  N   . VAL A 1 49  ? -4.686  -0.607  5.301   1.00 26.21 ? 40  VAL A N   1 
ATOM   298 C  CA  . VAL A 1 49  ? -4.770  -1.390  4.076   1.00 25.09 ? 40  VAL A CA  1 
ATOM   299 C  C   . VAL A 1 49  ? -5.329  -2.773  4.391   1.00 25.38 ? 40  VAL A C   1 
ATOM   300 O  O   . VAL A 1 49  ? -6.227  -3.272  3.704   1.00 26.99 ? 40  VAL A O   1 
ATOM   301 C  CB  . VAL A 1 49  ? -3.390  -1.469  3.396   1.00 26.77 ? 40  VAL A CB  1 
ATOM   302 C  CG1 . VAL A 1 49  ? -3.384  -2.548  2.322   1.00 23.04 ? 40  VAL A CG1 1 
ATOM   303 C  CG2 . VAL A 1 49  ? -3.009  -0.102  2.797   1.00 22.27 ? 40  VAL A CG2 1 
ATOM   304 N  N   . CYS A 1 50  ? -4.838  -3.390  5.460   1.00 25.57 ? 41  CYS A N   1 
ATOM   305 C  CA  . CYS A 1 50  ? -5.288  -4.742  5.792   1.00 28.03 ? 41  CYS A CA  1 
ATOM   306 C  C   . CYS A 1 50  ? -6.773  -4.756  6.163   1.00 33.19 ? 41  CYS A C   1 
ATOM   307 O  O   . CYS A 1 50  ? -7.515  -5.647  5.733   1.00 36.89 ? 41  CYS A O   1 
ATOM   308 C  CB  . CYS A 1 50  ? -4.410  -5.322  6.903   1.00 26.59 ? 41  CYS A CB  1 
ATOM   309 S  SG  . CYS A 1 50  ? -2.741  -5.843  6.330   1.00 27.97 ? 41  CYS A SG  1 
ATOM   310 N  N   . ARG A 1 51  ? -7.239  -3.748  6.913   1.00 37.77 ? 42  ARG A N   1 
ATOM   311 C  CA  . ARG A 1 51  ? -8.666  -3.651  7.226   1.00 34.41 ? 42  ARG A CA  1 
ATOM   312 C  C   . ARG A 1 51  ? -9.503  -3.534  5.958   1.00 34.98 ? 42  ARG A C   1 
ATOM   313 O  O   . ARG A 1 51  ? -10.506 -4.237  5.797   1.00 39.86 ? 42  ARG A O   1 
ATOM   314 C  CB  . ARG A 1 51  ? -8.933  -2.458  8.149   1.00 40.31 ? 42  ARG A CB  1 
ATOM   315 C  CG  . ARG A 1 51  ? -10.429 -2.093  8.295   1.00 42.90 ? 42  ARG A CG  1 
ATOM   316 C  CD  . ARG A 1 51  ? -10.648 -0.929  9.273   1.00 41.31 ? 42  ARG A CD  1 
ATOM   317 N  NE  . ARG A 1 51  ? -9.904  -1.130  10.514  1.00 41.01 ? 42  ARG A NE  1 
ATOM   318 C  CZ  . ARG A 1 51  ? -8.861  -0.400  10.898  1.00 43.09 ? 42  ARG A CZ  1 
ATOM   319 N  NH1 . ARG A 1 51  ? -8.431  0.611   10.149  1.00 35.82 ? 42  ARG A NH1 1 
ATOM   320 N  NH2 . ARG A 1 51  ? -8.253  -0.680  12.045  1.00 44.71 ? 42  ARG A NH2 1 
ATOM   321 N  N   . SER A 1 52  ? -9.108  -2.649  5.039   1.00 35.58 ? 43  SER A N   1 
ATOM   322 C  CA  . SER A 1 52  ? -9.870  -2.457  3.811   1.00 33.57 ? 43  SER A CA  1 
ATOM   323 C  C   . SER A 1 52  ? -9.880  -3.693  2.926   1.00 34.02 ? 43  SER A C   1 
ATOM   324 O  O   . SER A 1 52  ? -10.643 -3.737  1.952   1.00 33.66 ? 43  SER A O   1 
ATOM   325 C  CB  . SER A 1 52  ? -9.304  -1.286  3.008   1.00 36.51 ? 43  SER A CB  1 
ATOM   326 O  OG  . SER A 1 52  ? -8.201  -1.696  2.214   1.00 33.80 ? 43  SER A OG  1 
ATOM   327 N  N   . LEU A 1 53  ? -9.025  -4.669  3.206   1.00 33.33 ? 44  LEU A N   1 
ATOM   328 C  CA  . LEU A 1 53  ? -9.038  -5.942  2.500   1.00 35.06 ? 44  LEU A CA  1 
ATOM   329 C  C   . LEU A 1 53  ? -9.803  -7.021  3.256   1.00 39.57 ? 44  LEU A C   1 
ATOM   330 O  O   . LEU A 1 53  ? -9.827  -8.170  2.810   1.00 36.75 ? 44  LEU A O   1 
ATOM   331 C  CB  . LEU A 1 53  ? -7.603  -6.413  2.235   1.00 32.27 ? 44  LEU A CB  1 
ATOM   332 C  CG  . LEU A 1 53  ? -6.838  -5.585  1.200   1.00 34.01 ? 44  LEU A CG  1 
ATOM   333 C  CD1 . LEU A 1 53  ? -5.354  -5.831  1.339   1.00 28.01 ? 44  LEU A CD1 1 
ATOM   334 C  CD2 . LEU A 1 53  ? -7.313  -5.905  -0.223  1.00 30.74 ? 44  LEU A CD2 1 
ATOM   335 N  N   . GLY A 1 54  ? -10.420 -6.681  4.383   1.00 37.40 ? 45  GLY A N   1 
ATOM   336 C  CA  . GLY A 1 54  ? -11.160 -7.643  5.164   1.00 38.00 ? 45  GLY A CA  1 
ATOM   337 C  C   . GLY A 1 54  ? -10.338 -8.459  6.132   1.00 38.63 ? 45  GLY A C   1 
ATOM   338 O  O   . GLY A 1 54  ? -10.861 -9.426  6.697   1.00 44.50 ? 45  GLY A O   1 
ATOM   339 N  N   . TYR A 1 55  ? -9.118  -8.125  6.331   1.00 35.27 ? 46  TYR A N   1 
ATOM   340 C  CA  . TYR A 1 55  ? -8.329  -8.820  7.332   1.00 34.78 ? 46  TYR A CA  1 
ATOM   341 C  C   . TYR A 1 55  ? -8.370  -8.069  8.654   1.00 37.94 ? 46  TYR A C   1 
ATOM   342 O  O   . TYR A 1 55  ? -8.569  -6.851  8.678   1.00 40.24 ? 46  TYR A O   1 
ATOM   343 C  CB  . TYR A 1 55  ? -6.885  -8.971  6.856   1.00 33.06 ? 46  TYR A CB  1 
ATOM   344 C  CG  . TYR A 1 55  ? -6.799  -9.847  5.632   1.00 34.77 ? 46  TYR A CG  1 
ATOM   345 C  CD1 . TYR A 1 55  ? -6.955  -11.222 5.742   1.00 33.07 ? 46  TYR A CD1 1 
ATOM   346 C  CD2 . TYR A 1 55  ? -6.611  -9.305  4.363   1.00 30.38 ? 46  TYR A CD2 1 
ATOM   347 C  CE1 . TYR A 1 55  ? -6.902  -12.032 4.641   1.00 26.84 ? 46  TYR A CE1 1 
ATOM   348 C  CE2 . TYR A 1 55  ? -6.560  -10.109 3.254   1.00 26.35 ? 46  TYR A CE2 1 
ATOM   349 C  CZ  . TYR A 1 55  ? -6.705  -11.485 3.403   1.00 28.86 ? 46  TYR A CZ  1 
ATOM   350 O  OH  . TYR A 1 55  ? -6.655  -12.324 2.313   1.00 29.43 ? 46  TYR A OH  1 
ATOM   351 N  N   . PRO A 1 56  ? -8.217  -8.781  9.770   1.00 39.76 ? 47  PRO A N   1 
ATOM   352 C  CA  . PRO A 1 56  ? -8.351  -8.135  11.081  1.00 40.68 ? 47  PRO A CA  1 
ATOM   353 C  C   . PRO A 1 56  ? -7.139  -7.338  11.535  1.00 40.84 ? 47  PRO A C   1 
ATOM   354 O  O   . PRO A 1 56  ? -7.259  -6.601  12.520  1.00 44.08 ? 47  PRO A O   1 
ATOM   355 C  CB  . PRO A 1 56  ? -8.603  -9.325  12.022  1.00 40.46 ? 47  PRO A CB  1 
ATOM   356 C  CG  . PRO A 1 56  ? -7.923  -10.465 11.351  1.00 42.46 ? 47  PRO A CG  1 
ATOM   357 C  CD  . PRO A 1 56  ? -8.147  -10.249 9.882   1.00 39.28 ? 47  PRO A CD  1 
ATOM   358 N  N   . GLY A 1 57  ? -5.987  -7.446  10.881  1.00 36.51 ? 48  GLY A N   1 
ATOM   359 C  CA  . GLY A 1 57  ? -4.843  -6.672  11.329  1.00 34.82 ? 48  GLY A CA  1 
ATOM   360 C  C   . GLY A 1 57  ? -3.659  -6.837  10.404  1.00 34.29 ? 48  GLY A C   1 
ATOM   361 O  O   . GLY A 1 57  ? -3.722  -7.543  9.395   1.00 34.40 ? 48  GLY A O   1 
ATOM   362 N  N   . VAL A 1 58  ? -2.561  -6.177  10.772  1.00 31.77 ? 49  VAL A N   1 
ATOM   363 C  CA  . VAL A 1 58  ? -1.329  -6.198  9.996   1.00 30.89 ? 49  VAL A CA  1 
ATOM   364 C  C   . VAL A 1 58  ? -0.262  -6.936  10.789  1.00 31.87 ? 49  VAL A C   1 
ATOM   365 O  O   . VAL A 1 58  ? -0.058  -6.673  11.980  1.00 32.62 ? 49  VAL A O   1 
ATOM   366 C  CB  . VAL A 1 58  ? -0.856  -4.778  9.619   1.00 31.52 ? 49  VAL A CB  1 
ATOM   367 C  CG1 . VAL A 1 58  ? -0.653  -3.920  10.855  1.00 34.34 ? 49  VAL A CG1 1 
ATOM   368 C  CG2 . VAL A 1 58  ? 0.432   -4.844  8.830   1.00 28.85 ? 49  VAL A CG2 1 
ATOM   369 N  N   . GLN A 1 59  ? 0.415   -7.868  10.126  1.00 29.15 ? 50  GLN A N   1 
ATOM   370 C  CA  . GLN A 1 59  ? 1.527   -8.565  10.752  1.00 29.52 ? 50  GLN A CA  1 
ATOM   371 C  C   . GLN A 1 59  ? 2.842   -7.835  10.539  1.00 32.93 ? 50  GLN A C   1 
ATOM   372 O  O   . GLN A 1 59  ? 3.667   -7.765  11.455  1.00 33.52 ? 50  GLN A O   1 
ATOM   373 C  CB  . GLN A 1 59  ? 1.632   -9.988  10.197  1.00 32.83 ? 50  GLN A CB  1 
ATOM   374 C  CG  . GLN A 1 59  ? 0.438   -10.883 10.571  1.00 39.40 ? 50  GLN A CG  1 
ATOM   375 C  CD  . GLN A 1 59  ? 0.364   -11.174 12.070  1.00 39.84 ? 50  GLN A CD  1 
ATOM   376 O  OE1 . GLN A 1 59  ? 1.370   -11.516 12.689  1.00 38.74 ? 50  GLN A OE1 1 
ATOM   377 N  NE2 . GLN A 1 59  ? -0.830  -11.031 12.656  1.00 40.21 ? 50  GLN A NE2 1 
ATOM   378 N  N   . ALA A 1 60  ? 3.065   -7.307  9.339   1.00 29.15 ? 51  ALA A N   1 
ATOM   379 C  CA  . ALA A 1 60  ? 4.321   -6.645  9.026   1.00 25.46 ? 51  ALA A CA  1 
ATOM   380 C  C   . ALA A 1 60  ? 4.120   -5.763  7.802   1.00 25.16 ? 51  ALA A C   1 
ATOM   381 O  O   . ALA A 1 60  ? 3.214   -5.992  6.998   1.00 25.75 ? 51  ALA A O   1 
ATOM   382 C  CB  . ALA A 1 60  ? 5.433   -7.664  8.771   1.00 28.31 ? 51  ALA A CB  1 
ATOM   383 N  N   . VAL A 1 61  ? 4.967   -4.745  7.683   1.00 26.19 ? 52  VAL A N   1 
ATOM   384 C  CA  . VAL A 1 61  ? 5.061   -3.913  6.485   1.00 23.40 ? 52  VAL A CA  1 
ATOM   385 C  C   . VAL A 1 61  ? 6.435   -4.158  5.887   1.00 26.20 ? 52  VAL A C   1 
ATOM   386 O  O   . VAL A 1 61  ? 7.406   -4.420  6.607   1.00 25.58 ? 52  VAL A O   1 
ATOM   387 C  CB  . VAL A 1 61  ? 4.840   -2.404  6.762   1.00 26.91 ? 52  VAL A CB  1 
ATOM   388 C  CG1 . VAL A 1 61  ? 3.389   -2.117  7.098   1.00 24.84 ? 52  VAL A CG1 1 
ATOM   389 C  CG2 . VAL A 1 61  ? 5.736   -1.924  7.884   1.00 29.57 ? 52  VAL A CG2 1 
ATOM   390 N  N   . HIS A 1 62  ? 6.511   -4.113  4.558   1.00 22.81 ? 53  HIS A N   1 
ATOM   391 C  CA  . HIS A 1 62  ? 7.740   -4.427  3.844   1.00 22.30 ? 53  HIS A CA  1 
ATOM   392 C  C   . HIS A 1 62  ? 8.097   -3.281  2.909   1.00 27.71 ? 53  HIS A C   1 
ATOM   393 O  O   . HIS A 1 62  ? 7.226   -2.766  2.202   1.00 23.15 ? 53  HIS A O   1 
ATOM   394 C  CB  . HIS A 1 62  ? 7.578   -5.720  3.050   1.00 26.93 ? 53  HIS A CB  1 
ATOM   395 C  CG  . HIS A 1 62  ? 7.060   -6.859  3.869   1.00 28.51 ? 53  HIS A CG  1 
ATOM   396 N  ND1 . HIS A 1 62  ? 7.886   -7.685  4.598   1.00 27.60 ? 53  HIS A ND1 1 
ATOM   397 C  CD2 . HIS A 1 62  ? 5.798   -7.300  4.086   1.00 25.31 ? 53  HIS A CD2 1 
ATOM   398 C  CE1 . HIS A 1 62  ? 7.159   -8.592  5.223   1.00 30.15 ? 53  HIS A CE1 1 
ATOM   399 N  NE2 . HIS A 1 62  ? 5.888   -8.384  4.927   1.00 29.78 ? 53  HIS A NE2 1 
ATOM   400 N  N   . LYS A 1 63  ? 9.366   -2.891  2.898   1.00 24.32 ? 54  LYS A N   1 
ATOM   401 C  CA  . LYS A 1 63  ? 9.836   -1.853  1.994   1.00 29.58 ? 54  LYS A CA  1 
ATOM   402 C  C   . LYS A 1 63  ? 10.553  -2.482  0.800   1.00 29.20 ? 54  LYS A C   1 
ATOM   403 O  O   . LYS A 1 63  ? 10.693  -3.702  0.687   1.00 27.55 ? 54  LYS A O   1 
ATOM   404 C  CB  . LYS A 1 63  ? 10.752  -0.879  2.736   1.00 28.10 ? 54  LYS A CB  1 
ATOM   405 C  CG  . LYS A 1 63  ? 10.117  -0.253  3.976   1.00 31.91 ? 54  LYS A CG  1 
ATOM   406 C  CD  . LYS A 1 63  ? 11.002  0.842   4.563   1.00 38.98 ? 54  LYS A CD  1 
ATOM   407 C  CE  . LYS A 1 63  ? 10.263  1.637   5.627   1.00 45.02 ? 54  LYS A CE  1 
ATOM   408 N  NZ  . LYS A 1 63  ? 10.636  3.091   5.599   1.00 50.30 ? 54  LYS A NZ  1 
ATOM   409 N  N   . ALA A 1 64  ? 10.983  -1.621  -0.123  1.00 28.69 ? 55  ALA A N   1 
ATOM   410 C  CA  . ALA A 1 64  ? 11.983  -1.962  -1.136  1.00 28.78 ? 55  ALA A CA  1 
ATOM   411 C  C   . ALA A 1 64  ? 11.546  -3.103  -2.054  1.00 30.42 ? 55  ALA A C   1 
ATOM   412 O  O   . ALA A 1 64  ? 12.328  -4.009  -2.345  1.00 34.53 ? 55  ALA A O   1 
ATOM   413 C  CB  . ALA A 1 64  ? 13.323  -2.294  -0.477  1.00 31.74 ? 55  ALA A CB  1 
ATOM   414 N  N   . ALA A 1 65  ? 10.302  -3.048  -2.540  1.00 23.66 ? 56  ALA A N   1 
ATOM   415 C  CA  . ALA A 1 65  ? 9.818   -3.997  -3.545  1.00 26.88 ? 56  ALA A CA  1 
ATOM   416 C  C   . ALA A 1 65  ? 9.985   -5.448  -3.075  1.00 32.24 ? 56  ALA A C   1 
ATOM   417 O  O   . ALA A 1 65  ? 10.354  -6.337  -3.847  1.00 28.18 ? 56  ALA A O   1 
ATOM   418 C  CB  . ALA A 1 65  ? 10.507  -3.774  -4.894  1.00 27.82 ? 56  ALA A CB  1 
ATOM   419 N  N   . HIS A 1 66  ? 9.674   -5.681  -1.795  1.00 28.37 ? 57  HIS A N   1 
ATOM   420 C  CA  . HIS A 1 66  ? 9.874   -6.982  -1.152  1.00 30.31 ? 57  HIS A CA  1 
ATOM   421 C  C   . HIS A 1 66  ? 9.154   -8.109  -1.880  1.00 31.37 ? 57  HIS A C   1 
ATOM   422 O  O   . HIS A 1 66  ? 9.609   -9.263  -1.854  1.00 32.96 ? 57  HIS A O   1 
ATOM   423 C  CB  . HIS A 1 66  ? 9.390   -6.888  0.291   1.00 28.88 ? 57  HIS A CB  1 
ATOM   424 C  CG  . HIS A 1 66  ? 9.517   -8.157  1.077   1.00 33.90 ? 57  HIS A CG  1 
ATOM   425 N  ND1 . HIS A 1 66  ? 10.719  -8.603  1.588   1.00 36.28 ? 57  HIS A ND1 1 
ATOM   426 C  CD2 . HIS A 1 66  ? 8.581   -9.049  1.487   1.00 36.01 ? 57  HIS A CD2 1 
ATOM   427 C  CE1 . HIS A 1 66  ? 10.523  -9.729  2.253   1.00 38.32 ? 57  HIS A CE1 1 
ATOM   428 N  NE2 . HIS A 1 66  ? 9.235   -10.025 2.204   1.00 35.51 ? 57  HIS A NE2 1 
ATOM   429 N  N   . PHE A 1 67  ? 8.019   -7.810  -2.506  1.00 26.57 ? 58  PHE A N   1 
ATOM   430 C  CA  . PHE A 1 67  ? 7.288   -8.782  -3.303  1.00 28.62 ? 58  PHE A CA  1 
ATOM   431 C  C   . PHE A 1 67  ? 7.459   -8.527  -4.796  1.00 33.82 ? 58  PHE A C   1 
ATOM   432 O  O   . PHE A 1 67  ? 6.612   -8.940  -5.596  1.00 34.51 ? 58  PHE A O   1 
ATOM   433 C  CB  . PHE A 1 67  ? 5.806   -8.767  -2.917  1.00 28.76 ? 58  PHE A CB  1 
ATOM   434 C  CG  . PHE A 1 67  ? 5.545   -9.103  -1.464  1.00 28.28 ? 58  PHE A CG  1 
ATOM   435 C  CD1 . PHE A 1 67  ? 5.550   -10.424 -1.029  1.00 27.07 ? 58  PHE A CD1 1 
ATOM   436 C  CD2 . PHE A 1 67  ? 5.289   -8.098  -0.538  1.00 29.21 ? 58  PHE A CD2 1 
ATOM   437 C  CE1 . PHE A 1 67  ? 5.302   -10.732 0.292   1.00 28.92 ? 58  PHE A CE1 1 
ATOM   438 C  CE2 . PHE A 1 67  ? 5.033   -8.397  0.794   1.00 28.03 ? 58  PHE A CE2 1 
ATOM   439 C  CZ  . PHE A 1 67  ? 5.038   -9.715  1.211   1.00 26.01 ? 58  PHE A CZ  1 
ATOM   440 N  N   . GLY A 1 68  ? 8.535   -7.858  -5.183  1.00 31.72 ? 59  GLY A N   1 
ATOM   441 C  CA  . GLY A 1 68  ? 8.766   -7.521  -6.571  1.00 31.17 ? 59  GLY A CA  1 
ATOM   442 C  C   . GLY A 1 68  ? 8.242   -6.139  -6.930  1.00 34.82 ? 59  GLY A C   1 
ATOM   443 O  O   . GLY A 1 68  ? 7.337   -5.592  -6.300  1.00 27.79 ? 59  GLY A O   1 
ATOM   444 N  N   . GLN A 1 69  ? 8.813   -5.584  -7.994  1.00 31.60 ? 60  GLN A N   1 
ATOM   445 C  CA  . GLN A 1 69  ? 8.413   -4.271  -8.470  1.00 31.78 ? 60  GLN A CA  1 
ATOM   446 C  C   . GLN A 1 69  ? 7.081   -4.327  -9.211  1.00 30.97 ? 60  GLN A C   1 
ATOM   447 O  O   . GLN A 1 69  ? 6.834   -5.236  -10.004 1.00 31.10 ? 60  GLN A O   1 
ATOM   448 C  CB  . GLN A 1 69  ? 9.495   -3.708  -9.388  1.00 33.07 ? 60  GLN A CB  1 
ATOM   449 C  CG  . GLN A 1 69  ? 10.831  -3.488  -8.713  1.00 31.45 ? 60  GLN A CG  1 
ATOM   450 C  CD  . GLN A 1 69  ? 11.781  -2.711  -9.600  1.00 37.36 ? 60  GLN A CD  1 
ATOM   451 O  OE1 . GLN A 1 69  ? 11.376  -2.184  -10.645 1.00 34.84 ? 60  GLN A OE1 1 
ATOM   452 N  NE2 . GLN A 1 69  ? 13.047  -2.636  -9.200  1.00 30.61 ? 60  GLN A NE2 1 
ATOM   453 N  N   . GLY A 1 70  ? 6.219   -3.346  -8.943  1.00 27.36 ? 61  GLY A N   1 
ATOM   454 C  CA  . GLY A 1 70  ? 5.055   -3.111  -9.769  1.00 28.39 ? 61  GLY A CA  1 
ATOM   455 C  C   . GLY A 1 70  ? 5.421   -2.300  -11.003 1.00 30.96 ? 61  GLY A C   1 
ATOM   456 O  O   . GLY A 1 70  ? 6.592   -2.048  -11.295 1.00 30.75 ? 61  GLY A O   1 
ATOM   457 N  N   . THR A 1 71  ? 4.390   -1.877  -11.739 1.00 31.97 ? 62  THR A N   1 
ATOM   458 C  CA  . THR A 1 71  ? 4.586   -1.061  -12.936 1.00 35.52 ? 62  THR A CA  1 
ATOM   459 C  C   . THR A 1 71  ? 3.542   0.045   -12.995 1.00 32.88 ? 62  THR A C   1 
ATOM   460 O  O   . THR A 1 71  ? 2.508   -0.005  -12.324 1.00 35.64 ? 62  THR A O   1 
ATOM   461 C  CB  . THR A 1 71  ? 4.498   -1.896  -14.227 1.00 37.35 ? 62  THR A CB  1 
ATOM   462 O  OG1 . THR A 1 71  ? 3.178   -2.441  -14.339 1.00 40.19 ? 62  THR A OG1 1 
ATOM   463 C  CG2 . THR A 1 71  ? 5.501   -3.046  -14.209 1.00 33.96 ? 62  THR A CG2 1 
ATOM   464 N  N   . GLY A 1 72  ? 3.815   1.049   -13.821 1.00 36.20 ? 63  GLY A N   1 
ATOM   465 C  CA  . GLY A 1 72  ? 2.873   2.123   -14.020 1.00 33.71 ? 63  GLY A CA  1 
ATOM   466 C  C   . GLY A 1 72  ? 2.985   3.209   -12.968 1.00 32.56 ? 63  GLY A C   1 
ATOM   467 O  O   . GLY A 1 72  ? 4.065   3.474   -12.428 1.00 32.35 ? 63  GLY A O   1 
ATOM   468 N  N   . PRO A 1 73  ? 1.873   3.880   -12.677 1.00 27.48 ? 64  PRO A N   1 
ATOM   469 C  CA  . PRO A 1 73  ? 1.926   5.022   -11.756 1.00 31.75 ? 64  PRO A CA  1 
ATOM   470 C  C   . PRO A 1 73  ? 2.273   4.581   -10.340 1.00 30.95 ? 64  PRO A C   1 
ATOM   471 O  O   . PRO A 1 73  ? 1.903   3.493   -9.899  1.00 25.63 ? 64  PRO A O   1 
ATOM   472 C  CB  . PRO A 1 73  ? 0.504   5.604   -11.822 1.00 30.23 ? 64  PRO A CB  1 
ATOM   473 C  CG  . PRO A 1 73  ? -0.353  4.506   -12.315 1.00 32.64 ? 64  PRO A CG  1 
ATOM   474 C  CD  . PRO A 1 73  ? 0.507   3.602   -13.154 1.00 32.50 ? 64  PRO A CD  1 
ATOM   475 N  N   . ILE A 1 74  ? 3.022   5.429   -9.644  1.00 29.35 ? 65  ILE A N   1 
ATOM   476 C  CA  . ILE A 1 74  ? 3.232   5.305   -8.204  1.00 27.40 ? 65  ILE A CA  1 
ATOM   477 C  C   . ILE A 1 74  ? 2.291   6.322   -7.563  1.00 27.60 ? 65  ILE A C   1 
ATOM   478 O  O   . ILE A 1 74  ? 2.561   7.527   -7.565  1.00 29.40 ? 65  ILE A O   1 
ATOM   479 C  CB  . ILE A 1 74  ? 4.694   5.546   -7.819  1.00 29.11 ? 65  ILE A CB  1 
ATOM   480 C  CG1 . ILE A 1 74  ? 5.619   4.684   -8.692  1.00 29.23 ? 65  ILE A CG1 1 
ATOM   481 C  CG2 . ILE A 1 74  ? 4.906   5.264   -6.333  1.00 22.40 ? 65  ILE A CG2 1 
ATOM   482 C  CD1 . ILE A 1 74  ? 7.063   4.676   -8.253  1.00 26.76 ? 65  ILE A CD1 1 
ATOM   483 N  N   . TRP A 1 75  ? 1.162   5.850   -7.035  1.00 24.16 ? 66  TRP A N   1 
ATOM   484 C  CA  . TRP A 1 75  ? 0.083   6.779   -6.703  1.00 22.98 ? 66  TRP A CA  1 
ATOM   485 C  C   . TRP A 1 75  ? 0.291   7.496   -5.378  1.00 25.42 ? 66  TRP A C   1 
ATOM   486 O  O   . TRP A 1 75  ? -0.161  8.635   -5.222  1.00 25.46 ? 66  TRP A O   1 
ATOM   487 C  CB  . TRP A 1 75  ? -1.268  6.064   -6.689  1.00 21.07 ? 66  TRP A CB  1 
ATOM   488 C  CG  . TRP A 1 75  ? -1.895  5.981   -8.048  1.00 24.53 ? 66  TRP A CG  1 
ATOM   489 C  CD1 . TRP A 1 75  ? -2.407  4.867   -8.656  1.00 29.75 ? 66  TRP A CD1 1 
ATOM   490 C  CD2 . TRP A 1 75  ? -2.065  7.062   -8.986  1.00 28.25 ? 66  TRP A CD2 1 
ATOM   491 N  NE1 . TRP A 1 75  ? -2.883  5.188   -9.908  1.00 30.45 ? 66  TRP A NE1 1 
ATOM   492 C  CE2 . TRP A 1 75  ? -2.686  6.528   -10.132 1.00 30.83 ? 66  TRP A CE2 1 
ATOM   493 C  CE3 . TRP A 1 75  ? -1.758  8.425   -8.961  1.00 28.85 ? 66  TRP A CE3 1 
ATOM   494 C  CZ2 . TRP A 1 75  ? -3.013  7.318   -11.243 1.00 34.34 ? 66  TRP A CZ2 1 
ATOM   495 C  CZ3 . TRP A 1 75  ? -2.069  9.207   -10.074 1.00 31.08 ? 66  TRP A CZ3 1 
ATOM   496 C  CH2 . TRP A 1 75  ? -2.693  8.649   -11.192 1.00 32.45 ? 66  TRP A CH2 1 
ATOM   497 N  N   . LEU A 1 76  ? 0.941   6.862   -4.408  1.00 26.04 ? 67  LEU A N   1 
ATOM   498 C  CA  . LEU A 1 76  ? 1.002   7.418   -3.071  1.00 21.10 ? 67  LEU A CA  1 
ATOM   499 C  C   . LEU A 1 76  ? 2.427   7.387   -2.555  1.00 27.43 ? 67  LEU A C   1 
ATOM   500 O  O   . LEU A 1 76  ? 3.205   6.474   -2.853  1.00 25.31 ? 67  LEU A O   1 
ATOM   501 C  CB  . LEU A 1 76  ? 0.086   6.662   -2.113  1.00 23.43 ? 67  LEU A CB  1 
ATOM   502 C  CG  . LEU A 1 76  ? -1.396  6.756   -2.464  1.00 27.03 ? 67  LEU A CG  1 
ATOM   503 C  CD1 . LEU A 1 76  ? -2.194  5.896   -1.494  1.00 24.64 ? 67  LEU A CD1 1 
ATOM   504 C  CD2 . LEU A 1 76  ? -1.878  8.232   -2.455  1.00 24.14 ? 67  LEU A CD2 1 
ATOM   505 N  N   . ASN A 1 77  ? 2.756   8.413   -1.780  1.00 28.63 ? 68  ASN A N   1 
ATOM   506 C  CA  . ASN A 1 77  ? 4.040   8.484   -1.114  1.00 28.36 ? 68  ASN A CA  1 
ATOM   507 C  C   . ASN A 1 77  ? 3.827   9.024   0.295   1.00 33.07 ? 68  ASN A C   1 
ATOM   508 O  O   . ASN A 1 77  ? 3.875   8.272   1.273   1.00 28.02 ? 68  ASN A O   1 
ATOM   509 C  CB  . ASN A 1 77  ? 5.005   9.360   -1.910  1.00 29.84 ? 68  ASN A CB  1 
ATOM   510 C  CG  . ASN A 1 77  ? 6.371   9.413   -1.292  1.00 34.97 ? 68  ASN A CG  1 
ATOM   511 O  OD1 . ASN A 1 77  ? 6.700   8.609   -0.425  1.00 39.62 ? 68  ASN A OD1 1 
ATOM   512 N  ND2 . ASN A 1 77  ? 7.186   10.350  -1.743  1.00 39.88 ? 68  ASN A ND2 1 
ATOM   513 N  N   . GLU A 1 78  ? 3.564   10.319  0.412   1.00 28.62 ? 69  GLU A N   1 
ATOM   514 C  CA  . GLU A 1 78  ? 3.310   10.922  1.715   1.00 34.86 ? 69  GLU A CA  1 
ATOM   515 C  C   . GLU A 1 78  ? 1.833   10.709  2.035   1.00 33.47 ? 69  GLU A C   1 
ATOM   516 O  O   . GLU A 1 78  ? 0.961   11.428  1.548   1.00 31.82 ? 69  GLU A O   1 
ATOM   517 C  CB  . GLU A 1 78  ? 3.731   12.389  1.716   1.00 37.94 ? 69  GLU A CB  1 
ATOM   518 C  CG  . GLU A 1 78  ? 5.227   12.565  1.373   1.00 40.24 ? 69  GLU A CG  1 
ATOM   519 C  CD  . GLU A 1 78  ? 5.917   13.677  2.163   1.00 44.42 ? 69  GLU A CD  1 
ATOM   520 O  OE1 . GLU A 1 78  ? 5.404   14.820  2.168   1.00 44.04 ? 69  GLU A OE1 1 
ATOM   521 O  OE2 . GLU A 1 78  ? 6.987   13.414  2.762   1.00 42.90 ? 69  GLU A OE2 1 
ATOM   522 N  N   . VAL A 1 79  ? 1.563   9.661   2.806   1.00 26.34 ? 70  VAL A N   1 
ATOM   523 C  CA  . VAL A 1 79  ? 0.240   9.306   3.305   1.00 30.77 ? 70  VAL A CA  1 
ATOM   524 C  C   . VAL A 1 79  ? 0.326   9.330   4.820   1.00 29.94 ? 70  VAL A C   1 
ATOM   525 O  O   . VAL A 1 79  ? 1.298   8.820   5.388   1.00 37.34 ? 70  VAL A O   1 
ATOM   526 C  CB  . VAL A 1 79  ? -0.212  7.897   2.836   1.00 35.44 ? 70  VAL A CB  1 
ATOM   527 C  CG1 . VAL A 1 79  ? -1.611  7.572   3.343   1.00 30.83 ? 70  VAL A CG1 1 
ATOM   528 C  CG2 . VAL A 1 79  ? -0.156  7.755   1.334   1.00 29.43 ? 70  VAL A CG2 1 
ATOM   529 N  N   . PHE A 1 80  ? -0.685  9.888   5.482   1.00 27.68 ? 71  PHE A N   1 
ATOM   530 C  CA  . PHE A 1 80  ? -0.764  9.775   6.934   1.00 29.91 ? 71  PHE A CA  1 
ATOM   531 C  C   . PHE A 1 80  ? -2.107  9.183   7.325   1.00 30.83 ? 71  PHE A C   1 
ATOM   532 O  O   . PHE A 1 80  ? -3.158  9.725   6.971   1.00 29.89 ? 71  PHE A O   1 
ATOM   533 C  CB  . PHE A 1 80  ? -0.555  11.113  7.638   1.00 30.25 ? 71  PHE A CB  1 
ATOM   534 C  CG  . PHE A 1 80  ? -0.725  11.025  9.129   1.00 32.44 ? 71  PHE A CG  1 
ATOM   535 C  CD1 . PHE A 1 80  ? 0.304   10.551  9.931   1.00 33.53 ? 71  PHE A CD1 1 
ATOM   536 C  CD2 . PHE A 1 80  ? -1.925  11.378  9.725   1.00 32.59 ? 71  PHE A CD2 1 
ATOM   537 C  CE1 . PHE A 1 80  ? 0.142   10.446  11.304  1.00 37.74 ? 71  PHE A CE1 1 
ATOM   538 C  CE2 . PHE A 1 80  ? -2.093  11.275  11.094  1.00 38.52 ? 71  PHE A CE2 1 
ATOM   539 C  CZ  . PHE A 1 80  ? -1.058  10.808  11.887  1.00 38.36 ? 71  PHE A CZ  1 
ATOM   540 N  N   . CYS A 1 81  ? -2.060  8.074   8.052   1.00 30.63 ? 72  CYS A N   1 
ATOM   541 C  CA  . CYS A 1 81  ? -3.226  7.421   8.623   1.00 32.15 ? 72  CYS A CA  1 
ATOM   542 C  C   . CYS A 1 81  ? -3.093  7.430   10.134  1.00 33.10 ? 72  CYS A C   1 
ATOM   543 O  O   . CYS A 1 81  ? -2.000  7.203   10.663  1.00 36.04 ? 72  CYS A O   1 
ATOM   544 C  CB  . CYS A 1 81  ? -3.345  5.966   8.158   1.00 34.52 ? 72  CYS A CB  1 
ATOM   545 S  SG  . CYS A 1 81  ? -3.440  5.731   6.391   1.00 32.23 ? 72  CYS A SG  1 
ATOM   546 N  N   . PHE A 1 82  ? -4.206  7.665   10.831  1.00 33.21 ? 73  PHE A N   1 
ATOM   547 C  CA  . PHE A 1 82  ? -4.197  7.415   12.272  1.00 40.80 ? 73  PHE A CA  1 
ATOM   548 C  C   . PHE A 1 82  ? -4.109  5.924   12.567  1.00 38.93 ? 73  PHE A C   1 
ATOM   549 O  O   . PHE A 1 82  ? -3.531  5.524   13.583  1.00 40.82 ? 73  PHE A O   1 
ATOM   550 C  CB  . PHE A 1 82  ? -5.432  8.030   12.931  1.00 41.41 ? 73  PHE A CB  1 
ATOM   551 C  CG  . PHE A 1 82  ? -5.464  9.533   12.849  1.00 42.94 ? 73  PHE A CG  1 
ATOM   552 C  CD1 . PHE A 1 82  ? -4.615  10.300  13.636  1.00 44.48 ? 73  PHE A CD1 1 
ATOM   553 C  CD2 . PHE A 1 82  ? -6.319  10.179  11.972  1.00 44.59 ? 73  PHE A CD2 1 
ATOM   554 C  CE1 . PHE A 1 82  ? -4.627  11.690  13.557  1.00 46.43 ? 73  PHE A CE1 1 
ATOM   555 C  CE2 . PHE A 1 82  ? -6.340  11.570  11.890  1.00 48.71 ? 73  PHE A CE2 1 
ATOM   556 C  CZ  . PHE A 1 82  ? -5.488  12.324  12.684  1.00 42.72 ? 73  PHE A CZ  1 
ATOM   557 N  N   . GLY A 1 83  ? -4.638  5.092   11.679  1.00 36.55 ? 74  GLY A N   1 
ATOM   558 C  CA  . GLY A 1 83  ? -4.616  3.651   11.840  1.00 41.52 ? 74  GLY A CA  1 
ATOM   559 C  C   . GLY A 1 83  ? -5.987  3.014   11.873  1.00 43.68 ? 74  GLY A C   1 
ATOM   560 O  O   . GLY A 1 83  ? -6.101  1.796   11.647  1.00 39.67 ? 74  GLY A O   1 
ATOM   561 N  N   . ARG A 1 84  ? -7.032  3.798   12.132  1.00 40.90 ? 75  ARG A N   1 
ATOM   562 C  CA  . ARG A 1 84  ? -8.381  3.275   12.289  1.00 42.42 ? 75  ARG A CA  1 
ATOM   563 C  C   . ARG A 1 84  ? -9.237  3.469   11.048  1.00 42.65 ? 75  ARG A C   1 
ATOM   564 O  O   . ARG A 1 84  ? -10.369 2.975   11.012  1.00 39.94 ? 75  ARG A O   1 
ATOM   565 C  CB  . ARG A 1 84  ? -9.066  3.933   13.497  1.00 45.18 ? 75  ARG A CB  1 
ATOM   566 C  CG  . ARG A 1 84  ? -9.238  5.440   13.361  1.00 46.42 ? 75  ARG A CG  1 
ATOM   567 C  CD  . ARG A 1 84  ? -10.122 6.016   14.473  1.00 46.58 ? 75  ARG A CD  1 
ATOM   568 N  NE  . ARG A 1 84  ? -11.350 5.242   14.653  1.00 47.91 ? 75  ARG A NE  1 
ATOM   569 C  CZ  . ARG A 1 84  ? -12.422 5.355   13.871  1.00 49.42 ? 75  ARG A CZ  1 
ATOM   570 N  NH1 . ARG A 1 84  ? -12.415 6.209   12.853  1.00 49.11 ? 75  ARG A NH1 1 
ATOM   571 N  NH2 . ARG A 1 84  ? -13.496 4.605   14.099  1.00 50.79 ? 75  ARG A NH2 1 
ATOM   572 N  N   . GLU A 1 85  ? -8.722  4.160   10.030  1.00 37.38 ? 76  GLU A N   1 
ATOM   573 C  CA  . GLU A 1 85  ? -9.515  4.444   8.845   1.00 36.40 ? 76  GLU A CA  1 
ATOM   574 C  C   . GLU A 1 85  ? -9.962  3.157   8.155   1.00 35.45 ? 76  GLU A C   1 
ATOM   575 O  O   . GLU A 1 85  ? -9.311  2.112   8.240   1.00 37.37 ? 76  GLU A O   1 
ATOM   576 C  CB  . GLU A 1 85  ? -8.721  5.315   7.872   1.00 37.85 ? 76  GLU A CB  1 
ATOM   577 C  CG  . GLU A 1 85  ? -8.463  6.727   8.378   1.00 36.75 ? 76  GLU A CG  1 
ATOM   578 C  CD  . GLU A 1 85  ? -7.173  6.862   9.177   1.00 39.75 ? 76  GLU A CD  1 
ATOM   579 O  OE1 . GLU A 1 85  ? -6.578  7.961   9.139   1.00 37.33 ? 76  GLU A OE1 1 
ATOM   580 O  OE2 . GLU A 1 85  ? -6.744  5.880   9.835   1.00 38.52 ? 76  GLU A OE2 1 
ATOM   581 N  N   . SER A 1 86  ? -11.098 3.251   7.462   1.00 37.80 ? 77  SER A N   1 
ATOM   582 C  CA  . SER A 1 86  ? -11.669 2.112   6.761   1.00 41.56 ? 77  SER A CA  1 
ATOM   583 C  C   . SER A 1 86  ? -10.910 1.784   5.483   1.00 40.70 ? 77  SER A C   1 
ATOM   584 O  O   . SER A 1 86  ? -10.819 0.610   5.107   1.00 37.11 ? 77  SER A O   1 
ATOM   585 C  CB  . SER A 1 86  ? -13.144 2.386   6.441   1.00 45.30 ? 77  SER A CB  1 
ATOM   586 O  OG  . SER A 1 86  ? -13.288 3.511   5.576   1.00 49.67 ? 77  SER A OG  1 
ATOM   587 N  N   . SER A 1 87  ? -10.376 2.798   4.798   1.00 37.00 ? 78  SER A N   1 
ATOM   588 C  CA  . SER A 1 87  ? -9.607  2.585   3.578   1.00 33.18 ? 78  SER A CA  1 
ATOM   589 C  C   . SER A 1 87  ? -8.550  3.677   3.465   1.00 39.59 ? 78  SER A C   1 
ATOM   590 O  O   . SER A 1 87  ? -8.626  4.713   4.134   1.00 34.90 ? 78  SER A O   1 
ATOM   591 C  CB  . SER A 1 87  ? -10.507 2.574   2.346   1.00 37.06 ? 78  SER A CB  1 
ATOM   592 O  OG  . SER A 1 87  ? -11.013 3.873   2.084   1.00 42.29 ? 78  SER A OG  1 
ATOM   593 N  N   . ILE A 1 88  ? -7.554  3.437   2.601   1.00 32.40 ? 79  ILE A N   1 
ATOM   594 C  CA  . ILE A 1 88  ? -6.425  4.361   2.515   1.00 31.84 ? 79  ILE A CA  1 
ATOM   595 C  C   . ILE A 1 88  ? -6.863  5.691   1.920   1.00 32.67 ? 79  ILE A C   1 
ATOM   596 O  O   . ILE A 1 88  ? -6.250  6.727   2.190   1.00 33.54 ? 79  ILE A O   1 
ATOM   597 C  CB  . ILE A 1 88  ? -5.256  3.738   1.721   1.00 28.63 ? 79  ILE A CB  1 
ATOM   598 C  CG1 . ILE A 1 88  ? -3.977  4.560   1.912   1.00 30.55 ? 79  ILE A CG1 1 
ATOM   599 C  CG2 . ILE A 1 88  ? -5.591  3.670   0.265   1.00 29.66 ? 79  ILE A CG2 1 
ATOM   600 C  CD1 . ILE A 1 88  ? -2.697  3.828   1.523   1.00 26.03 ? 79  ILE A CD1 1 
ATOM   601 N  N   . GLU A 1 89  ? -7.934  5.697   1.122   1.00 34.38 ? 80  GLU A N   1 
ATOM   602 C  CA  . GLU A 1 89  ? -8.473  6.948   0.602   1.00 37.93 ? 80  GLU A CA  1 
ATOM   603 C  C   . GLU A 1 89  ? -8.965  7.866   1.713   1.00 37.48 ? 80  GLU A C   1 
ATOM   604 O  O   . GLU A 1 89  ? -9.024  9.082   1.516   1.00 35.49 ? 80  GLU A O   1 
ATOM   605 C  CB  . GLU A 1 89  ? -9.612  6.664   -0.381  1.00 42.23 ? 80  GLU A CB  1 
ATOM   606 C  CG  . GLU A 1 89  ? -9.197  5.935   -1.653  1.00 42.86 ? 80  GLU A CG  1 
ATOM   607 C  CD  . GLU A 1 89  ? -8.987  4.433   -1.451  1.00 45.23 ? 80  GLU A CD  1 
ATOM   608 O  OE1 . GLU A 1 89  ? -9.307  3.912   -0.355  1.00 43.20 ? 80  GLU A OE1 1 
ATOM   609 O  OE2 . GLU A 1 89  ? -8.512  3.769   -2.401  1.00 48.95 ? 80  GLU A OE2 1 
ATOM   610 N  N   . GLU A 1 90  ? -9.307  7.317   2.879   1.00 35.10 ? 81  GLU A N   1 
ATOM   611 C  CA  . GLU A 1 90  ? -9.764  8.131   3.994   1.00 35.83 ? 81  GLU A CA  1 
ATOM   612 C  C   . GLU A 1 90  ? -8.627  8.756   4.794   1.00 37.98 ? 81  GLU A C   1 
ATOM   613 O  O   . GLU A 1 90  ? -8.889  9.650   5.608   1.00 34.25 ? 81  GLU A O   1 
ATOM   614 C  CB  . GLU A 1 90  ? -10.640 7.290   4.927   1.00 38.78 ? 81  GLU A CB  1 
ATOM   615 C  CG  . GLU A 1 90  ? -12.022 6.934   4.370   1.00 43.23 ? 81  GLU A CG  1 
ATOM   616 C  CD  . GLU A 1 90  ? -13.020 6.587   5.479   1.00 55.04 ? 81  GLU A CD  1 
ATOM   617 O  OE1 . GLU A 1 90  ? -14.199 6.348   5.149   1.00 67.61 ? 81  GLU A OE1 1 
ATOM   618 O  OE2 . GLU A 1 90  ? -12.598 6.544   6.655   1.00 55.60 ? 81  GLU A OE2 1 
ATOM   619 N  N   . CYS A 1 91  ? -7.390  8.292   4.616   1.00 35.52 ? 82  CYS A N   1 
ATOM   620 C  CA  . CYS A 1 91  ? -6.247  8.877   5.298   1.00 30.29 ? 82  CYS A CA  1 
ATOM   621 C  C   . CYS A 1 91  ? -5.927  10.249  4.711   1.00 26.13 ? 82  CYS A C   1 
ATOM   622 O  O   . CYS A 1 91  ? -6.531  10.692  3.734   1.00 28.91 ? 82  CYS A O   1 
ATOM   623 C  CB  . CYS A 1 91  ? -5.039  7.955   5.197   1.00 29.77 ? 82  CYS A CB  1 
ATOM   624 S  SG  . CYS A 1 91  ? -5.312  6.329   5.922   1.00 29.31 ? 82  CYS A SG  1 
ATOM   625 N  N   . LYS A 1 92  ? -4.951  10.926  5.311   1.00 29.16 ? 83  LYS A N   1 
ATOM   626 C  CA  . LYS A 1 92  ? -4.524  12.251  4.851   1.00 27.82 ? 83  LYS A CA  1 
ATOM   627 C  C   . LYS A 1 92  ? -3.585  12.084  3.659   1.00 26.30 ? 83  LYS A C   1 
ATOM   628 O  O   . LYS A 1 92  ? -2.484  11.546  3.803   1.00 27.17 ? 83  LYS A O   1 
ATOM   629 C  CB  . LYS A 1 92  ? -3.837  13.017  5.979   1.00 26.95 ? 83  LYS A CB  1 
ATOM   630 C  CG  . LYS A 1 92  ? -3.353  14.413  5.587   1.00 29.69 ? 83  LYS A CG  1 
ATOM   631 C  CD  . LYS A 1 92  ? -2.549  15.097  6.687   1.00 29.53 ? 83  LYS A CD  1 
ATOM   632 C  CE  . LYS A 1 92  ? -2.193  16.524  6.269   1.00 34.16 ? 83  LYS A CE  1 
ATOM   633 N  NZ  . LYS A 1 92  ? -1.491  17.319  7.315   1.00 28.83 ? 83  LYS A NZ  1 
ATOM   634 N  N   . ILE A 1 93  ? -4.016  12.553  2.492   1.00 25.87 ? 84  ILE A N   1 
ATOM   635 C  CA  . ILE A 1 93  ? -3.274  12.430  1.240   1.00 28.78 ? 84  ILE A CA  1 
ATOM   636 C  C   . ILE A 1 93  ? -3.197  13.817  0.607   1.00 31.90 ? 84  ILE A C   1 
ATOM   637 O  O   . ILE A 1 93  ? -4.208  14.341  0.127   1.00 30.38 ? 84  ILE A O   1 
ATOM   638 C  CB  . ILE A 1 93  ? -3.938  11.431  0.284   1.00 28.61 ? 84  ILE A CB  1 
ATOM   639 C  CG1 . ILE A 1 93  ? -3.996  10.044  0.945   1.00 29.28 ? 84  ILE A CG1 1 
ATOM   640 C  CG2 . ILE A 1 93  ? -3.213  11.405  -1.071  1.00 28.67 ? 84  ILE A CG2 1 
ATOM   641 C  CD1 . ILE A 1 93  ? -4.763  9.003   0.158   1.00 27.84 ? 84  ILE A CD1 1 
ATOM   642 N  N   . ARG A 1 94  ? -2.009  14.415  0.604   1.00 28.27 ? 85  ARG A N   1 
ATOM   643 C  CA  . ARG A 1 94  ? -1.918  15.766  0.056   1.00 34.83 ? 85  ARG A CA  1 
ATOM   644 C  C   . ARG A 1 94  ? -1.780  15.781  -1.457  1.00 34.09 ? 85  ARG A C   1 
ATOM   645 O  O   . ARG A 1 94  ? -2.209  16.752  -2.089  1.00 36.60 ? 85  ARG A O   1 
ATOM   646 C  CB  . ARG A 1 94  ? -0.772  16.542  0.711   1.00 35.91 ? 85  ARG A CB  1 
ATOM   647 C  CG  . ARG A 1 94  ? -1.162  17.126  2.068   1.00 37.50 ? 85  ARG A CG  1 
ATOM   648 C  CD  . ARG A 1 94  ? 0.005   17.786  2.800   1.00 40.81 ? 85  ARG A CD  1 
ATOM   649 N  NE  . ARG A 1 94  ? 1.019   16.809  3.208   1.00 43.75 ? 85  ARG A NE  1 
ATOM   650 C  CZ  . ARG A 1 94  ? 2.268   16.792  2.742   1.00 45.86 ? 85  ARG A CZ  1 
ATOM   651 N  NH1 . ARG A 1 94  ? 2.664   17.713  1.869   1.00 41.83 ? 85  ARG A NH1 1 
ATOM   652 N  NH2 . ARG A 1 94  ? 3.120   15.860  3.153   1.00 45.23 ? 85  ARG A NH2 1 
ATOM   653 N  N   . GLN A 1 95  ? -1.233  14.727  -2.061  1.00 28.65 ? 86  GLN A N   1 
ATOM   654 C  CA  . GLN A 1 95  ? -1.202  14.643  -3.512  1.00 34.24 ? 86  GLN A CA  1 
ATOM   655 C  C   . GLN A 1 95  ? -1.213  13.184  -3.959  1.00 31.70 ? 86  GLN A C   1 
ATOM   656 O  O   . GLN A 1 95  ? -0.527  12.344  -3.375  1.00 31.35 ? 86  GLN A O   1 
ATOM   657 C  CB  . GLN A 1 95  ? 0.028   15.364  -4.077  1.00 36.61 ? 86  GLN A CB  1 
ATOM   658 C  CG  . GLN A 1 95  ? 0.321   15.006  -5.518  1.00 33.65 ? 86  GLN A CG  1 
ATOM   659 C  CD  . GLN A 1 95  ? 1.495   15.763  -6.090  1.00 36.86 ? 86  GLN A CD  1 
ATOM   660 O  OE1 . GLN A 1 95  ? 1.629   16.977  -5.892  1.00 35.75 ? 86  GLN A OE1 1 
ATOM   661 N  NE2 . GLN A 1 95  ? 2.352   15.054  -6.819  1.00 34.26 ? 86  GLN A NE2 1 
ATOM   662 N  N   . TRP A 1 96  ? -2.015  12.889  -4.980  1.00 25.24 ? 87  TRP A N   1 
ATOM   663 C  CA  . TRP A 1 96  ? -1.966  11.610  -5.665  1.00 26.34 ? 87  TRP A CA  1 
ATOM   664 C  C   . TRP A 1 96  ? -0.970  11.671  -6.820  1.00 29.13 ? 87  TRP A C   1 
ATOM   665 O  O   . TRP A 1 96  ? -0.950  12.639  -7.587  1.00 27.34 ? 87  TRP A O   1 
ATOM   666 C  CB  . TRP A 1 96  ? -3.349  11.224  -6.184  1.00 24.65 ? 87  TRP A CB  1 
ATOM   667 C  CG  . TRP A 1 96  ? -4.291  10.782  -5.115  1.00 28.21 ? 87  TRP A CG  1 
ATOM   668 C  CD1 . TRP A 1 96  ? -5.032  11.579  -4.278  1.00 32.03 ? 87  TRP A CD1 1 
ATOM   669 C  CD2 . TRP A 1 96  ? -4.606  9.431   -4.768  1.00 24.12 ? 87  TRP A CD2 1 
ATOM   670 N  NE1 . TRP A 1 96  ? -5.787  10.794  -3.425  1.00 30.50 ? 87  TRP A NE1 1 
ATOM   671 C  CE2 . TRP A 1 96  ? -5.548  9.475   -3.715  1.00 28.27 ? 87  TRP A CE2 1 
ATOM   672 C  CE3 . TRP A 1 96  ? -4.182  8.185   -5.250  1.00 27.64 ? 87  TRP A CE3 1 
ATOM   673 C  CZ2 . TRP A 1 96  ? -6.060  8.316   -3.127  1.00 29.65 ? 87  TRP A CZ2 1 
ATOM   674 C  CZ3 . TRP A 1 96  ? -4.699  7.032   -4.666  1.00 25.54 ? 87  TRP A CZ3 1 
ATOM   675 C  CH2 . TRP A 1 96  ? -5.625  7.109   -3.618  1.00 25.71 ? 87  TRP A CH2 1 
ATOM   676 N  N   . GLY A 1 97  ? -0.140  10.633  -6.935  1.00 23.56 ? 88  GLY A N   1 
ATOM   677 C  CA  . GLY A 1 97  ? 0.848   10.543  -7.998  1.00 26.43 ? 88  GLY A CA  1 
ATOM   678 C  C   . GLY A 1 97  ? 2.161   11.168  -7.596  1.00 29.37 ? 88  GLY A C   1 
ATOM   679 O  O   . GLY A 1 97  ? 2.193   12.354  -7.278  1.00 31.75 ? 88  GLY A O   1 
ATOM   680 N  N   . THR A 1 98  ? 3.248   10.401  -7.578  1.00 26.74 ? 89  THR A N   1 
ATOM   681 C  CA  . THR A 1 98  ? 4.504   10.890  -7.031  1.00 29.33 ? 89  THR A CA  1 
ATOM   682 C  C   . THR A 1 98  ? 5.619   10.764  -8.059  1.00 32.97 ? 89  THR A C   1 
ATOM   683 O  O   . THR A 1 98  ? 5.649   9.834   -8.874  1.00 32.23 ? 89  THR A O   1 
ATOM   684 C  CB  . THR A 1 98  ? 4.899   10.143  -5.737  1.00 32.47 ? 89  THR A CB  1 
ATOM   685 O  OG1 . THR A 1 98  ? 6.108   10.697  -5.201  1.00 33.76 ? 89  THR A OG1 1 
ATOM   686 C  CG2 . THR A 1 98  ? 5.134   8.677   -6.012  1.00 26.33 ? 89  THR A CG2 1 
ATOM   687 N  N   . ARG A 1 99  ? 6.532   11.728  -8.005  1.00 32.26 ? 90  ARG A N   1 
ATOM   688 C  CA  . ARG A 1 99  ? 7.718   11.739  -8.838  1.00 35.18 ? 90  ARG A CA  1 
ATOM   689 C  C   . ARG A 1 99  ? 8.966   11.317  -8.091  1.00 33.13 ? 90  ARG A C   1 
ATOM   690 O  O   . ARG A 1 99  ? 10.005  11.113  -8.722  1.00 34.05 ? 90  ARG A O   1 
ATOM   691 C  CB  . ARG A 1 99  ? 7.946   13.146  -9.409  1.00 37.09 ? 90  ARG A CB  1 
ATOM   692 C  CG  . ARG A 1 99  ? 6.706   13.853  -9.838  1.00 41.96 ? 90  ARG A CG  1 
ATOM   693 C  CD  . ARG A 1 99  ? 6.988   15.371  -9.864  1.00 51.33 ? 90  ARG A CD  1 
ATOM   694 N  NE  . ARG A 1 99  ? 6.881   15.887  -8.506  1.00 58.03 ? 90  ARG A NE  1 
ATOM   695 C  CZ  . ARG A 1 99  ? 5.734   15.990  -7.834  1.00 56.14 ? 90  ARG A CZ  1 
ATOM   696 N  NH1 . ARG A 1 99  ? 4.593   15.646  -8.411  1.00 54.39 ? 90  ARG A NH1 1 
ATOM   697 N  NH2 . ARG A 1 99  ? 5.703   16.439  -6.582  1.00 56.93 ? 90  ARG A NH2 1 
ATOM   698 N  N   . ALA A 1 100 ? 8.902   11.203  -6.770  1.00 28.61 ? 91  ALA A N   1 
ATOM   699 C  CA  . ALA A 1 100 ? 10.097  10.988  -5.968  1.00 28.92 ? 91  ALA A CA  1 
ATOM   700 C  C   . ALA A 1 100 ? 10.595  9.549   -5.965  1.00 27.90 ? 91  ALA A C   1 
ATOM   701 O  O   . ALA A 1 100 ? 11.623  9.270   -5.328  1.00 31.87 ? 91  ALA A O   1 
ATOM   702 C  CB  . ALA A 1 100 ? 9.824   11.426  -4.532  1.00 34.96 ? 91  ALA A CB  1 
ATOM   703 N  N   . CYS A 1 101 ? 9.934   8.624   -6.653  1.00 27.56 ? 92  CYS A N   1 
ATOM   704 C  CA  . CYS A 1 101 ? 10.124  7.222   -6.320  1.00 27.46 ? 92  CYS A CA  1 
ATOM   705 C  C   . CYS A 1 101 ? 10.325  6.351   -7.551  1.00 27.32 ? 92  CYS A C   1 
ATOM   706 O  O   . CYS A 1 101 ? 9.876   6.666   -8.658  1.00 24.73 ? 92  CYS A O   1 
ATOM   707 C  CB  . CYS A 1 101 ? 8.936   6.705   -5.501  1.00 28.54 ? 92  CYS A CB  1 
ATOM   708 S  SG  . CYS A 1 101 ? 8.889   7.420   -3.857  1.00 31.32 ? 92  CYS A SG  1 
ATOM   709 N  N   . SER A 1 102 ? 10.999  5.230   -7.324  1.00 27.83 ? 93  SER A N   1 
ATOM   710 C  CA  . SER A 1 102 ? 11.140  4.160   -8.300  1.00 29.66 ? 93  SER A CA  1 
ATOM   711 C  C   . SER A 1 102 ? 10.342  2.947   -7.845  1.00 29.37 ? 93  SER A C   1 
ATOM   712 O  O   . SER A 1 102 ? 10.026  2.795   -6.660  1.00 26.05 ? 93  SER A O   1 
ATOM   713 C  CB  . SER A 1 102 ? 12.608  3.767   -8.491  1.00 32.59 ? 93  SER A CB  1 
ATOM   714 O  OG  . SER A 1 102 ? 12.702  2.579   -9.272  1.00 38.68 ? 93  SER A OG  1 
ATOM   715 N  N   . HIS A 1 103 ? 10.021  2.072   -8.804  1.00 26.80 ? 94  HIS A N   1 
ATOM   716 C  CA  . HIS A 1 103 ? 9.241   0.893   -8.458  1.00 28.67 ? 94  HIS A CA  1 
ATOM   717 C  C   . HIS A 1 103 ? 10.038  -0.093  -7.623  1.00 29.03 ? 94  HIS A C   1 
ATOM   718 O  O   . HIS A 1 103 ? 9.443   -1.006  -7.040  1.00 28.93 ? 94  HIS A O   1 
ATOM   719 C  CB  . HIS A 1 103 ? 8.705   0.206   -9.714  1.00 30.88 ? 94  HIS A CB  1 
ATOM   720 C  CG  . HIS A 1 103 ? 7.470   0.842   -10.272 1.00 29.84 ? 94  HIS A CG  1 
ATOM   721 N  ND1 . HIS A 1 103 ? 6.224   0.672   -9.704  1.00 28.03 ? 94  HIS A ND1 1 
ATOM   722 C  CD2 . HIS A 1 103 ? 7.287   1.643   -11.350 1.00 28.65 ? 94  HIS A CD2 1 
ATOM   723 C  CE1 . HIS A 1 103 ? 5.328   1.346   -10.407 1.00 31.72 ? 94  HIS A CE1 1 
ATOM   724 N  NE2 . HIS A 1 103 ? 5.948   1.944   -11.411 1.00 27.76 ? 94  HIS A NE2 1 
ATOM   725 N  N   . SER A 1 104 ? 11.363  0.067   -7.550  1.00 29.62 ? 95  SER A N   1 
ATOM   726 C  CA  . SER A 1 104 ? 12.144  -0.693  -6.581  1.00 29.90 ? 95  SER A CA  1 
ATOM   727 C  C   . SER A 1 104 ? 11.794  -0.321  -5.148  1.00 28.11 ? 95  SER A C   1 
ATOM   728 O  O   . SER A 1 104 ? 12.320  -0.941  -4.219  1.00 27.89 ? 95  SER A O   1 
ATOM   729 C  CB  . SER A 1 104 ? 13.643  -0.466  -6.799  1.00 31.17 ? 95  SER A CB  1 
ATOM   730 O  OG  . SER A 1 104 ? 13.996  0.883   -6.542  1.00 34.25 ? 95  SER A OG  1 
ATOM   731 N  N   . GLU A 1 105 ? 10.941  0.680   -4.949  1.00 26.08 ? 96  GLU A N   1 
ATOM   732 C  CA  . GLU A 1 105 ? 10.514  1.109   -3.626  1.00 26.65 ? 96  GLU A CA  1 
ATOM   733 C  C   . GLU A 1 105 ? 9.064   0.751   -3.345  1.00 24.75 ? 96  GLU A C   1 
ATOM   734 O  O   . GLU A 1 105 ? 8.499   1.230   -2.357  1.00 22.53 ? 96  GLU A O   1 
ATOM   735 C  CB  . GLU A 1 105 ? 10.705  2.621   -3.480  1.00 26.53 ? 96  GLU A CB  1 
ATOM   736 C  CG  . GLU A 1 105 ? 12.119  3.109   -3.742  1.00 30.12 ? 96  GLU A CG  1 
ATOM   737 C  CD  . GLU A 1 105 ? 12.212  4.622   -3.661  1.00 32.25 ? 96  GLU A CD  1 
ATOM   738 O  OE1 . GLU A 1 105 ? 12.284  5.154   -2.535  1.00 29.79 ? 96  GLU A OE1 1 
ATOM   739 O  OE2 . GLU A 1 105 ? 12.173  5.284   -4.723  1.00 31.23 ? 96  GLU A OE2 1 
ATOM   740 N  N   . ASP A 1 106 ? 8.439   -0.053  -4.201  1.00 23.63 ? 97  ASP A N   1 
ATOM   741 C  CA  . ASP A 1 106 ? 7.034   -0.364  -4.019  1.00 23.36 ? 97  ASP A CA  1 
ATOM   742 C  C   . ASP A 1 106 ? 6.816   -1.045  -2.677  1.00 26.40 ? 97  ASP A C   1 
ATOM   743 O  O   . ASP A 1 106 ? 7.562   -1.956  -2.295  1.00 24.50 ? 97  ASP A O   1 
ATOM   744 C  CB  . ASP A 1 106 ? 6.532   -1.240  -5.162  1.00 23.90 ? 97  ASP A CB  1 
ATOM   745 C  CG  . ASP A 1 106 ? 6.421   -0.466  -6.477  1.00 25.99 ? 97  ASP A CG  1 
ATOM   746 O  OD1 . ASP A 1 106 ? 6.352   0.779   -6.414  1.00 24.98 ? 97  ASP A OD1 1 
ATOM   747 O  OD2 . ASP A 1 106 ? 6.374   -1.093  -7.560  1.00 24.12 ? 97  ASP A OD2 1 
ATOM   748 N  N   . ALA A 1 107 ? 5.798   -0.581  -1.961  1.00 23.78 ? 98  ALA A N   1 
ATOM   749 C  CA  . ALA A 1 107 ? 5.556   -1.009  -0.599  1.00 20.36 ? 98  ALA A CA  1 
ATOM   750 C  C   . ALA A 1 107 ? 4.723   -2.276  -0.588  1.00 21.04 ? 98  ALA A C   1 
ATOM   751 O  O   . ALA A 1 107 ? 3.920   -2.526  -1.492  1.00 22.32 ? 98  ALA A O   1 
ATOM   752 C  CB  . ALA A 1 107 ? 4.834   0.081   0.193   1.00 18.56 ? 98  ALA A CB  1 
ATOM   753 N  N   . GLY A 1 108 ? 4.896   -3.062  0.476   1.00 21.17 ? 99  GLY A N   1 
ATOM   754 C  CA  . GLY A 1 108 ? 4.151   -4.296  0.630   1.00 21.53 ? 99  GLY A CA  1 
ATOM   755 C  C   . GLY A 1 108 ? 3.685   -4.474  2.057   1.00 23.16 ? 99  GLY A C   1 
ATOM   756 O  O   . GLY A 1 108 ? 4.114   -3.762  2.970   1.00 20.88 ? 99  GLY A O   1 
ATOM   757 N  N   . VAL A 1 109 ? 2.803   -5.460  2.247   1.00 22.74 ? 100 VAL A N   1 
ATOM   758 C  CA  . VAL A 1 109 ? 2.192   -5.699  3.546   1.00 22.60 ? 100 VAL A CA  1 
ATOM   759 C  C   . VAL A 1 109 ? 1.945   -7.195  3.700   1.00 24.97 ? 100 VAL A C   1 
ATOM   760 O  O   . VAL A 1 109 ? 1.807   -7.926  2.716   1.00 23.04 ? 100 VAL A O   1 
ATOM   761 C  CB  . VAL A 1 109 ? 0.890   -4.879  3.725   1.00 24.14 ? 100 VAL A CB  1 
ATOM   762 C  CG1 . VAL A 1 109 ? -0.254  -5.452  2.904   1.00 22.55 ? 100 VAL A CG1 1 
ATOM   763 C  CG2 . VAL A 1 109 ? 0.526   -4.762  5.205   1.00 23.85 ? 100 VAL A CG2 1 
ATOM   764 N  N   . THR A 1 110 ? 1.938   -7.648  4.949   1.00 24.52 ? 101 THR A N   1 
ATOM   765 C  CA  . THR A 1 110 ? 1.528   -9.001  5.320   1.00 24.60 ? 101 THR A CA  1 
ATOM   766 C  C   . THR A 1 110 ? 0.421   -8.838  6.351   1.00 23.86 ? 101 THR A C   1 
ATOM   767 O  O   . THR A 1 110 ? 0.663   -8.316  7.442   1.00 25.52 ? 101 THR A O   1 
ATOM   768 C  CB  . THR A 1 110 ? 2.695   -9.818  5.891   1.00 26.81 ? 101 THR A CB  1 
ATOM   769 O  OG1 . THR A 1 110 ? 3.738   -9.956  4.914   1.00 25.78 ? 101 THR A OG1 1 
ATOM   770 C  CG2 . THR A 1 110 ? 2.212   -11.209 6.319   1.00 26.71 ? 101 THR A CG2 1 
ATOM   771 N  N   . CYS A 1 111 ? -0.794  -9.245  6.000   1.00 23.25 ? 102 CYS A N   1 
ATOM   772 C  CA  . CYS A 1 111 ? -1.928  -9.086  6.896   1.00 29.09 ? 102 CYS A CA  1 
ATOM   773 C  C   . CYS A 1 111 ? -2.126  -10.327 7.769   1.00 32.34 ? 102 CYS A C   1 
ATOM   774 O  O   . CYS A 1 111 ? -1.736  -11.443 7.408   1.00 28.29 ? 102 CYS A O   1 
ATOM   775 C  CB  . CYS A 1 111 ? -3.201  -8.815  6.104   1.00 26.13 ? 102 CYS A CB  1 
ATOM   776 S  SG  . CYS A 1 111 ? -3.118  -7.371  5.028   1.00 28.45 ? 102 CYS A SG  1 
ATOM   777 N  N   . THR A 1 112 ? -2.732  -10.107 8.937   1.00 33.39 ? 103 THR A N   1 
ATOM   778 C  CA  . THR A 1 112 ? -3.323  -11.193 9.719   1.00 37.05 ? 103 THR A CA  1 
ATOM   779 C  C   . THR A 1 112 ? -4.568  -11.710 9.011   1.00 38.12 ? 103 THR A C   1 
ATOM   780 O  O   . THR A 1 112 ? -5.281  -10.958 8.350   1.00 38.75 ? 103 THR A O   1 
ATOM   781 C  CB  . THR A 1 112 ? -3.711  -10.697 11.116  1.00 39.45 ? 103 THR A CB  1 
ATOM   782 O  OG1 . THR A 1 112 ? -2.661  -9.881  11.644  1.00 37.13 ? 103 THR A OG1 1 
ATOM   783 C  CG2 . THR A 1 112 ? -3.966  -11.877 12.068  1.00 41.92 ? 103 THR A CG2 1 
ATOM   784 N  N   . LEU A 1 113 ? -4.844  -12.999 9.141   1.00 47.10 ? 104 LEU A N   1 
ATOM   785 C  CA  . LEU A 1 113 ? -6.073  -13.478 8.506   1.00 45.06 ? 104 LEU A CA  1 
ATOM   786 C  C   . LEU A 1 113 ? -7.121  -13.943 9.508   1.00 43.31 ? 104 LEU A C   1 
ATOM   787 O  O   . LEU A 1 113 ? -6.959  -13.745 10.713  1.00 54.45 ? 104 LEU A O   1 
ATOM   788 C  CB  . LEU A 1 113 ? -5.743  -14.576 7.501   1.00 47.59 ? 104 LEU A CB  1 
ATOM   789 C  CG  . LEU A 1 113 ? -4.727  -15.643 7.872   1.00 41.77 ? 104 LEU A CG  1 
ATOM   790 C  CD1 . LEU A 1 113 ? -5.299  -16.552 8.924   1.00 50.78 ? 104 LEU A CD1 1 
ATOM   791 C  CD2 . LEU A 1 113 ? -4.286  -16.406 6.632   1.00 41.41 ? 104 LEU A CD2 1 
HETATM 792 CA CA  . CA  B 2 .   ? 12.422  4.761   -0.306  1.00 28.21 2 201 CA  A CA  1 
HETATM 793 O  O   . HOH C 3 .   ? 3.552   2.996   12.375  1.00 57.47 ? 301 HOH A O   1 
HETATM 794 O  O   . HOH C 3 .   ? -0.509  7.275   -15.377 1.00 39.94 ? 302 HOH A O   1 
HETATM 795 O  O   . HOH C 3 .   ? 3.541   -11.449 12.331  1.00 44.02 ? 303 HOH A O   1 
HETATM 796 O  O   . HOH C 3 .   ? -2.769  9.063   -14.874 1.00 35.00 ? 304 HOH A O   1 
HETATM 797 O  O   . HOH C 3 .   ? 5.683   -14.864 1.930   1.00 41.90 ? 305 HOH A O   1 
HETATM 798 O  O   . HOH C 3 .   ? 5.499   -12.513 4.561   1.00 34.32 ? 306 HOH A O   1 
HETATM 799 O  O   . HOH C 3 .   ? 0.256   18.682  -4.848  1.00 44.70 ? 307 HOH A O   1 
HETATM 800 O  O   . HOH C 3 .   ? 2.802   7.523   6.784   1.00 33.12 ? 308 HOH A O   1 
HETATM 801 O  O   . HOH C 3 .   ? -0.984  -0.831  13.310  1.00 51.21 ? 309 HOH A O   1 
HETATM 802 O  O   . HOH C 3 .   ? -0.420  12.811  3.524   1.00 38.98 ? 310 HOH A O   1 
HETATM 803 O  O   . HOH C 3 .   ? 5.090   5.849   1.742   1.00 30.02 ? 311 HOH A O   1 
HETATM 804 O  O   . HOH C 3 .   ? -7.440  10.246  8.464   1.00 39.76 ? 312 HOH A O   1 
HETATM 805 O  O   . HOH C 3 .   ? 1.094   15.458  5.352   1.00 39.84 ? 313 HOH A O   1 
HETATM 806 O  O   . HOH C 3 .   ? -8.856  -5.007  10.408  1.00 49.70 ? 314 HOH A O   1 
HETATM 807 O  O   . HOH C 3 .   ? -9.890  5.086   -10.919 1.00 38.93 ? 315 HOH A O   1 
HETATM 808 O  O   . HOH C 3 .   ? -1.634  3.902   -16.055 1.00 42.54 ? 316 HOH A O   1 
HETATM 809 O  O   . HOH C 3 .   ? -13.426 3.671   16.530  1.00 36.82 ? 317 HOH A O   1 
HETATM 810 O  O   . HOH C 3 .   ? -9.257  -9.277  0.514   1.00 46.64 ? 318 HOH A O   1 
HETATM 811 O  O   . HOH C 3 .   ? 0.042   -1.052  -12.042 1.00 39.46 ? 319 HOH A O   1 
HETATM 812 O  O   . HOH C 3 .   ? 13.363  2.280   -0.578  1.00 35.54 ? 320 HOH A O   1 
HETATM 813 O  O   . HOH C 3 .   ? 6.729   -12.137 -5.218  1.00 40.93 ? 321 HOH A O   1 
HETATM 814 O  O   . HOH C 3 .   ? -0.712  -11.709 -3.059  1.00 29.39 ? 322 HOH A O   1 
HETATM 815 O  O   . HOH C 3 .   ? 7.925   8.477   -8.760  1.00 31.80 ? 323 HOH A O   1 
HETATM 816 O  O   . HOH C 3 .   ? -6.078  -9.481  -0.597  1.00 33.52 ? 324 HOH A O   1 
HETATM 817 O  O   . HOH C 3 .   ? 14.335  -3.501  -4.052  1.00 54.72 ? 325 HOH A O   1 
HETATM 818 O  O   . HOH C 3 .   ? 7.697   -3.910  -0.449  1.00 20.95 ? 326 HOH A O   1 
HETATM 819 O  O   . HOH C 3 .   ? 1.766   -2.992  -11.044 1.00 32.32 ? 327 HOH A O   1 
HETATM 820 O  O   . HOH C 3 .   ? 13.931  -4.131  -7.127  1.00 37.35 ? 328 HOH A O   1 
HETATM 821 O  O   . HOH C 3 .   ? -4.064  -9.730  -6.600  1.00 47.21 ? 329 HOH A O   1 
HETATM 822 O  O   . HOH C 3 .   ? 0.794   6.830   8.639   1.00 31.78 ? 330 HOH A O   1 
HETATM 823 O  O   . HOH C 3 .   ? 12.044  6.369   4.265   1.00 51.21 ? 331 HOH A O   1 
HETATM 824 O  O   . HOH C 3 .   ? -6.895  -14.998 2.783   1.00 35.91 ? 332 HOH A O   1 
HETATM 825 O  O   . HOH C 3 .   ? -5.976  -3.918  10.310  1.00 38.60 ? 333 HOH A O   1 
HETATM 826 O  O   . HOH C 3 .   ? 0.833   10.602  -1.720  1.00 26.14 ? 334 HOH A O   1 
HETATM 827 O  O   . HOH C 3 .   ? 8.967   -1.988  -12.719 1.00 37.87 ? 335 HOH A O   1 
HETATM 828 O  O   . HOH C 3 .   ? 5.502   -9.580  -8.061  1.00 47.88 ? 336 HOH A O   1 
HETATM 829 O  O   . HOH C 3 .   ? -3.981  -16.086 2.383   1.00 28.38 ? 337 HOH A O   1 
HETATM 830 O  O   . HOH C 3 .   ? 3.388   -0.726  -3.598  1.00 22.79 ? 338 HOH A O   1 
HETATM 831 O  O   . HOH C 3 .   ? 7.876   -12.285 3.145   1.00 36.60 ? 339 HOH A O   1 
HETATM 832 O  O   . HOH C 3 .   ? 1.761   -19.186 -3.139  1.00 40.35 ? 340 HOH A O   1 
HETATM 833 O  O   . HOH C 3 .   ? 4.661   7.487   -10.655 1.00 36.45 ? 341 HOH A O   1 
HETATM 834 O  O   . HOH C 3 .   ? 13.608  -5.815  -0.601  1.00 39.50 ? 342 HOH A O   1 
HETATM 835 O  O   . HOH C 3 .   ? -15.073 5.923   11.944  1.00 50.92 ? 343 HOH A O   1 
HETATM 836 O  O   . HOH C 3 .   ? -6.532  13.820  2.208   1.00 48.44 ? 344 HOH A O   1 
HETATM 837 O  O   . HOH C 3 .   ? 12.131  -6.175  1.968   1.00 40.63 ? 345 HOH A O   1 
HETATM 838 O  O   . HOH C 3 .   ? -7.376  0.911   1.264   1.00 33.96 ? 346 HOH A O   1 
HETATM 839 O  O   . HOH C 3 .   ? -8.391  8.216   -16.350 1.00 46.28 ? 347 HOH A O   1 
HETATM 840 O  O   . HOH C 3 .   ? 7.645   3.069   -5.050  1.00 25.04 ? 348 HOH A O   1 
HETATM 841 O  O   . HOH C 3 .   ? -8.776  1.122   -0.884  1.00 45.06 ? 349 HOH A O   1 
HETATM 842 O  O   . HOH C 3 .   ? -0.048  -6.193  -10.739 1.00 33.00 ? 350 HOH A O   1 
HETATM 843 O  O   . HOH C 3 .   ? 6.631   -5.436  -3.419  1.00 28.28 ? 351 HOH A O   1 
HETATM 844 O  O   . HOH C 3 .   ? -9.561  8.736   -9.129  1.00 46.82 ? 352 HOH A O   1 
HETATM 845 O  O   . HOH C 3 .   ? -5.903  -8.508  -3.174  1.00 28.99 ? 353 HOH A O   1 
HETATM 846 O  O   . HOH C 3 .   ? 12.138  0.117   -12.249 1.00 39.23 ? 354 HOH A O   1 
HETATM 847 O  O   . HOH C 3 .   ? 10.745  -7.136  4.521   1.00 54.20 ? 355 HOH A O   1 
HETATM 848 O  O   . HOH C 3 .   ? 11.329  -4.713  4.041   1.00 37.37 ? 356 HOH A O   1 
HETATM 849 O  O   . HOH C 3 .   ? 7.569   -8.050  -10.233 1.00 44.41 ? 357 HOH A O   1 
HETATM 850 O  O   . HOH C 3 .   ? -9.235  -3.212  -13.274 1.00 49.85 ? 358 HOH A O   1 
HETATM 851 O  O   . HOH C 3 .   ? -8.284  -7.140  -3.836  1.00 39.23 ? 359 HOH A O   1 
HETATM 852 O  O   . HOH C 3 .   ? 3.821   -8.645  -10.062 1.00 43.29 ? 360 HOH A O   1 
HETATM 853 O  O   . HOH C 3 .   ? 2.672   16.513  -0.843  1.00 49.85 ? 361 HOH A O   1 
HETATM 854 O  O   . HOH C 3 .   ? 10.580  2.149   -11.718 1.00 34.84 ? 362 HOH A O   1 
HETATM 855 O  O   . HOH C 3 .   ? -2.058  7.308   15.463  1.00 46.52 ? 363 HOH A O   1 
HETATM 856 O  O   . HOH C 3 .   ? -2.613  17.948  -4.792  1.00 45.89 ? 364 HOH A O   1 
HETATM 857 O  O   . HOH C 3 .   ? 5.395   8.421   8.288   1.00 50.30 ? 365 HOH A O   1 
HETATM 858 O  O   . HOH C 3 .   ? 6.749   -4.548  10.087  1.00 33.55 ? 366 HOH A O   1 
HETATM 859 O  O   . HOH C 3 .   ? 15.323  -1.461  -10.793 1.00 37.50 ? 367 HOH A O   1 
HETATM 860 O  O   . HOH C 3 .   ? -2.758  -4.722  13.410  1.00 40.72 ? 368 HOH A O   1 
HETATM 861 O  O   . HOH C 3 .   ? 9.089   -12.152 -1.140  1.00 39.17 ? 369 HOH A O   1 
HETATM 862 O  O   . HOH C 3 .   ? -1.456  1.461   -14.799 1.00 40.07 ? 370 HOH A O   1 
HETATM 863 O  O   . HOH C 3 .   ? 6.397   4.056   -14.345 1.00 44.50 ? 371 HOH A O   1 
HETATM 864 O  O   . HOH C 3 .   ? -4.534  -0.017  -14.982 1.00 41.46 ? 372 HOH A O   1 
HETATM 865 O  O   . HOH C 3 .   ? 11.735  4.425   -11.602 1.00 33.25 ? 373 HOH A O   1 
HETATM 866 O  O   . HOH C 3 .   ? 1.917   5.938   -15.031 1.00 44.11 ? 374 HOH A O   1 
HETATM 867 O  O   . HOH C 3 .   ? 6.026   -14.075 -1.816  1.00 35.44 ? 375 HOH A O   1 
HETATM 868 O  O   . HOH C 3 .   ? 3.551   12.421  -1.915  1.00 32.63 ? 376 HOH A O   1 
HETATM 869 O  O   . HOH C 3 .   ? 2.366   -4.931  -12.589 1.00 47.06 ? 377 HOH A O   1 
HETATM 870 O  O   . HOH C 3 .   ? 8.205   15.779  4.490   1.00 33.69 ? 378 HOH A O   1 
HETATM 871 O  O   . HOH C 3 .   ? -0.386  -12.482 -7.168  1.00 29.62 ? 379 HOH A O   1 
HETATM 872 O  O   . HOH C 3 .   ? -7.584  12.317  -1.296  1.00 44.53 ? 380 HOH A O   1 
HETATM 873 O  O   . HOH C 3 .   ? -10.049 -14.607 10.185  1.00 52.01 ? 381 HOH A O   1 
HETATM 874 O  O   . HOH C 3 .   ? 12.639  4.563   2.194   1.00 33.03 ? 382 HOH A O   1 
HETATM 875 O  O   . HOH C 3 .   ? 14.599  5.585   -0.269  1.00 35.70 ? 383 HOH A O   1 
HETATM 876 O  O   . HOH C 3 .   ? -11.052 0.192   -1.245  1.00 46.11 ? 384 HOH A O   1 
HETATM 877 O  O   . HOH C 3 .   ? -9.788  10.509  -8.592  1.00 49.16 ? 385 HOH A O   1 
HETATM 878 O  O   . HOH C 3 .   ? -1.614  -14.246 -3.728  1.00 32.97 ? 386 HOH A O   1 
HETATM 879 O  O   . HOH C 3 .   ? 8.942   14.939  7.863   1.00 40.67 ? 387 HOH A O   1 
HETATM 880 O  O   . HOH C 3 .   ? 1.562   -4.353  13.869  1.00 44.05 ? 388 HOH A O   1 
HETATM 881 O  O   . HOH C 3 .   ? -11.266 4.295   17.946  1.00 45.43 ? 389 HOH A O   1 
HETATM 882 O  O   . HOH C 3 .   ? -9.596  8.336   12.447  1.00 59.67 ? 390 HOH A O   1 
HETATM 883 O  O   . HOH C 3 .   ? 12.331  6.502   -11.381 1.00 40.50 ? 391 HOH A O   1 
HETATM 884 O  O   . HOH C 3 .   ? -8.467  -16.931 9.415   1.00 41.80 ? 392 HOH A O   1 
HETATM 885 O  O   . HOH C 3 .   ? 3.975   -4.196  12.683  1.00 56.30 ? 393 HOH A O   1 
HETATM 886 O  O   . HOH C 3 .   ? 0.452   -0.222  -15.901 1.00 59.57 ? 394 HOH A O   1 
HETATM 887 O  O   . HOH C 3 .   ? 16.985  -3.057  -9.437  1.00 45.37 ? 395 HOH A O   1 
HETATM 888 O  O   . HOH C 3 .   ? -2.122  -8.221  -10.809 1.00 42.31 ? 396 HOH A O   1 
HETATM 889 O  O   . HOH C 3 .   ? 8.225   5.145   -12.084 1.00 36.26 ? 397 HOH A O   1 
HETATM 890 O  O   . HOH C 3 .   ? 13.896  1.588   2.675   1.00 51.40 ? 398 HOH A O   1 
HETATM 891 O  O   . HOH C 3 .   ? 9.861   -10.718 -7.650  1.00 49.25 ? 399 HOH A O   1 
HETATM 892 O  O   . HOH C 3 .   ? 10.359  -11.421 -5.505  1.00 52.47 ? 400 HOH A O   1 
HETATM 893 O  O   . HOH C 3 .   ? 10.342  15.682  3.343   1.00 45.45 ? 401 HOH A O   1 
HETATM 894 O  O   . HOH C 3 .   ? -7.434  12.887  7.915   1.00 57.59 ? 402 HOH A O   1 
HETATM 895 O  O   . HOH C 3 .   ? -0.594  -3.190  14.406  1.00 43.14 ? 403 HOH A O   1 
HETATM 896 O  O   . HOH C 3 .   ? -6.013  -11.279 -3.715  1.00 46.21 ? 404 HOH A O   1 
HETATM 897 O  O   . HOH C 3 .   ? 15.319  1.237   -2.002  1.00 45.62 ? 405 HOH A O   1 
HETATM 898 O  O   . HOH C 3 .   ? 9.452   14.830  10.340  1.00 41.47 ? 406 HOH A O   1 
HETATM 899 O  O   . HOH C 3 .   ? -10.509 -7.557  -1.856  1.00 45.33 ? 407 HOH A O   1 
HETATM 900 O  O   . HOH C 3 .   ? -3.289  20.127  0.871   1.00 49.91 ? 408 HOH A O   1 
HETATM 901 O  O   . HOH C 3 .   ? -8.800  -7.561  -6.578  1.00 62.11 ? 409 HOH A O   1 
HETATM 902 O  O   . HOH C 3 .   ? 13.658  -2.853  4.894   1.00 41.56 ? 410 HOH A O   1 
HETATM 903 O  O   . HOH C 3 .   ? 8.005   -2.305  10.871  1.00 42.73 ? 411 HOH A O   1 
HETATM 904 O  O   . HOH C 3 .   ? 15.837  1.605   1.494   1.00 53.17 ? 412 HOH A O   1 
HETATM 905 O  O   . HOH C 3 .   ? 16.692  -0.473  0.338   1.00 55.74 ? 413 HOH A O   1 
# 
